data_7XNO
#
_entry.id   7XNO
#
_cell.length_a   1.00
_cell.length_b   1.00
_cell.length_c   1.00
_cell.angle_alpha   90.00
_cell.angle_beta   90.00
_cell.angle_gamma   90.00
#
_symmetry.space_group_name_H-M   'P 1'
#
loop_
_entity.id
_entity.type
_entity.pdbx_description
1 polymer 'Bacteriocin sakacin-A'
2 polymer 'Mannose permease IIC component'
3 polymer 'Mannose permease IID component'
4 polymer 'Sakacin-A immunity factor'
5 non-polymer alpha-D-mannopyranose
#
loop_
_entity_poly.entity_id
_entity_poly.type
_entity_poly.pdbx_seq_one_letter_code
_entity_poly.pdbx_strand_id
1 'polypeptide(L)' ARSYGNGVYCNNKKCWVNRGEATQSIIGGMISGWASGLAGM A,C,G
2 'polypeptide(L)'
;MDLNFIQVILVIFVAFLAGVEGILDQFHFHQPVIACTLIGLVTGNLLPCLILGGTLQMIALGWANVGAAVAPDAALASIA
SAIILVLGGQGKAGVTSAIAIAVPLAVAGLLLTIIVRTLATGIVHIMDAAAKEGNFRKIEMWQYIAIIMQGVRIAIPAGL
ILAIGAGPVKEMLTAMPVWLTDGLAIGGGMVVAVGYAMVINMMATKEVWPFFAIGFVLATISQLTLIGLGAIGISLALIY
LALSKQGSGNNGGGSNTGDPLGDIIDNY
;
Y,D,H
3 'polypeptide(L)'
;MAEQLKLTKKDRISVWLRSTFLQGSWNYERMQNGGWAYTLIPALKKLYKTKEDRSAALVRHMEFFNTHPYVAAPILGVTL
ALEEERANGAPIDDVTIQGVKVGMMGPLAGIGDPVFWFTVKPIIGALAASLAMSGNILGPIIYFVAWNAIRMAFTWYTQE
FGYRAGSKITEDLSGGILQDITKGASILGMFILGSLVNRWVSVKFTPTVSSVKLDKGAFIDWDKLPSGAKGIQSALQQQA
QGLSLTDHKITTLQDNLDSLIPGLAALGLTLFCMWLLKKKVSPIVIILGLFVVGIVFHLLHLM
;
Z,E,I
4 'polypeptide(L)'
;MKHHHHHHHGAAGTSLYKKAGENLYFQGSMKADYKKINSILTYTSTALKNPKIIKDKDLVVLLTIIQEEAKQNRIFYDYK
RKFRPAVTRFTIDNNFEIPDCLVKLLSAVETPKAWSGFS
;
B,F,J
#
# COMPACT_ATOMS: atom_id res chain seq x y z
N ALA A 1 -6.70 -12.75 32.42
CA ALA A 1 -5.47 -11.99 32.55
C ALA A 1 -5.69 -10.52 32.24
N ARG A 2 -5.19 -9.65 33.12
CA ARG A 2 -5.33 -8.21 32.95
C ARG A 2 -4.11 -7.65 32.24
N SER A 3 -4.34 -6.89 31.17
CA SER A 3 -3.27 -6.27 30.42
C SER A 3 -2.92 -4.92 31.05
N TYR A 4 -1.62 -4.65 31.17
CA TYR A 4 -1.14 -3.42 31.79
C TYR A 4 -0.20 -2.63 30.89
N GLY A 5 -0.10 -2.98 29.62
CA GLY A 5 0.77 -2.24 28.72
C GLY A 5 2.17 -2.80 28.63
N ASN A 6 2.79 -2.61 27.47
CA ASN A 6 4.15 -3.09 27.20
C ASN A 6 4.26 -4.61 27.36
N GLY A 7 3.15 -5.32 27.12
CA GLY A 7 3.16 -6.76 27.21
C GLY A 7 3.17 -7.33 28.61
N VAL A 8 2.71 -6.56 29.60
CA VAL A 8 2.70 -7.00 30.99
C VAL A 8 1.29 -7.45 31.34
N TYR A 9 1.17 -8.68 31.84
CA TYR A 9 -0.11 -9.25 32.23
C TYR A 9 0.00 -9.77 33.65
N CYS A 10 -1.14 -9.85 34.35
CA CYS A 10 -1.17 -10.30 35.74
C CYS A 10 -2.43 -11.09 36.00
N ASN A 11 -2.27 -12.27 36.60
CA ASN A 11 -3.39 -13.01 37.18
C ASN A 11 -3.69 -12.46 38.57
N ASN A 12 -4.50 -13.18 39.33
CA ASN A 12 -4.70 -12.87 40.73
C ASN A 12 -3.55 -13.33 41.62
N LYS A 13 -2.59 -14.07 41.06
CA LYS A 13 -1.46 -14.56 41.84
C LYS A 13 -0.10 -14.41 41.16
N LYS A 14 -0.03 -13.99 39.91
CA LYS A 14 1.24 -13.96 39.18
C LYS A 14 1.20 -12.86 38.13
N CYS A 15 2.38 -12.27 37.89
CA CYS A 15 2.57 -11.31 36.82
C CYS A 15 3.70 -11.79 35.90
N TRP A 16 3.55 -11.51 34.61
CA TRP A 16 4.55 -11.90 33.63
C TRP A 16 4.55 -10.90 32.49
N VAL A 17 5.53 -11.03 31.60
CA VAL A 17 5.72 -10.13 30.47
C VAL A 17 5.77 -10.94 29.19
N ASN A 18 4.97 -10.56 28.20
CA ASN A 18 5.08 -11.11 26.86
C ASN A 18 6.23 -10.42 26.13
N ARG A 19 7.26 -11.20 25.78
CA ARG A 19 8.47 -10.59 25.23
C ARG A 19 8.22 -10.00 23.84
N GLY A 20 7.42 -10.67 23.02
CA GLY A 20 7.12 -10.13 21.70
C GLY A 20 6.36 -8.83 21.75
N GLU A 21 5.33 -8.77 22.60
CA GLU A 21 4.57 -7.54 22.76
C GLU A 21 5.42 -6.44 23.37
N ALA A 22 6.31 -6.79 24.30
CA ALA A 22 7.20 -5.78 24.87
C ALA A 22 8.15 -5.22 23.82
N THR A 23 8.70 -6.09 22.97
CA THR A 23 9.59 -5.61 21.90
C THR A 23 8.83 -4.73 20.92
N GLN A 24 7.61 -5.12 20.56
CA GLN A 24 6.81 -4.30 19.66
C GLN A 24 6.48 -2.95 20.29
N SER A 25 6.18 -2.94 21.58
CA SER A 25 5.92 -1.68 22.28
C SER A 25 7.13 -0.78 22.26
N ILE A 26 8.31 -1.35 22.52
CA ILE A 26 9.53 -0.56 22.51
C ILE A 26 9.78 0.02 21.11
N ILE A 27 9.62 -0.80 20.08
CA ILE A 27 9.88 -0.33 18.71
C ILE A 27 8.90 0.77 18.33
N GLY A 28 7.62 0.58 18.62
CA GLY A 28 6.63 1.58 18.28
C GLY A 28 6.82 2.88 19.03
N GLY A 29 7.13 2.78 20.33
CA GLY A 29 7.43 3.98 21.10
C GLY A 29 8.66 4.70 20.56
N MET A 30 9.67 3.95 20.15
CA MET A 30 10.86 4.56 19.57
C MET A 30 10.53 5.33 18.31
N ILE A 31 9.79 4.70 17.40
CA ILE A 31 9.46 5.35 16.13
C ILE A 31 8.60 6.59 16.36
N SER A 32 7.57 6.46 17.21
CA SER A 32 6.69 7.58 17.47
C SER A 32 7.41 8.72 18.17
N GLY A 33 8.30 8.39 19.11
CA GLY A 33 9.06 9.44 19.79
C GLY A 33 10.00 10.15 18.86
N TRP A 34 10.70 9.42 18.00
CA TRP A 34 11.58 10.06 17.02
C TRP A 34 10.79 10.98 16.10
N ALA A 35 9.65 10.49 15.59
CA ALA A 35 8.85 11.30 14.68
C ALA A 35 8.31 12.55 15.36
N SER A 36 7.82 12.42 16.60
CA SER A 36 7.25 13.57 17.29
C SER A 36 8.32 14.56 17.69
N GLY A 37 9.50 14.08 18.09
CA GLY A 37 10.58 14.98 18.43
C GLY A 37 11.09 15.75 17.23
N LEU A 38 11.25 15.08 16.09
CA LEU A 38 11.76 15.76 14.91
C LEU A 38 10.70 16.67 14.28
N ALA A 39 9.42 16.31 14.40
CA ALA A 39 8.36 17.12 13.83
C ALA A 39 8.08 18.39 14.64
N GLY A 40 8.49 18.42 15.91
CA GLY A 40 8.20 19.53 16.78
C GLY A 40 9.30 20.57 16.93
N MET A 41 10.35 20.50 16.13
CA MET A 41 11.43 21.48 16.24
C MET A 41 10.98 22.84 15.72
N MET B 1 5.37 -4.62 59.74
CA MET B 1 5.28 -4.88 61.17
C MET B 1 6.62 -4.68 61.87
N ASP B 2 7.68 -5.24 61.29
CA ASP B 2 9.00 -5.22 61.93
C ASP B 2 9.78 -3.94 61.68
N LEU B 3 9.22 -2.99 60.92
CA LEU B 3 9.93 -1.76 60.62
C LEU B 3 10.22 -0.98 61.90
N ASN B 4 11.49 -0.93 62.29
CA ASN B 4 11.90 -0.16 63.47
C ASN B 4 12.14 1.29 63.08
N PHE B 5 12.71 2.06 64.00
CA PHE B 5 12.97 3.48 63.73
C PHE B 5 13.96 3.66 62.59
N ILE B 6 15.01 2.84 62.58
CA ILE B 6 16.04 2.95 61.54
C ILE B 6 15.45 2.65 60.17
N GLN B 7 14.65 1.58 60.07
CA GLN B 7 14.07 1.23 58.78
C GLN B 7 13.06 2.27 58.31
N VAL B 8 12.30 2.85 59.25
CA VAL B 8 11.38 3.93 58.88
C VAL B 8 12.15 5.13 58.35
N ILE B 9 13.24 5.51 59.02
CA ILE B 9 14.05 6.64 58.56
C ILE B 9 14.63 6.34 57.19
N LEU B 10 15.12 5.12 56.97
CA LEU B 10 15.68 4.76 55.66
C LEU B 10 14.62 4.80 54.58
N VAL B 11 13.41 4.34 54.88
CA VAL B 11 12.33 4.38 53.90
C VAL B 11 11.99 5.83 53.55
N ILE B 12 11.92 6.70 54.56
CA ILE B 12 11.65 8.11 54.30
C ILE B 12 12.75 8.72 53.44
N PHE B 13 14.01 8.36 53.72
CA PHE B 13 15.12 8.88 52.93
C PHE B 13 15.06 8.41 51.48
N VAL B 14 14.73 7.14 51.27
CA VAL B 14 14.62 6.61 49.90
C VAL B 14 13.48 7.30 49.16
N ALA B 15 12.36 7.53 49.85
CA ALA B 15 11.24 8.24 49.23
C ALA B 15 11.64 9.67 48.86
N PHE B 16 12.37 10.35 49.74
CA PHE B 16 12.84 11.69 49.44
C PHE B 16 13.77 11.70 48.24
N LEU B 17 14.67 10.71 48.16
CA LEU B 17 15.58 10.61 47.04
C LEU B 17 14.82 10.39 45.73
N ALA B 18 13.82 9.52 45.76
CA ALA B 18 13.00 9.28 44.58
C ALA B 18 12.25 10.55 44.17
N GLY B 19 11.71 11.28 45.14
CA GLY B 19 11.04 12.53 44.82
C GLY B 19 11.95 13.57 44.22
N VAL B 20 13.17 13.67 44.75
CA VAL B 20 14.15 14.62 44.22
C VAL B 20 14.51 14.26 42.79
N GLU B 21 14.77 12.98 42.54
CA GLU B 21 15.09 12.57 41.17
C GLU B 21 13.89 12.55 40.26
N GLY B 22 12.67 12.67 40.80
CA GLY B 22 11.51 12.85 39.95
C GLY B 22 11.57 14.12 39.15
N ILE B 23 12.15 15.18 39.71
CA ILE B 23 12.32 16.44 39.01
C ILE B 23 13.72 16.58 38.41
N LEU B 24 14.76 16.17 39.14
CA LEU B 24 16.10 16.25 38.59
C LEU B 24 16.24 15.32 37.39
N ASP B 25 15.88 14.05 37.58
CA ASP B 25 15.77 13.07 36.50
C ASP B 25 17.12 12.90 35.80
N GLN B 26 18.18 12.80 36.62
CA GLN B 26 19.53 12.56 36.13
C GLN B 26 20.05 11.21 36.59
N PHE B 27 20.07 10.95 37.90
CA PHE B 27 20.55 9.67 38.40
C PHE B 27 19.50 8.57 38.31
N HIS B 28 18.23 8.94 38.11
CA HIS B 28 17.13 7.99 37.93
C HIS B 28 16.92 7.12 39.18
N PHE B 29 16.98 7.75 40.36
CA PHE B 29 16.56 7.08 41.58
C PHE B 29 15.04 6.92 41.67
N HIS B 30 14.28 7.56 40.78
CA HIS B 30 12.84 7.47 40.76
C HIS B 30 12.32 6.35 39.87
N GLN B 31 13.20 5.68 39.13
CA GLN B 31 12.77 4.59 38.28
C GLN B 31 12.29 3.41 39.14
N PRO B 32 11.29 2.65 38.66
CA PRO B 32 10.73 1.59 39.50
C PRO B 32 11.73 0.55 39.97
N VAL B 33 12.68 0.15 39.14
CA VAL B 33 13.65 -0.85 39.59
C VAL B 33 14.49 -0.30 40.74
N ILE B 34 15.06 0.89 40.56
CA ILE B 34 15.94 1.45 41.59
C ILE B 34 15.17 1.70 42.89
N ALA B 35 14.02 2.38 42.78
CA ALA B 35 13.28 2.77 43.96
C ALA B 35 12.72 1.55 44.71
N CYS B 36 12.12 0.62 43.97
CA CYS B 36 11.56 -0.57 44.61
C CYS B 36 12.66 -1.44 45.22
N THR B 37 13.78 -1.60 44.53
CA THR B 37 14.88 -2.39 45.08
C THR B 37 15.46 -1.72 46.33
N LEU B 38 15.55 -0.39 46.34
CA LEU B 38 16.05 0.30 47.53
C LEU B 38 15.09 0.15 48.69
N ILE B 39 13.78 0.23 48.44
CA ILE B 39 12.79 0.02 49.49
C ILE B 39 12.91 -1.39 50.05
N GLY B 40 13.04 -2.38 49.16
CA GLY B 40 13.22 -3.74 49.62
C GLY B 40 14.48 -3.93 50.44
N LEU B 41 15.59 -3.35 49.99
CA LEU B 41 16.85 -3.49 50.71
C LEU B 41 16.78 -2.86 52.09
N VAL B 42 16.20 -1.67 52.19
CA VAL B 42 16.13 -1.03 53.51
C VAL B 42 15.14 -1.73 54.41
N THR B 43 14.05 -2.28 53.85
CA THR B 43 13.07 -2.99 54.64
C THR B 43 13.39 -4.47 54.84
N GLY B 44 14.35 -5.01 54.10
CA GLY B 44 14.69 -6.41 54.17
C GLY B 44 13.93 -7.31 53.23
N ASN B 45 12.93 -6.78 52.52
CA ASN B 45 12.14 -7.56 51.57
C ASN B 45 12.68 -7.38 50.16
N LEU B 46 13.91 -7.88 49.96
CA LEU B 46 14.65 -7.56 48.74
C LEU B 46 14.03 -8.21 47.51
N LEU B 47 13.73 -9.51 47.58
CA LEU B 47 13.33 -10.23 46.37
C LEU B 47 11.94 -9.83 45.87
N PRO B 48 10.88 -9.83 46.69
CA PRO B 48 9.58 -9.38 46.16
C PRO B 48 9.60 -7.94 45.67
N CYS B 49 10.32 -7.06 46.36
CA CYS B 49 10.40 -5.67 45.91
C CYS B 49 11.16 -5.54 44.62
N LEU B 50 12.20 -6.36 44.43
CA LEU B 50 12.93 -6.37 43.16
C LEU B 50 12.02 -6.85 42.03
N ILE B 51 11.21 -7.88 42.28
CA ILE B 51 10.30 -8.37 41.25
C ILE B 51 9.26 -7.31 40.91
N LEU B 52 8.70 -6.66 41.94
CA LEU B 52 7.74 -5.59 41.71
C LEU B 52 8.37 -4.43 40.93
N GLY B 53 9.62 -4.09 41.26
CA GLY B 53 10.30 -3.03 40.54
C GLY B 53 10.52 -3.37 39.07
N GLY B 54 10.92 -4.62 38.80
CA GLY B 54 11.05 -5.02 37.41
C GLY B 54 9.74 -4.96 36.65
N THR B 55 8.66 -5.44 37.27
CA THR B 55 7.36 -5.43 36.60
C THR B 55 6.89 -3.99 36.35
N LEU B 56 7.05 -3.12 37.34
CA LEU B 56 6.59 -1.74 37.19
C LEU B 56 7.46 -0.97 36.20
N GLN B 57 8.77 -1.25 36.17
CA GLN B 57 9.64 -0.64 35.17
C GLN B 57 9.23 -1.07 33.77
N MET B 58 8.85 -2.35 33.60
CA MET B 58 8.31 -2.79 32.33
C MET B 58 7.03 -2.03 31.99
N ILE B 59 6.18 -1.79 33.00
CA ILE B 59 4.96 -1.02 32.78
C ILE B 59 5.29 0.44 32.46
N ALA B 60 6.29 1.01 33.14
CA ALA B 60 6.57 2.44 33.09
C ALA B 60 7.72 2.79 32.15
N LEU B 61 7.93 2.00 31.10
CA LEU B 61 9.03 2.28 30.17
C LEU B 61 8.81 3.59 29.43
N GLY B 62 7.58 3.87 29.00
CA GLY B 62 7.31 5.00 28.15
C GLY B 62 6.87 6.26 28.85
N TRP B 63 7.09 6.34 30.17
CA TRP B 63 6.69 7.51 30.94
C TRP B 63 7.80 8.55 30.84
N ALA B 64 7.66 9.45 29.87
CA ALA B 64 8.65 10.48 29.59
C ALA B 64 8.00 11.86 29.67
N ASN B 65 8.70 12.80 30.30
CA ASN B 65 8.27 14.20 30.30
C ASN B 65 8.82 14.89 29.05
N VAL B 66 7.92 15.44 28.24
CA VAL B 66 8.28 16.14 27.01
C VAL B 66 7.71 17.55 27.10
N GLY B 67 8.58 18.54 27.10
CA GLY B 67 8.14 19.92 27.26
C GLY B 67 7.43 20.11 28.58
N ALA B 68 6.29 20.81 28.55
CA ALA B 68 5.49 21.02 29.75
C ALA B 68 4.58 19.85 30.08
N ALA B 69 4.44 18.88 29.18
CA ALA B 69 3.57 17.74 29.38
C ALA B 69 4.29 16.69 30.21
N VAL B 70 3.76 16.41 31.40
CA VAL B 70 4.42 15.58 32.39
C VAL B 70 3.89 14.16 32.33
N ALA B 71 4.79 13.19 32.38
CA ALA B 71 4.43 11.77 32.38
C ALA B 71 3.86 11.36 33.73
N PRO B 72 3.17 10.21 33.80
CA PRO B 72 2.50 9.82 35.05
C PRO B 72 3.41 9.37 36.19
N ASP B 73 4.41 10.19 36.55
CA ASP B 73 5.05 10.13 37.87
C ASP B 73 5.41 8.73 38.38
N ALA B 74 6.37 8.06 37.75
CA ALA B 74 6.78 6.74 38.20
C ALA B 74 7.28 6.74 39.64
N ALA B 75 7.71 7.89 40.17
CA ALA B 75 8.29 7.92 41.50
C ALA B 75 7.28 7.54 42.58
N LEU B 76 6.12 8.21 42.60
CA LEU B 76 5.12 7.92 43.62
C LEU B 76 4.56 6.52 43.46
N ALA B 77 4.28 6.10 42.22
CA ALA B 77 3.83 4.75 41.99
C ALA B 77 4.80 3.74 42.58
N SER B 78 6.09 3.89 42.25
CA SER B 78 7.09 2.94 42.73
C SER B 78 7.16 2.92 44.25
N ILE B 79 7.31 4.09 44.87
CA ILE B 79 7.53 4.14 46.31
C ILE B 79 6.30 3.64 47.06
N ALA B 80 5.11 4.14 46.69
CA ALA B 80 3.91 3.75 47.40
C ALA B 80 3.60 2.27 47.20
N SER B 81 3.76 1.75 45.97
CA SER B 81 3.49 0.34 45.75
C SER B 81 4.46 -0.53 46.52
N ALA B 82 5.74 -0.17 46.55
CA ALA B 82 6.71 -0.96 47.32
C ALA B 82 6.40 -0.92 48.81
N ILE B 83 6.04 0.25 49.34
CA ILE B 83 5.73 0.35 50.76
C ILE B 83 4.48 -0.45 51.10
N ILE B 84 3.46 -0.39 50.25
CA ILE B 84 2.23 -1.13 50.51
C ILE B 84 2.47 -2.63 50.40
N LEU B 85 3.29 -3.06 49.44
CA LEU B 85 3.62 -4.48 49.33
C LEU B 85 4.38 -4.96 50.56
N VAL B 86 5.31 -4.15 51.07
CA VAL B 86 6.04 -4.52 52.27
C VAL B 86 5.10 -4.60 53.47
N LEU B 87 4.22 -3.61 53.62
CA LEU B 87 3.34 -3.56 54.78
C LEU B 87 2.28 -4.64 54.75
N GLY B 88 1.87 -5.07 53.56
CA GLY B 88 0.82 -6.06 53.42
C GLY B 88 1.23 -7.50 53.57
N GLY B 89 2.50 -7.78 53.87
CA GLY B 89 2.96 -9.14 53.91
C GLY B 89 2.90 -9.77 52.53
N GLN B 90 2.68 -11.09 52.51
CA GLN B 90 2.53 -11.90 51.29
C GLN B 90 3.48 -11.42 50.19
N GLY B 91 4.76 -11.43 50.53
CA GLY B 91 5.78 -10.76 49.74
C GLY B 91 5.78 -11.05 48.25
N LYS B 92 6.11 -12.27 47.86
CA LYS B 92 6.23 -12.56 46.43
C LYS B 92 4.87 -12.71 45.75
N ALA B 93 3.84 -13.12 46.49
CA ALA B 93 2.51 -13.27 45.93
C ALA B 93 1.69 -11.98 45.95
N GLY B 94 2.16 -10.95 46.66
CA GLY B 94 1.47 -9.68 46.74
C GLY B 94 1.84 -8.70 45.65
N VAL B 95 2.62 -9.13 44.66
CA VAL B 95 3.05 -8.23 43.58
C VAL B 95 1.86 -7.82 42.74
N THR B 96 0.89 -8.71 42.55
CA THR B 96 -0.24 -8.42 41.68
C THR B 96 -1.07 -7.24 42.18
N SER B 97 -1.35 -7.20 43.49
CA SER B 97 -2.15 -6.10 44.03
C SER B 97 -1.39 -4.79 44.00
N ALA B 98 -0.07 -4.83 44.26
CA ALA B 98 0.74 -3.63 44.15
C ALA B 98 0.75 -3.11 42.72
N ILE B 99 0.87 -4.00 41.74
CA ILE B 99 0.83 -3.58 40.35
C ILE B 99 -0.53 -3.00 40.00
N ALA B 100 -1.60 -3.58 40.54
CA ALA B 100 -2.94 -3.07 40.30
C ALA B 100 -3.11 -1.66 40.84
N ILE B 101 -2.57 -1.39 42.04
CA ILE B 101 -2.71 -0.06 42.64
C ILE B 101 -1.69 0.94 42.14
N ALA B 102 -0.63 0.49 41.46
CA ALA B 102 0.46 1.40 41.09
C ALA B 102 -0.01 2.50 40.14
N VAL B 103 -0.80 2.16 39.13
CA VAL B 103 -1.15 3.11 38.07
C VAL B 103 -2.03 4.25 38.60
N PRO B 104 -3.08 4.00 39.39
CA PRO B 104 -3.78 5.13 40.01
C PRO B 104 -2.88 5.97 40.89
N LEU B 105 -1.93 5.34 41.58
CA LEU B 105 -0.93 6.08 42.34
C LEU B 105 -0.05 6.92 41.41
N ALA B 106 0.24 6.39 40.22
CA ALA B 106 0.99 7.16 39.24
C ALA B 106 0.23 8.41 38.80
N VAL B 107 -1.08 8.28 38.60
CA VAL B 107 -1.88 9.44 38.20
C VAL B 107 -1.97 10.45 39.33
N ALA B 108 -2.13 9.97 40.57
CA ALA B 108 -2.14 10.87 41.72
C ALA B 108 -0.82 11.62 41.86
N GLY B 109 0.29 10.92 41.64
CA GLY B 109 1.58 11.57 41.67
C GLY B 109 1.77 12.58 40.54
N LEU B 110 1.20 12.28 39.37
CA LEU B 110 1.20 13.25 38.29
C LEU B 110 0.46 14.53 38.69
N LEU B 111 -0.70 14.37 39.33
CA LEU B 111 -1.42 15.54 39.83
C LEU B 111 -0.59 16.32 40.85
N LEU B 112 0.05 15.60 41.77
CA LEU B 112 0.85 16.26 42.80
C LEU B 112 2.03 17.01 42.19
N THR B 113 2.70 16.41 41.19
CA THR B 113 3.84 17.09 40.59
C THR B 113 3.39 18.27 39.73
N ILE B 114 2.19 18.19 39.14
CA ILE B 114 1.65 19.38 38.47
C ILE B 114 1.46 20.50 39.47
N ILE B 115 0.92 20.18 40.65
CA ILE B 115 0.73 21.21 41.67
C ILE B 115 2.06 21.82 42.09
N VAL B 116 3.07 20.97 42.32
CA VAL B 116 4.34 21.47 42.82
C VAL B 116 5.06 22.29 41.74
N ARG B 117 4.95 21.86 40.48
CA ARG B 117 5.53 22.65 39.39
C ARG B 117 4.81 23.99 39.24
N THR B 118 3.52 24.04 39.55
CA THR B 118 2.82 25.33 39.57
C THR B 118 3.36 26.22 40.69
N LEU B 119 3.53 25.67 41.90
CA LEU B 119 4.06 26.46 43.00
C LEU B 119 5.52 26.85 42.82
N ALA B 120 6.26 26.18 41.93
CA ALA B 120 7.65 26.58 41.68
C ALA B 120 7.76 27.98 41.07
N THR B 121 6.66 28.52 40.54
CA THR B 121 6.71 29.83 39.91
C THR B 121 7.01 30.93 40.92
N GLY B 122 6.46 30.83 42.14
CA GLY B 122 6.79 31.80 43.17
C GLY B 122 8.25 31.76 43.57
N ILE B 123 8.82 30.55 43.65
CA ILE B 123 10.24 30.42 43.93
C ILE B 123 11.06 31.07 42.83
N VAL B 124 10.67 30.87 41.57
CA VAL B 124 11.40 31.48 40.47
C VAL B 124 11.27 33.00 40.50
N HIS B 125 10.11 33.51 40.91
CA HIS B 125 9.96 34.96 41.04
C HIS B 125 10.87 35.52 42.15
N ILE B 126 10.96 34.80 43.27
CA ILE B 126 11.89 35.21 44.32
C ILE B 126 13.32 35.19 43.81
N MET B 127 13.64 34.19 42.98
CA MET B 127 14.99 34.11 42.41
C MET B 127 15.23 35.25 41.42
N ASP B 128 14.20 35.69 40.71
CA ASP B 128 14.32 36.88 39.87
C ASP B 128 14.62 38.11 40.72
N ALA B 129 13.92 38.26 41.84
CA ALA B 129 14.18 39.38 42.74
C ALA B 129 15.61 39.32 43.26
N ALA B 130 16.11 38.12 43.55
CA ALA B 130 17.50 37.97 43.97
C ALA B 130 18.47 38.35 42.85
N ALA B 131 18.17 37.91 41.62
CA ALA B 131 19.04 38.20 40.48
C ALA B 131 19.09 39.69 40.17
N LYS B 132 18.02 40.41 40.47
CA LYS B 132 18.06 41.87 40.29
C LYS B 132 19.08 42.52 41.22
N GLU B 133 19.52 41.82 42.26
CA GLU B 133 20.53 42.34 43.18
C GLU B 133 21.90 41.70 42.98
N GLY B 134 22.03 40.74 42.06
CA GLY B 134 23.30 40.07 41.88
C GLY B 134 23.67 39.09 42.97
N ASN B 135 22.68 38.61 43.72
CA ASN B 135 22.93 37.72 44.86
C ASN B 135 22.94 36.27 44.37
N PHE B 136 24.13 35.67 44.34
CA PHE B 136 24.25 34.26 43.96
C PHE B 136 23.78 33.36 45.09
N ARG B 137 24.05 33.74 46.34
CA ARG B 137 23.73 32.90 47.48
C ARG B 137 22.22 32.67 47.60
N LYS B 138 21.43 33.72 47.40
CA LYS B 138 19.98 33.59 47.50
C LYS B 138 19.42 32.71 46.38
N ILE B 139 19.97 32.85 45.16
CA ILE B 139 19.52 32.01 44.06
C ILE B 139 19.83 30.55 44.32
N GLU B 140 21.05 30.27 44.81
CA GLU B 140 21.40 28.89 45.16
C GLU B 140 20.51 28.35 46.26
N MET B 141 20.25 29.16 47.29
CA MET B 141 19.42 28.73 48.40
C MET B 141 18.02 28.38 47.93
N TRP B 142 17.44 29.21 47.06
CA TRP B 142 16.07 28.95 46.61
C TRP B 142 16.02 27.80 45.62
N GLN B 143 17.08 27.57 44.83
CA GLN B 143 17.13 26.36 44.02
C GLN B 143 17.15 25.11 44.91
N TYR B 144 17.95 25.15 45.98
CA TYR B 144 17.98 24.04 46.92
C TYR B 144 16.62 23.84 47.58
N ILE B 145 15.95 24.94 47.94
CA ILE B 145 14.64 24.85 48.55
C ILE B 145 13.63 24.23 47.59
N ALA B 146 13.69 24.60 46.31
CA ALA B 146 12.79 24.01 45.32
C ALA B 146 13.03 22.51 45.20
N ILE B 147 14.30 22.09 45.15
CA ILE B 147 14.60 20.66 45.07
C ILE B 147 14.09 19.94 46.32
N ILE B 148 14.29 20.55 47.49
CA ILE B 148 13.84 19.93 48.74
C ILE B 148 12.33 19.79 48.76
N MET B 149 11.61 20.82 48.32
CA MET B 149 10.16 20.77 48.28
C MET B 149 9.67 19.68 47.32
N GLN B 150 10.32 19.55 46.17
CA GLN B 150 9.92 18.51 45.22
C GLN B 150 10.17 17.12 45.79
N GLY B 151 11.26 16.94 46.54
CA GLY B 151 11.49 15.66 47.20
C GLY B 151 10.49 15.39 48.31
N VAL B 152 10.16 16.42 49.08
CA VAL B 152 9.17 16.30 50.14
C VAL B 152 7.80 15.94 49.57
N ARG B 153 7.52 16.33 48.33
CA ARG B 153 6.26 15.97 47.68
C ARG B 153 6.04 14.46 47.71
N ILE B 154 7.10 13.68 47.59
CA ILE B 154 7.00 12.22 47.60
C ILE B 154 7.28 11.70 48.99
N ALA B 155 8.12 12.42 49.75
CA ALA B 155 8.46 11.97 51.10
C ALA B 155 7.26 12.02 52.04
N ILE B 156 6.29 12.90 51.80
CA ILE B 156 5.15 13.02 52.70
C ILE B 156 4.17 11.85 52.54
N PRO B 157 3.74 11.47 51.32
CA PRO B 157 2.85 10.31 51.22
C PRO B 157 3.45 9.03 51.77
N ALA B 158 4.76 8.84 51.64
CA ALA B 158 5.39 7.67 52.24
C ALA B 158 5.27 7.70 53.75
N GLY B 159 5.50 8.86 54.36
CA GLY B 159 5.35 8.99 55.80
C GLY B 159 3.91 8.78 56.24
N LEU B 160 2.94 9.22 55.43
CA LEU B 160 1.54 9.01 55.76
C LEU B 160 1.18 7.53 55.67
N ILE B 161 1.67 6.83 54.64
CA ILE B 161 1.39 5.41 54.51
C ILE B 161 2.04 4.65 55.66
N LEU B 162 3.22 5.08 56.10
CA LEU B 162 3.83 4.47 57.28
C LEU B 162 3.02 4.76 58.54
N ALA B 163 2.47 5.97 58.65
CA ALA B 163 1.65 6.31 59.81
C ALA B 163 0.38 5.46 59.86
N ILE B 164 -0.28 5.28 58.72
CA ILE B 164 -1.43 4.40 58.61
C ILE B 164 -0.91 2.96 58.51
N GLY B 165 -0.82 2.28 59.64
CA GLY B 165 -0.03 1.06 59.77
C GLY B 165 -0.43 -0.12 58.92
N ALA B 166 0.21 -1.27 59.16
CA ALA B 166 0.03 -2.43 58.31
C ALA B 166 -1.38 -3.00 58.39
N GLY B 167 -2.07 -2.78 59.50
CA GLY B 167 -3.41 -3.29 59.67
C GLY B 167 -4.38 -2.82 58.60
N PRO B 168 -4.62 -1.52 58.54
CA PRO B 168 -5.49 -0.99 57.47
C PRO B 168 -4.99 -1.29 56.07
N VAL B 169 -3.67 -1.33 55.87
CA VAL B 169 -3.14 -1.65 54.55
C VAL B 169 -3.54 -3.06 54.13
N LYS B 170 -3.40 -4.02 55.04
CA LYS B 170 -3.82 -5.39 54.74
C LYS B 170 -5.33 -5.47 54.58
N GLU B 171 -6.09 -4.75 55.40
CA GLU B 171 -7.55 -4.83 55.32
C GLU B 171 -8.07 -4.23 54.03
N MET B 172 -7.36 -3.26 53.45
CA MET B 172 -7.78 -2.74 52.15
C MET B 172 -7.21 -3.56 51.01
N LEU B 173 -6.09 -4.25 51.23
CA LEU B 173 -5.55 -5.14 50.21
C LEU B 173 -6.46 -6.35 50.02
N THR B 174 -6.98 -6.91 51.10
CA THR B 174 -7.87 -8.07 50.99
C THR B 174 -9.27 -7.69 50.53
N ALA B 175 -9.76 -6.51 50.91
CA ALA B 175 -11.12 -6.09 50.59
C ALA B 175 -11.22 -5.36 49.26
N MET B 176 -10.30 -5.61 48.34
CA MET B 176 -10.32 -4.94 47.04
C MET B 176 -11.19 -5.73 46.07
N PRO B 177 -12.29 -5.16 45.58
CA PRO B 177 -13.15 -5.90 44.65
C PRO B 177 -12.45 -6.20 43.34
N VAL B 178 -12.81 -7.34 42.75
CA VAL B 178 -12.21 -7.76 41.49
C VAL B 178 -12.66 -6.86 40.35
N TRP B 179 -13.94 -6.46 40.35
CA TRP B 179 -14.44 -5.61 39.29
C TRP B 179 -13.72 -4.27 39.26
N LEU B 180 -13.32 -3.75 40.42
CA LEU B 180 -12.53 -2.53 40.46
C LEU B 180 -11.19 -2.72 39.76
N THR B 181 -10.54 -3.86 40.01
CA THR B 181 -9.25 -4.12 39.38
C THR B 181 -9.38 -4.25 37.87
N ASP B 182 -10.42 -4.97 37.41
CA ASP B 182 -10.60 -5.13 35.97
C ASP B 182 -10.97 -3.80 35.30
N GLY B 183 -11.80 -2.99 35.95
CA GLY B 183 -12.11 -1.68 35.40
C GLY B 183 -10.91 -0.77 35.34
N LEU B 184 -10.06 -0.82 36.37
CA LEU B 184 -8.83 -0.03 36.34
C LEU B 184 -7.91 -0.49 35.23
N ALA B 185 -7.83 -1.79 34.99
CA ALA B 185 -7.02 -2.30 33.88
C ALA B 185 -7.55 -1.81 32.54
N ILE B 186 -8.88 -1.84 32.36
CA ILE B 186 -9.48 -1.37 31.11
C ILE B 186 -9.20 0.12 30.91
N GLY B 187 -9.39 0.91 31.97
CA GLY B 187 -9.10 2.33 31.87
C GLY B 187 -7.65 2.61 31.53
N GLY B 188 -6.72 1.91 32.19
CA GLY B 188 -5.32 2.07 31.88
C GLY B 188 -5.00 1.70 30.45
N GLY B 189 -5.66 0.66 29.93
CA GLY B 189 -5.48 0.32 28.53
C GLY B 189 -6.03 1.37 27.59
N MET B 190 -7.02 2.14 28.05
CA MET B 190 -7.57 3.22 27.23
C MET B 190 -6.85 4.56 27.39
N VAL B 191 -5.99 4.71 28.41
CA VAL B 191 -5.40 6.01 28.71
C VAL B 191 -4.57 6.55 27.53
N VAL B 192 -3.86 5.68 26.83
CA VAL B 192 -2.86 6.11 25.84
C VAL B 192 -3.47 6.99 24.73
N ALA B 193 -4.79 6.97 24.59
CA ALA B 193 -5.44 7.81 23.60
C ALA B 193 -5.20 9.29 23.86
N VAL B 194 -5.01 9.69 25.12
CA VAL B 194 -4.76 11.09 25.43
C VAL B 194 -3.42 11.55 24.87
N GLY B 195 -2.37 10.75 25.10
CA GLY B 195 -1.07 11.08 24.53
C GLY B 195 -1.09 11.05 23.01
N TYR B 196 -1.77 10.07 22.43
CA TYR B 196 -1.89 10.03 20.97
C TYR B 196 -2.60 11.27 20.45
N ALA B 197 -3.66 11.70 21.13
CA ALA B 197 -4.39 12.89 20.73
C ALA B 197 -3.51 14.13 20.81
N MET B 198 -2.73 14.26 21.88
CA MET B 198 -1.85 15.42 22.01
C MET B 198 -0.82 15.45 20.90
N VAL B 199 -0.21 14.31 20.60
CA VAL B 199 0.82 14.26 19.56
C VAL B 199 0.21 14.57 18.19
N ILE B 200 -0.94 13.98 17.89
CA ILE B 200 -1.59 14.22 16.61
C ILE B 200 -1.96 15.69 16.48
N ASN B 201 -2.57 16.26 17.53
CA ASN B 201 -2.90 17.68 17.50
C ASN B 201 -1.65 18.53 17.26
N MET B 202 -0.51 18.10 17.80
CA MET B 202 0.72 18.83 17.55
C MET B 202 1.11 18.79 16.07
N MET B 203 0.98 17.61 15.43
CA MET B 203 1.45 17.49 14.05
C MET B 203 0.32 17.33 13.02
N ALA B 204 -0.91 17.70 13.35
CA ALA B 204 -2.03 17.52 12.43
C ALA B 204 -2.17 18.72 11.50
N THR B 205 -2.07 18.48 10.20
CA THR B 205 -2.49 19.43 9.18
C THR B 205 -3.30 18.66 8.13
N LYS B 206 -4.06 19.41 7.33
CA LYS B 206 -4.89 18.77 6.32
C LYS B 206 -4.08 18.15 5.19
N GLU B 207 -2.78 18.44 5.11
CA GLU B 207 -1.92 17.87 4.09
C GLU B 207 -1.32 16.53 4.51
N VAL B 208 -1.33 16.22 5.80
CA VAL B 208 -0.76 14.96 6.29
C VAL B 208 -1.82 13.99 6.82
N TRP B 209 -3.08 14.41 6.89
CA TRP B 209 -4.14 13.49 7.29
C TRP B 209 -4.24 12.25 6.40
N PRO B 210 -4.09 12.33 5.07
CA PRO B 210 -4.13 11.10 4.27
C PRO B 210 -3.11 10.05 4.70
N PHE B 211 -1.91 10.47 5.12
CA PHE B 211 -0.93 9.51 5.60
C PHE B 211 -1.39 8.85 6.89
N PHE B 212 -2.05 9.62 7.77
CA PHE B 212 -2.63 9.04 8.97
C PHE B 212 -3.67 7.98 8.61
N ALA B 213 -4.54 8.28 7.64
CA ALA B 213 -5.55 7.32 7.24
C ALA B 213 -4.94 6.07 6.64
N ILE B 214 -3.91 6.24 5.80
CA ILE B 214 -3.26 5.09 5.18
C ILE B 214 -2.60 4.22 6.23
N GLY B 215 -1.92 4.83 7.20
CA GLY B 215 -1.32 4.05 8.27
C GLY B 215 -2.35 3.33 9.12
N PHE B 216 -3.46 4.00 9.43
CA PHE B 216 -4.52 3.38 10.21
C PHE B 216 -5.09 2.17 9.49
N VAL B 217 -5.33 2.29 8.18
CA VAL B 217 -5.90 1.17 7.43
C VAL B 217 -4.87 0.04 7.29
N LEU B 218 -3.61 0.38 7.02
CA LEU B 218 -2.59 -0.64 6.84
C LEU B 218 -2.25 -1.36 8.15
N ALA B 219 -2.53 -0.74 9.30
CA ALA B 219 -2.30 -1.43 10.56
C ALA B 219 -3.31 -2.55 10.80
N THR B 220 -4.40 -2.60 10.03
CA THR B 220 -5.36 -3.68 10.17
C THR B 220 -4.85 -4.99 9.58
N ILE B 221 -3.77 -4.96 8.82
CA ILE B 221 -3.12 -6.17 8.34
C ILE B 221 -2.21 -6.68 9.45
N SER B 222 -2.63 -7.75 10.13
CA SER B 222 -1.90 -8.23 11.29
C SER B 222 -0.52 -8.77 10.92
N GLN B 223 -0.33 -9.16 9.66
CA GLN B 223 0.93 -9.76 9.24
C GLN B 223 2.02 -8.71 9.02
N LEU B 224 1.69 -7.42 9.09
CA LEU B 224 2.67 -6.35 8.97
C LEU B 224 3.15 -5.96 10.37
N THR B 225 4.47 -5.89 10.53
CA THR B 225 5.06 -5.51 11.81
C THR B 225 5.19 -3.99 11.89
N LEU B 226 5.61 -3.51 13.07
CA LEU B 226 5.76 -2.08 13.27
C LEU B 226 6.96 -1.52 12.51
N ILE B 227 8.04 -2.30 12.40
CA ILE B 227 9.20 -1.85 11.61
C ILE B 227 8.81 -1.73 10.15
N GLY B 228 8.01 -2.66 9.64
CA GLY B 228 7.54 -2.56 8.27
C GLY B 228 6.67 -1.34 8.04
N LEU B 229 5.77 -1.04 8.98
CA LEU B 229 4.94 0.15 8.87
C LEU B 229 5.79 1.42 8.93
N GLY B 230 6.78 1.45 9.81
CA GLY B 230 7.68 2.59 9.87
C GLY B 230 8.47 2.78 8.60
N ALA B 231 8.93 1.68 8.00
CA ALA B 231 9.64 1.76 6.73
C ALA B 231 8.73 2.27 5.62
N ILE B 232 7.48 1.81 5.60
CA ILE B 232 6.52 2.32 4.62
C ILE B 232 6.30 3.81 4.81
N GLY B 233 6.16 4.26 6.06
CA GLY B 233 5.96 5.67 6.31
C GLY B 233 7.16 6.51 5.90
N ILE B 234 8.37 6.03 6.18
CA ILE B 234 9.57 6.75 5.80
C ILE B 234 9.68 6.83 4.28
N SER B 235 9.39 5.73 3.59
CA SER B 235 9.43 5.74 2.13
C SER B 235 8.40 6.68 1.54
N LEU B 236 7.19 6.70 2.11
CA LEU B 236 6.16 7.62 1.64
C LEU B 236 6.56 9.06 1.86
N ALA B 237 7.15 9.36 3.02
CA ALA B 237 7.64 10.72 3.27
C ALA B 237 8.73 11.11 2.27
N LEU B 238 9.65 10.20 1.99
CA LEU B 238 10.71 10.50 1.02
C LEU B 238 10.14 10.74 -0.36
N ILE B 239 9.20 9.92 -0.80
CA ILE B 239 8.59 10.09 -2.12
C ILE B 239 7.83 11.41 -2.20
N TYR B 240 7.07 11.73 -1.14
CA TYR B 240 6.33 12.99 -1.12
C TYR B 240 7.27 14.19 -1.17
N LEU B 241 8.36 14.15 -0.40
CA LEU B 241 9.32 15.24 -0.43
C LEU B 241 9.97 15.37 -1.81
N ALA B 242 10.33 14.23 -2.42
CA ALA B 242 10.94 14.27 -3.74
C ALA B 242 9.99 14.86 -4.78
N LEU B 243 8.73 14.48 -4.74
CA LEU B 243 7.73 15.01 -5.67
C LEU B 243 7.30 16.42 -5.34
N SER B 244 7.58 16.91 -4.14
CA SER B 244 7.24 18.27 -3.75
C SER B 244 8.35 19.28 -4.01
N LYS B 245 9.61 18.87 -3.91
CA LYS B 245 10.71 19.82 -4.16
C LYS B 245 10.71 20.30 -5.61
N GLN B 246 10.23 19.48 -6.53
CA GLN B 246 10.15 19.85 -7.95
C GLN B 246 8.80 20.50 -8.23
N GLY B 247 8.44 21.45 -7.37
CA GLY B 247 7.19 22.16 -7.50
C GLY B 247 7.03 23.26 -6.47
N GLU C 3 41.74 39.90 28.09
CA GLU C 3 42.15 38.53 27.81
C GLU C 3 42.70 37.85 29.06
N GLN C 4 42.80 38.62 30.14
CA GLN C 4 43.32 38.08 31.39
C GLN C 4 42.33 37.13 32.07
N LEU C 5 41.03 37.33 31.85
CA LEU C 5 40.01 36.48 32.45
C LEU C 5 39.86 35.20 31.64
N LYS C 6 40.22 34.06 32.25
CA LYS C 6 40.16 32.77 31.60
C LYS C 6 39.47 31.78 32.52
N LEU C 7 38.60 30.95 31.95
CA LEU C 7 37.89 29.92 32.71
C LEU C 7 38.76 28.67 32.75
N THR C 8 39.20 28.31 33.95
CA THR C 8 40.03 27.13 34.13
C THR C 8 39.16 25.87 34.03
N LYS C 9 39.82 24.71 34.02
CA LYS C 9 39.09 23.45 33.96
C LYS C 9 38.27 23.22 35.23
N LYS C 10 38.71 23.80 36.36
CA LYS C 10 37.94 23.64 37.60
C LYS C 10 36.56 24.29 37.49
N ASP C 11 36.49 25.48 36.89
CA ASP C 11 35.19 26.14 36.74
C ASP C 11 34.28 25.38 35.79
N ARG C 12 34.84 24.84 34.70
CA ARG C 12 34.03 24.04 33.79
C ARG C 12 33.55 22.76 34.45
N ILE C 13 34.39 22.15 35.28
CA ILE C 13 33.97 20.97 36.03
C ILE C 13 32.87 21.31 37.02
N SER C 14 32.98 22.47 37.68
CA SER C 14 31.94 22.90 38.60
C SER C 14 30.62 23.12 37.87
N VAL C 15 30.67 23.75 36.69
CA VAL C 15 29.46 23.96 35.91
C VAL C 15 28.87 22.62 35.47
N TRP C 16 29.72 21.69 35.04
CA TRP C 16 29.25 20.37 34.62
C TRP C 16 28.58 19.63 35.78
N LEU C 17 29.15 19.74 36.98
CA LEU C 17 28.55 19.13 38.16
C LEU C 17 27.22 19.79 38.51
N ARG C 18 27.17 21.13 38.47
CA ARG C 18 25.95 21.84 38.80
C ARG C 18 24.85 21.65 37.77
N SER C 19 25.21 21.18 36.57
CA SER C 19 24.20 20.92 35.54
C SER C 19 23.24 19.81 35.93
N THR C 20 23.56 19.04 36.99
CA THR C 20 22.62 18.05 37.50
C THR C 20 21.35 18.71 38.01
N PHE C 21 21.48 19.89 38.62
CA PHE C 21 20.35 20.62 39.19
C PHE C 21 19.66 21.53 38.18
N LEU C 22 19.75 21.21 36.89
CA LEU C 22 19.17 22.06 35.86
C LEU C 22 17.64 22.14 36.00
N GLN C 23 17.00 21.01 36.29
CA GLN C 23 15.55 20.96 36.44
C GLN C 23 15.10 21.06 37.88
N GLY C 24 15.89 21.70 38.74
CA GLY C 24 15.56 21.74 40.16
C GLY C 24 14.24 22.44 40.45
N SER C 25 13.99 23.57 39.81
CA SER C 25 12.76 24.33 40.03
C SER C 25 11.68 23.93 39.03
N TRP C 26 11.95 24.13 37.74
CA TRP C 26 11.06 23.81 36.64
C TRP C 26 9.64 24.33 36.90
N ASN C 27 9.51 25.65 36.87
CA ASN C 27 8.18 26.23 36.88
C ASN C 27 7.53 26.06 35.50
N TYR C 28 6.30 26.53 35.37
CA TYR C 28 5.54 26.33 34.14
C TYR C 28 5.69 27.47 33.13
N GLU C 29 6.23 28.63 33.55
CA GLU C 29 6.33 29.74 32.61
C GLU C 29 7.70 29.83 31.94
N ARG C 30 8.78 29.77 32.73
CA ARG C 30 10.15 29.79 32.20
C ARG C 30 10.83 28.55 32.72
N MET C 31 10.68 27.43 31.99
CA MET C 31 10.81 26.10 32.57
C MET C 31 12.14 25.86 33.30
N GLN C 32 13.25 25.87 32.58
CA GLN C 32 14.54 25.55 33.18
C GLN C 32 15.41 26.78 33.44
N ASN C 33 14.78 27.95 33.59
CA ASN C 33 15.55 29.18 33.74
C ASN C 33 16.33 29.20 35.06
N GLY C 34 15.70 28.76 36.15
CA GLY C 34 16.37 28.79 37.44
C GLY C 34 17.56 27.86 37.51
N GLY C 35 17.40 26.64 37.00
CA GLY C 35 18.53 25.71 36.98
C GLY C 35 19.62 26.17 36.03
N TRP C 36 19.24 26.77 34.90
CA TRP C 36 20.23 27.30 33.97
C TRP C 36 21.05 28.41 34.62
N ALA C 37 20.40 29.31 35.36
CA ALA C 37 21.12 30.36 36.06
C ALA C 37 21.97 29.79 37.19
N TYR C 38 21.47 28.78 37.91
CA TYR C 38 22.22 28.18 39.00
C TYR C 38 23.48 27.49 38.48
N THR C 39 23.39 26.83 37.33
CA THR C 39 24.54 26.13 36.77
C THR C 39 25.69 27.08 36.46
N LEU C 40 25.40 28.27 35.96
CA LEU C 40 26.43 29.19 35.49
C LEU C 40 27.04 30.05 36.60
N ILE C 41 26.58 29.91 37.85
CA ILE C 41 27.02 30.81 38.91
C ILE C 41 28.53 30.83 39.11
N PRO C 42 29.25 29.69 39.14
CA PRO C 42 30.72 29.80 39.27
C PRO C 42 31.37 30.57 38.12
N ALA C 43 30.89 30.36 36.89
CA ALA C 43 31.48 31.05 35.75
C ALA C 43 31.23 32.55 35.81
N LEU C 44 29.96 32.95 36.01
CA LEU C 44 29.66 34.37 36.13
C LEU C 44 30.28 34.99 37.38
N LYS C 45 30.60 34.18 38.38
CA LYS C 45 31.25 34.67 39.58
C LYS C 45 32.72 34.97 39.31
N LYS C 46 33.39 34.11 38.53
CA LYS C 46 34.77 34.39 38.17
C LYS C 46 34.89 35.50 37.14
N LEU C 47 33.99 35.53 36.16
CA LEU C 47 34.12 36.47 35.05
C LEU C 47 33.76 37.89 35.46
N TYR C 48 32.69 38.05 36.23
CA TYR C 48 32.16 39.38 36.55
C TYR C 48 32.34 39.66 38.03
N LYS C 49 32.67 40.93 38.36
CA LYS C 49 32.97 41.30 39.73
C LYS C 49 32.33 42.59 40.21
N THR C 50 31.91 43.50 39.33
CA THR C 50 31.60 44.86 39.74
C THR C 50 30.25 45.01 40.44
N LYS C 51 29.43 43.96 40.47
CA LYS C 51 28.09 43.89 41.05
C LYS C 51 27.03 44.53 40.15
N GLU C 52 27.41 45.22 39.07
CA GLU C 52 26.46 45.49 38.00
C GLU C 52 26.56 44.47 36.87
N ASP C 53 27.78 43.99 36.60
CA ASP C 53 27.94 42.89 35.64
C ASP C 53 27.35 41.60 36.19
N ARG C 54 27.51 41.36 37.49
CA ARG C 54 26.91 40.17 38.12
C ARG C 54 25.39 40.18 37.96
N SER C 55 24.77 41.30 38.35
CA SER C 55 23.31 41.41 38.26
C SER C 55 22.84 41.34 36.83
N ALA C 56 23.55 42.00 35.91
CA ALA C 56 23.17 41.97 34.50
C ALA C 56 23.25 40.54 33.95
N ALA C 57 24.31 39.81 34.28
CA ALA C 57 24.44 38.43 33.81
C ALA C 57 23.36 37.55 34.40
N LEU C 58 23.05 37.73 35.69
CA LEU C 58 22.00 36.94 36.31
C LEU C 58 20.65 37.19 35.66
N VAL C 59 20.28 38.46 35.46
CA VAL C 59 19.02 38.78 34.81
C VAL C 59 19.01 38.27 33.37
N ARG C 60 20.16 38.30 32.71
CA ARG C 60 20.27 37.78 31.36
C ARG C 60 20.00 36.28 31.31
N HIS C 61 20.48 35.55 32.30
CA HIS C 61 20.37 34.10 32.30
C HIS C 61 19.19 33.56 33.10
N MET C 62 18.35 34.44 33.66
CA MET C 62 17.09 34.00 34.25
C MET C 62 15.94 34.00 33.23
N GLU C 63 16.22 34.28 31.97
CA GLU C 63 15.18 34.28 30.96
C GLU C 63 14.78 32.86 30.61
N PHE C 64 13.73 32.73 29.81
CA PHE C 64 13.17 31.43 29.45
C PHE C 64 14.24 30.52 28.88
N PHE C 65 14.32 29.31 29.42
CA PHE C 65 15.18 28.26 28.90
C PHE C 65 14.48 26.92 29.05
N ASN C 66 14.59 26.07 28.03
CA ASN C 66 14.02 24.74 28.10
C ASN C 66 14.61 23.87 26.99
N THR C 67 15.18 22.74 27.38
CA THR C 67 15.66 21.73 26.44
C THR C 67 15.77 20.42 27.19
N HIS C 68 16.22 19.39 26.50
CA HIS C 68 16.54 18.14 27.18
C HIS C 68 17.67 18.39 28.17
N PRO C 69 17.56 17.89 29.40
CA PRO C 69 18.58 18.23 30.42
C PRO C 69 19.97 17.73 30.09
N TYR C 70 20.10 16.75 29.19
CA TYR C 70 21.43 16.22 28.84
C TYR C 70 22.04 16.96 27.67
N VAL C 71 21.24 17.34 26.66
CA VAL C 71 21.76 18.08 25.52
C VAL C 71 21.98 19.56 25.81
N ALA C 72 21.74 20.00 27.04
CA ALA C 72 22.04 21.36 27.43
C ALA C 72 23.53 21.59 27.66
N ALA C 73 24.35 20.52 27.66
CA ALA C 73 25.77 20.69 27.88
C ALA C 73 26.47 21.45 26.77
N PRO C 74 26.25 21.15 25.47
CA PRO C 74 26.88 21.99 24.43
C PRO C 74 26.43 23.43 24.48
N ILE C 75 25.16 23.68 24.81
CA ILE C 75 24.67 25.05 24.96
C ILE C 75 25.39 25.73 26.12
N LEU C 76 25.59 25.00 27.21
CA LEU C 76 26.33 25.55 28.35
C LEU C 76 27.76 25.90 27.95
N GLY C 77 28.41 25.02 27.18
CA GLY C 77 29.78 25.31 26.75
C GLY C 77 29.87 26.51 25.84
N VAL C 78 28.95 26.61 24.87
CA VAL C 78 28.94 27.77 23.98
C VAL C 78 28.67 29.04 24.77
N THR C 79 27.75 28.98 25.73
CA THR C 79 27.47 30.14 26.57
C THR C 79 28.69 30.52 27.41
N LEU C 80 29.43 29.52 27.90
CA LEU C 80 30.65 29.80 28.64
C LEU C 80 31.66 30.53 27.78
N ALA C 81 31.86 30.06 26.55
CA ALA C 81 32.78 30.72 25.63
C ALA C 81 32.33 32.14 25.32
N LEU C 82 31.03 32.32 25.06
CA LEU C 82 30.52 33.65 24.72
C LEU C 82 30.65 34.62 25.89
N GLU C 83 30.36 34.16 27.10
CA GLU C 83 30.46 35.04 28.27
C GLU C 83 31.90 35.32 28.63
N GLU C 84 32.80 34.37 28.37
CA GLU C 84 34.23 34.63 28.55
C GLU C 84 34.71 35.70 27.57
N GLU C 85 34.26 35.62 26.33
CA GLU C 85 34.60 36.66 25.36
C GLU C 85 34.02 38.01 25.77
N ARG C 86 32.76 38.01 26.20
CA ARG C 86 32.10 39.26 26.58
C ARG C 86 32.77 39.92 27.78
N ALA C 87 33.19 39.11 28.75
CA ALA C 87 33.88 39.65 29.92
C ALA C 87 35.25 40.24 29.56
N ASN C 88 35.84 39.80 28.44
CA ASN C 88 37.13 40.31 28.00
C ASN C 88 37.02 41.59 27.18
N GLY C 89 35.81 42.05 26.89
CA GLY C 89 35.60 43.26 26.11
C GLY C 89 35.06 43.04 24.71
N ALA C 90 34.82 41.80 24.31
CA ALA C 90 34.30 41.53 22.99
C ALA C 90 32.85 42.05 22.88
N PRO C 91 32.43 42.46 21.67
CA PRO C 91 31.11 43.10 21.52
C PRO C 91 29.98 42.09 21.31
N ILE C 92 29.82 41.16 22.25
CA ILE C 92 28.66 40.30 22.34
C ILE C 92 27.78 40.87 23.45
N ASP C 93 26.83 41.74 23.08
CA ASP C 93 26.16 42.54 24.11
C ASP C 93 25.04 41.77 24.80
N ASP C 94 23.92 41.54 24.10
CA ASP C 94 22.83 40.78 24.70
C ASP C 94 22.15 39.86 23.69
N VAL C 95 22.24 40.19 22.41
CA VAL C 95 21.40 39.53 21.42
C VAL C 95 22.00 38.19 20.98
N THR C 96 23.33 38.12 20.86
CA THR C 96 23.97 36.89 20.41
C THR C 96 23.77 35.75 21.41
N ILE C 97 23.89 36.05 22.71
CA ILE C 97 23.79 35.01 23.73
C ILE C 97 22.38 34.41 23.74
N GLN C 98 21.37 35.27 23.81
CA GLN C 98 19.99 34.78 23.82
C GLN C 98 19.63 34.11 22.50
N GLY C 99 20.16 34.63 21.39
CA GLY C 99 19.91 34.00 20.10
C GLY C 99 20.47 32.60 20.03
N VAL C 100 21.71 32.42 20.50
CA VAL C 100 22.31 31.09 20.53
C VAL C 100 21.50 30.16 21.42
N LYS C 101 21.12 30.65 22.61
CA LYS C 101 20.35 29.83 23.54
C LYS C 101 19.03 29.38 22.93
N VAL C 102 18.29 30.32 22.35
CA VAL C 102 16.96 29.99 21.82
C VAL C 102 17.07 29.11 20.58
N GLY C 103 18.03 29.40 19.70
CA GLY C 103 18.18 28.61 18.49
C GLY C 103 18.76 27.23 18.74
N MET C 104 19.42 27.02 19.88
CA MET C 104 19.93 25.70 20.20
C MET C 104 18.97 24.88 21.04
N MET C 105 18.18 25.52 21.92
CA MET C 105 17.34 24.75 22.84
C MET C 105 16.27 23.95 22.11
N GLY C 106 15.80 24.44 20.97
CA GLY C 106 14.72 23.79 20.25
C GLY C 106 15.14 22.52 19.54
N PRO C 107 15.99 22.65 18.52
CA PRO C 107 16.44 21.45 17.79
C PRO C 107 17.16 20.45 18.68
N LEU C 108 17.94 20.92 19.66
CA LEU C 108 18.63 20.00 20.54
C LEU C 108 17.65 19.21 21.40
N ALA C 109 16.60 19.86 21.90
CA ALA C 109 15.56 19.12 22.63
C ALA C 109 14.85 18.13 21.72
N GLY C 110 14.52 18.56 20.50
CA GLY C 110 13.83 17.69 19.56
C GLY C 110 14.64 16.50 19.09
N ILE C 111 15.97 16.61 19.16
CA ILE C 111 16.82 15.47 18.83
C ILE C 111 17.22 14.65 20.06
N GLY C 112 17.21 15.25 21.25
CA GLY C 112 17.63 14.57 22.45
C GLY C 112 16.54 13.81 23.16
N ASP C 113 15.29 14.26 23.02
CA ASP C 113 14.18 13.49 23.58
C ASP C 113 14.07 12.11 22.96
N PRO C 114 14.06 11.93 21.63
CA PRO C 114 14.03 10.56 21.09
C PRO C 114 15.25 9.72 21.46
N VAL C 115 16.44 10.32 21.55
CA VAL C 115 17.63 9.54 21.81
C VAL C 115 17.62 8.99 23.23
N PHE C 116 17.31 9.84 24.21
CA PHE C 116 17.40 9.45 25.61
C PHE C 116 16.10 8.91 26.16
N TRP C 117 14.98 9.60 25.91
CA TRP C 117 13.72 9.18 26.51
C TRP C 117 13.13 7.96 25.83
N PHE C 118 13.28 7.84 24.51
CA PHE C 118 12.57 6.84 23.73
C PHE C 118 13.47 5.82 23.05
N THR C 119 14.78 5.97 23.11
CA THR C 119 15.68 4.99 22.49
C THR C 119 16.57 4.30 23.50
N VAL C 120 17.32 5.06 24.32
CA VAL C 120 18.28 4.46 25.23
C VAL C 120 17.58 3.99 26.50
N LYS C 121 16.79 4.87 27.11
CA LYS C 121 16.10 4.52 28.35
C LYS C 121 15.17 3.34 28.19
N PRO C 122 14.31 3.25 27.17
CA PRO C 122 13.47 2.03 27.06
C PRO C 122 14.27 0.75 26.94
N ILE C 123 15.36 0.75 26.18
CA ILE C 123 16.14 -0.47 25.99
C ILE C 123 16.83 -0.87 27.29
N ILE C 124 17.50 0.08 27.95
CA ILE C 124 18.20 -0.24 29.19
C ILE C 124 17.21 -0.64 30.28
N GLY C 125 16.08 0.05 30.35
CA GLY C 125 15.06 -0.30 31.33
C GLY C 125 14.43 -1.65 31.08
N ALA C 126 14.24 -2.01 29.80
CA ALA C 126 13.73 -3.33 29.48
C ALA C 126 14.71 -4.42 29.89
N LEU C 127 16.00 -4.20 29.62
CA LEU C 127 17.00 -5.18 30.05
C LEU C 127 17.02 -5.32 31.58
N ALA C 128 17.00 -4.18 32.27
CA ALA C 128 17.03 -4.22 33.74
C ALA C 128 15.78 -4.87 34.30
N ALA C 129 14.62 -4.58 33.72
CA ALA C 129 13.37 -5.18 34.20
C ALA C 129 13.34 -6.67 33.94
N SER C 130 13.83 -7.11 32.78
CA SER C 130 13.91 -8.54 32.49
C SER C 130 14.83 -9.24 33.49
N LEU C 131 15.96 -8.62 33.81
CA LEU C 131 16.83 -9.21 34.82
C LEU C 131 16.18 -9.23 36.20
N ALA C 132 15.48 -8.15 36.57
CA ALA C 132 14.97 -8.00 37.92
C ALA C 132 13.74 -8.86 38.19
N MET C 133 12.87 -9.05 37.19
CA MET C 133 11.70 -9.88 37.40
C MET C 133 12.08 -11.34 37.62
N SER C 134 13.21 -11.77 37.09
CA SER C 134 13.73 -13.11 37.31
C SER C 134 14.51 -13.23 38.63
N GLY C 135 14.35 -12.26 39.53
CA GLY C 135 14.99 -12.33 40.84
C GLY C 135 16.45 -11.96 40.86
N ASN C 136 17.01 -11.47 39.76
CA ASN C 136 18.41 -11.12 39.68
C ASN C 136 18.64 -9.68 40.12
N ILE C 137 19.51 -9.48 41.10
CA ILE C 137 19.86 -8.15 41.56
C ILE C 137 20.71 -7.38 40.56
N LEU C 138 21.19 -8.06 39.51
CA LEU C 138 22.06 -7.42 38.53
C LEU C 138 21.33 -6.39 37.68
N GLY C 139 20.01 -6.46 37.61
CA GLY C 139 19.22 -5.57 36.79
C GLY C 139 19.33 -4.11 37.15
N PRO C 140 18.91 -3.75 38.37
CA PRO C 140 19.05 -2.35 38.80
C PRO C 140 20.48 -1.84 38.78
N ILE C 141 21.45 -2.71 39.11
CA ILE C 141 22.85 -2.30 39.09
C ILE C 141 23.27 -1.95 37.68
N ILE C 142 22.93 -2.80 36.72
CA ILE C 142 23.26 -2.53 35.32
C ILE C 142 22.58 -1.25 34.86
N TYR C 143 21.31 -1.08 35.19
CA TYR C 143 20.58 0.13 34.78
C TYR C 143 21.27 1.38 35.31
N PHE C 144 21.53 1.42 36.62
CA PHE C 144 22.15 2.58 37.22
C PHE C 144 23.51 2.86 36.61
N VAL C 145 24.37 1.84 36.52
CA VAL C 145 25.73 2.05 36.07
C VAL C 145 25.75 2.52 34.62
N ALA C 146 25.05 1.80 33.74
CA ALA C 146 25.06 2.16 32.32
C ALA C 146 24.45 3.55 32.09
N TRP C 147 23.28 3.80 32.68
CA TRP C 147 22.61 5.07 32.45
C TRP C 147 23.45 6.23 32.94
N ASN C 148 24.03 6.12 34.15
CA ASN C 148 24.78 7.22 34.70
C ASN C 148 26.10 7.42 33.97
N ALA C 149 26.78 6.33 33.60
CA ALA C 149 28.02 6.46 32.83
C ALA C 149 27.75 7.18 31.52
N ILE C 150 26.72 6.74 30.78
CA ILE C 150 26.40 7.39 29.51
C ILE C 150 26.06 8.86 29.72
N ARG C 151 25.25 9.15 30.75
CA ARG C 151 24.81 10.53 30.98
C ARG C 151 26.00 11.44 31.28
N MET C 152 26.83 11.07 32.26
CA MET C 152 27.94 11.94 32.63
C MET C 152 28.96 12.07 31.50
N ALA C 153 29.29 10.96 30.83
CA ALA C 153 30.25 11.03 29.73
C ALA C 153 29.74 11.95 28.62
N PHE C 154 28.49 11.77 28.21
CA PHE C 154 27.92 12.59 27.15
C PHE C 154 27.91 14.05 27.54
N THR C 155 27.47 14.36 28.76
CA THR C 155 27.39 15.75 29.18
C THR C 155 28.77 16.39 29.23
N TRP C 156 29.76 15.70 29.79
CA TRP C 156 31.09 16.28 29.89
C TRP C 156 31.69 16.52 28.52
N TYR C 157 31.65 15.51 27.63
CA TYR C 157 32.29 15.66 26.34
C TYR C 157 31.57 16.67 25.46
N THR C 158 30.24 16.71 25.52
CA THR C 158 29.51 17.71 24.73
C THR C 158 29.75 19.12 25.26
N GLN C 159 29.86 19.28 26.59
CA GLN C 159 30.16 20.59 27.14
C GLN C 159 31.54 21.06 26.71
N GLU C 160 32.53 20.17 26.74
CA GLU C 160 33.87 20.54 26.29
C GLU C 160 33.90 20.85 24.80
N PHE C 161 33.20 20.06 23.99
CA PHE C 161 33.14 20.34 22.56
C PHE C 161 32.50 21.70 22.29
N GLY C 162 31.41 22.01 22.99
CA GLY C 162 30.78 23.30 22.82
C GLY C 162 31.65 24.46 23.26
N TYR C 163 32.36 24.28 24.39
CA TYR C 163 33.24 25.34 24.87
C TYR C 163 34.39 25.58 23.91
N ARG C 164 34.99 24.52 23.37
CA ARG C 164 36.11 24.68 22.46
C ARG C 164 35.66 25.07 21.04
N ALA C 165 34.37 24.92 20.72
CA ALA C 165 33.85 25.39 19.46
C ALA C 165 33.56 26.89 19.52
N GLY C 166 32.70 27.30 20.46
CA GLY C 166 32.43 28.70 20.67
C GLY C 166 31.57 29.36 19.61
N SER C 167 30.32 28.90 19.49
CA SER C 167 29.32 29.48 18.62
C SER C 167 29.60 29.22 17.14
N LYS C 168 30.74 28.58 16.85
CA LYS C 168 31.05 28.22 15.47
C LYS C 168 30.07 27.20 14.93
N ILE C 169 29.67 26.25 15.79
CA ILE C 169 28.76 25.19 15.37
C ILE C 169 27.41 25.76 14.98
N THR C 170 27.04 26.90 15.56
CA THR C 170 25.77 27.54 15.23
C THR C 170 25.76 28.01 13.79
N GLU C 171 26.79 28.73 13.38
CA GLU C 171 26.84 29.24 12.01
C GLU C 171 27.21 28.15 11.02
N ASP C 172 27.84 27.07 11.51
CA ASP C 172 28.23 25.96 10.64
C ASP C 172 27.03 25.28 10.00
N LEU C 173 25.98 25.06 10.78
CA LEU C 173 24.83 24.29 10.30
C LEU C 173 23.55 25.08 10.53
N SER C 174 22.39 24.44 10.34
CA SER C 174 21.06 24.99 10.58
C SER C 174 20.66 25.95 9.46
N GLY C 175 19.44 25.78 8.94
CA GLY C 175 18.95 26.57 7.83
C GLY C 175 17.60 26.07 7.36
N GLY C 176 17.43 25.92 6.06
CA GLY C 176 16.21 25.38 5.49
C GLY C 176 16.09 23.88 5.56
N ILE C 177 17.12 23.18 6.05
CA ILE C 177 17.04 21.73 6.19
C ILE C 177 16.05 21.35 7.29
N LEU C 178 15.93 22.19 8.33
CA LEU C 178 15.01 21.93 9.43
C LEU C 178 13.55 21.95 9.01
N GLN C 179 13.23 22.55 7.87
CA GLN C 179 11.88 22.51 7.31
C GLN C 179 11.59 21.19 6.62
N ASP C 180 12.52 20.69 5.80
CA ASP C 180 12.34 19.40 5.16
C ASP C 180 12.32 18.28 6.19
N ILE C 181 13.19 18.36 7.20
CA ILE C 181 13.20 17.36 8.26
C ILE C 181 11.88 17.37 9.00
N THR C 182 11.37 18.57 9.33
CA THR C 182 10.09 18.67 10.03
C THR C 182 8.95 18.11 9.18
N LYS C 183 8.96 18.39 7.88
CA LYS C 183 7.92 17.88 7.00
C LYS C 183 7.93 16.35 6.94
N GLY C 184 9.10 15.77 6.70
CA GLY C 184 9.19 14.32 6.65
C GLY C 184 8.84 13.67 7.97
N ALA C 185 9.28 14.28 9.07
CA ALA C 185 8.94 13.77 10.40
C ALA C 185 7.45 13.84 10.64
N SER C 186 6.80 14.91 10.19
CA SER C 186 5.34 15.02 10.36
C SER C 186 4.62 13.95 9.56
N ILE C 187 5.07 13.67 8.33
CA ILE C 187 4.42 12.65 7.52
C ILE C 187 4.58 11.27 8.18
N LEU C 188 5.82 10.94 8.55
CA LEU C 188 6.06 9.65 9.20
C LEU C 188 5.32 9.54 10.52
N GLY C 189 5.25 10.64 11.27
CA GLY C 189 4.55 10.63 12.53
C GLY C 189 3.06 10.42 12.39
N MET C 190 2.45 11.06 11.40
CA MET C 190 1.03 10.83 11.15
C MET C 190 0.78 9.38 10.76
N PHE C 191 1.62 8.82 9.88
CA PHE C 191 1.48 7.43 9.50
C PHE C 191 1.58 6.50 10.71
N ILE C 192 2.65 6.65 11.49
CA ILE C 192 2.88 5.73 12.61
C ILE C 192 1.87 5.95 13.73
N LEU C 193 1.38 7.18 13.90
CA LEU C 193 0.35 7.43 14.91
C LEU C 193 -0.99 6.84 14.49
N GLY C 194 -1.30 6.86 13.19
CA GLY C 194 -2.46 6.13 12.74
C GLY C 194 -2.34 4.64 13.03
N SER C 195 -1.17 4.07 12.76
CA SER C 195 -0.95 2.66 13.06
C SER C 195 -1.09 2.37 14.55
N LEU C 196 -0.53 3.24 15.39
CA LEU C 196 -0.59 3.04 16.84
C LEU C 196 -2.00 3.23 17.39
N VAL C 197 -2.76 4.16 16.83
CA VAL C 197 -4.15 4.31 17.24
C VAL C 197 -4.95 3.09 16.84
N ASN C 198 -4.65 2.50 15.68
CA ASN C 198 -5.33 1.29 15.27
C ASN C 198 -4.99 0.11 16.18
N ARG C 199 -3.72 -0.03 16.58
CA ARG C 199 -3.26 -1.26 17.20
C ARG C 199 -3.16 -1.23 18.72
N TRP C 200 -2.87 -0.09 19.33
CA TRP C 200 -2.53 -0.04 20.75
C TRP C 200 -3.60 0.58 21.63
N VAL C 201 -4.57 1.29 21.06
CA VAL C 201 -5.67 1.81 21.85
C VAL C 201 -6.70 0.69 22.00
N SER C 202 -6.84 0.18 23.23
CA SER C 202 -7.62 -1.02 23.49
C SER C 202 -9.03 -0.62 23.91
N VAL C 203 -9.96 -0.68 22.97
CA VAL C 203 -11.38 -0.44 23.23
C VAL C 203 -12.13 -1.67 22.73
N LYS C 204 -12.36 -2.63 23.62
CA LYS C 204 -13.01 -3.89 23.27
C LYS C 204 -14.36 -4.00 23.95
N PHE C 205 -15.37 -4.44 23.21
CA PHE C 205 -16.73 -4.56 23.69
C PHE C 205 -17.09 -6.03 23.84
N THR C 206 -17.57 -6.41 25.02
CA THR C 206 -17.99 -7.77 25.33
C THR C 206 -19.37 -8.18 24.82
N PRO C 207 -20.42 -7.34 24.93
CA PRO C 207 -21.78 -7.86 24.76
C PRO C 207 -22.03 -8.46 23.39
N THR C 208 -22.90 -9.47 23.37
CA THR C 208 -23.31 -10.14 22.15
C THR C 208 -24.63 -9.58 21.67
N VAL C 209 -24.75 -9.39 20.34
CA VAL C 209 -25.96 -8.81 19.78
C VAL C 209 -26.92 -9.85 19.23
N SER C 210 -26.44 -11.05 18.89
CA SER C 210 -27.32 -12.08 18.35
C SER C 210 -26.68 -13.44 18.55
N SER C 211 -27.52 -14.45 18.80
CA SER C 211 -27.09 -15.85 18.92
C SER C 211 -28.14 -16.70 18.20
N VAL C 212 -27.92 -16.93 16.91
CA VAL C 212 -28.88 -17.65 16.09
C VAL C 212 -28.53 -19.13 16.09
N LYS C 213 -29.56 -19.97 15.89
CA LYS C 213 -29.37 -21.40 15.75
C LYS C 213 -29.16 -21.72 14.27
N LEU C 214 -27.95 -22.13 13.93
CA LEU C 214 -27.61 -22.39 12.53
C LEU C 214 -28.12 -23.75 12.08
N ASP C 215 -28.27 -23.90 10.77
CA ASP C 215 -28.99 -25.04 10.20
C ASP C 215 -28.19 -26.33 10.33
N LYS C 216 -28.84 -27.42 9.91
CA LYS C 216 -28.31 -28.77 10.08
C LYS C 216 -26.98 -28.98 9.36
N GLY C 217 -26.87 -28.47 8.13
CA GLY C 217 -25.70 -28.69 7.32
C GLY C 217 -24.53 -27.77 7.58
N ALA C 218 -24.62 -26.87 8.56
CA ALA C 218 -23.58 -25.89 8.81
C ALA C 218 -22.72 -26.20 10.03
N PHE C 219 -23.13 -27.12 10.89
CA PHE C 219 -22.31 -27.53 12.01
C PHE C 219 -21.87 -28.98 11.86
N ILE C 220 -20.88 -29.36 12.67
CA ILE C 220 -20.19 -30.64 12.47
C ILE C 220 -21.10 -31.82 12.82
N ASP C 221 -22.02 -31.64 13.77
CA ASP C 221 -22.92 -32.70 14.22
C ASP C 221 -22.13 -33.89 14.76
N TRP C 222 -21.47 -33.63 15.90
CA TRP C 222 -20.58 -34.60 16.52
C TRP C 222 -21.27 -35.92 16.84
N ASP C 223 -22.60 -35.88 17.03
CA ASP C 223 -23.33 -37.12 17.32
C ASP C 223 -23.20 -38.12 16.19
N LYS C 224 -23.34 -37.66 14.94
CA LYS C 224 -23.18 -38.52 13.77
C LYS C 224 -21.75 -38.29 13.26
N LEU C 225 -20.81 -39.00 13.88
CA LEU C 225 -19.40 -38.91 13.55
C LEU C 225 -18.76 -40.28 13.69
N PRO C 226 -17.80 -40.62 12.84
CA PRO C 226 -17.09 -41.90 12.98
C PRO C 226 -16.30 -41.94 14.28
N SER C 227 -15.80 -43.15 14.58
CA SER C 227 -15.04 -43.40 15.80
C SER C 227 -13.57 -43.65 15.45
N GLY C 228 -12.69 -43.23 16.34
CA GLY C 228 -11.27 -43.43 16.13
C GLY C 228 -10.65 -42.35 15.27
N ALA C 229 -9.57 -42.73 14.57
CA ALA C 229 -8.86 -41.78 13.72
C ALA C 229 -9.74 -41.29 12.57
N LYS C 230 -10.68 -42.14 12.13
CA LYS C 230 -11.60 -41.71 11.08
C LYS C 230 -12.47 -40.56 11.54
N GLY C 231 -12.93 -40.60 12.79
CA GLY C 231 -13.71 -39.49 13.33
C GLY C 231 -12.91 -38.21 13.42
N ILE C 232 -11.64 -38.32 13.84
CA ILE C 232 -10.78 -37.14 13.92
C ILE C 232 -10.56 -36.56 12.53
N GLN C 233 -10.32 -37.42 11.53
CA GLN C 233 -10.15 -36.96 10.16
C GLN C 233 -11.39 -36.26 9.65
N SER C 234 -12.56 -36.85 9.91
CA SER C 234 -13.81 -36.24 9.46
C SER C 234 -14.03 -34.88 10.12
N ALA C 235 -13.75 -34.79 11.43
CA ALA C 235 -13.92 -33.53 12.13
C ALA C 235 -12.97 -32.47 11.58
N LEU C 236 -11.71 -32.83 11.34
CA LEU C 236 -10.76 -31.88 10.79
C LEU C 236 -11.16 -31.43 9.40
N GLN C 237 -11.63 -32.36 8.57
CA GLN C 237 -12.05 -32.00 7.21
C GLN C 237 -13.26 -31.08 7.24
N GLN C 238 -14.23 -31.36 8.11
CA GLN C 238 -15.41 -30.52 8.20
C GLN C 238 -15.06 -29.13 8.74
N GLN C 239 -14.11 -29.06 9.68
CA GLN C 239 -13.65 -27.76 10.15
C GLN C 239 -12.95 -26.99 9.04
N ALA C 240 -12.17 -27.69 8.22
CA ALA C 240 -11.50 -27.02 7.10
C ALA C 240 -12.50 -26.50 6.08
N GLN C 241 -13.62 -27.21 5.89
CA GLN C 241 -14.66 -26.75 4.97
C GLN C 241 -15.42 -25.53 5.49
N GLY C 242 -15.22 -25.15 6.75
CA GLY C 242 -15.88 -24.00 7.32
C GLY C 242 -17.07 -24.28 8.20
N LEU C 243 -17.37 -25.55 8.46
CA LEU C 243 -18.48 -25.88 9.34
C LEU C 243 -18.20 -25.43 10.77
N SER C 244 -19.23 -24.90 11.42
CA SER C 244 -19.08 -24.38 12.77
C SER C 244 -18.89 -25.53 13.77
N LEU C 245 -18.09 -25.26 14.80
CA LEU C 245 -17.87 -26.23 15.87
C LEU C 245 -19.06 -26.36 16.79
N THR C 246 -20.04 -25.48 16.70
CA THR C 246 -21.25 -25.53 17.50
C THR C 246 -22.46 -25.28 16.62
N ASP C 247 -23.64 -25.59 17.14
CA ASP C 247 -24.89 -25.42 16.43
C ASP C 247 -25.46 -24.02 16.55
N HIS C 248 -24.79 -23.13 17.27
CA HIS C 248 -25.22 -21.75 17.44
C HIS C 248 -24.13 -20.80 16.97
N LYS C 249 -24.53 -19.75 16.28
CA LYS C 249 -23.62 -18.72 15.78
C LYS C 249 -23.79 -17.48 16.63
N ILE C 250 -22.76 -17.15 17.42
CA ILE C 250 -22.80 -16.01 18.33
C ILE C 250 -22.05 -14.85 17.68
N THR C 251 -22.72 -13.70 17.58
CA THR C 251 -22.14 -12.48 17.05
C THR C 251 -22.07 -11.45 18.15
N THR C 252 -20.89 -10.86 18.35
CA THR C 252 -20.68 -9.85 19.37
C THR C 252 -20.72 -8.45 18.75
N LEU C 253 -20.84 -7.45 19.61
CA LEU C 253 -20.77 -6.06 19.16
C LEU C 253 -19.40 -5.75 18.57
N GLN C 254 -18.35 -6.32 19.14
CA GLN C 254 -17.01 -6.13 18.59
C GLN C 254 -16.92 -6.70 17.17
N ASP C 255 -17.59 -7.83 16.92
CA ASP C 255 -17.62 -8.39 15.58
C ASP C 255 -18.29 -7.45 14.59
N ASN C 256 -19.42 -6.85 15.01
CA ASN C 256 -20.11 -5.89 14.13
C ASN C 256 -19.24 -4.67 13.86
N LEU C 257 -18.53 -4.19 14.90
CA LEU C 257 -17.67 -3.02 14.70
C LEU C 257 -16.49 -3.35 13.79
N ASP C 258 -15.92 -4.55 13.92
CA ASP C 258 -14.83 -4.96 13.04
C ASP C 258 -15.32 -5.26 11.63
N SER C 259 -16.62 -5.54 11.45
CA SER C 259 -17.15 -5.71 10.11
C SER C 259 -16.97 -4.45 9.27
N LEU C 260 -17.13 -3.28 9.89
CA LEU C 260 -16.85 -2.03 9.20
C LEU C 260 -15.35 -1.84 9.01
N ILE C 261 -14.62 -1.73 10.11
CA ILE C 261 -13.15 -1.69 10.11
C ILE C 261 -12.65 -1.92 11.52
N PRO C 262 -11.63 -2.75 11.71
CA PRO C 262 -11.05 -2.90 13.05
C PRO C 262 -10.46 -1.60 13.56
N GLY C 263 -10.58 -1.38 14.87
CA GLY C 263 -10.05 -0.18 15.47
C GLY C 263 -10.93 1.05 15.34
N LEU C 264 -12.21 0.88 14.98
CA LEU C 264 -13.09 2.02 14.82
C LEU C 264 -13.35 2.74 16.13
N ALA C 265 -13.58 1.98 17.21
CA ALA C 265 -13.84 2.60 18.51
C ALA C 265 -12.59 3.32 19.01
N ALA C 266 -11.41 2.76 18.78
CA ALA C 266 -10.17 3.42 19.17
C ALA C 266 -10.00 4.74 18.42
N LEU C 267 -10.28 4.74 17.12
CA LEU C 267 -10.18 5.97 16.34
C LEU C 267 -11.18 7.01 16.82
N GLY C 268 -12.41 6.59 17.12
CA GLY C 268 -13.40 7.51 17.64
C GLY C 268 -13.00 8.11 18.97
N LEU C 269 -12.47 7.27 19.87
CA LEU C 269 -12.00 7.78 21.17
C LEU C 269 -10.85 8.75 21.00
N THR C 270 -9.92 8.45 20.09
CA THR C 270 -8.79 9.36 19.86
C THR C 270 -9.27 10.69 19.30
N LEU C 271 -10.21 10.67 18.37
CA LEU C 271 -10.74 11.93 17.82
C LEU C 271 -11.49 12.72 18.88
N PHE C 272 -12.26 12.03 19.73
CA PHE C 272 -12.95 12.72 20.81
C PHE C 272 -11.97 13.34 21.79
N CYS C 273 -10.88 12.64 22.09
CA CYS C 273 -9.85 13.19 22.97
C CYS C 273 -9.18 14.41 22.32
N MET C 274 -8.95 14.36 21.00
CA MET C 274 -8.41 15.52 20.31
C MET C 274 -9.35 16.72 20.42
N TRP C 275 -10.65 16.49 20.22
CA TRP C 275 -11.62 17.56 20.33
C TRP C 275 -11.67 18.12 21.75
N LEU C 276 -11.61 17.24 22.75
CA LEU C 276 -11.63 17.70 24.14
C LEU C 276 -10.38 18.52 24.46
N LEU C 277 -9.21 18.09 23.98
CA LEU C 277 -7.99 18.86 24.19
C LEU C 277 -8.07 20.22 23.52
N LYS C 278 -8.67 20.27 22.32
CA LYS C 278 -8.84 21.56 21.64
C LYS C 278 -9.74 22.49 22.46
N LYS C 279 -10.69 21.94 23.21
CA LYS C 279 -11.62 22.73 24.00
C LYS C 279 -11.07 23.10 25.37
N LYS C 280 -9.74 23.10 25.53
CA LYS C 280 -9.07 23.55 26.75
C LYS C 280 -9.43 22.69 27.96
N VAL C 281 -9.73 21.41 27.73
CA VAL C 281 -9.91 20.45 28.82
C VAL C 281 -8.55 19.86 29.16
N SER C 282 -8.18 19.91 30.44
CA SER C 282 -6.87 19.47 30.85
C SER C 282 -6.71 17.96 30.64
N PRO C 283 -5.53 17.49 30.21
CA PRO C 283 -5.36 16.06 29.95
C PRO C 283 -5.53 15.18 31.18
N ILE C 284 -5.24 15.69 32.37
CA ILE C 284 -5.37 14.88 33.58
C ILE C 284 -6.84 14.57 33.85
N VAL C 285 -7.72 15.53 33.59
CA VAL C 285 -9.16 15.28 33.71
C VAL C 285 -9.57 14.19 32.72
N ILE C 286 -9.02 14.22 31.50
CA ILE C 286 -9.37 13.21 30.51
C ILE C 286 -8.88 11.84 30.94
N ILE C 287 -7.68 11.76 31.54
CA ILE C 287 -7.15 10.48 31.99
C ILE C 287 -8.02 9.91 33.11
N LEU C 288 -8.37 10.74 34.09
CA LEU C 288 -9.24 10.30 35.17
C LEU C 288 -10.61 9.87 34.64
N GLY C 289 -11.14 10.63 33.68
CA GLY C 289 -12.41 10.26 33.08
C GLY C 289 -12.33 8.95 32.33
N LEU C 290 -11.20 8.68 31.66
CA LEU C 290 -11.04 7.41 30.98
C LEU C 290 -11.01 6.25 31.97
N PHE C 291 -10.33 6.44 33.10
CA PHE C 291 -10.35 5.41 34.15
C PHE C 291 -11.77 5.17 34.65
N VAL C 292 -12.52 6.25 34.87
CA VAL C 292 -13.89 6.13 35.37
C VAL C 292 -14.78 5.44 34.33
N VAL C 293 -14.61 5.78 33.06
CA VAL C 293 -15.37 5.15 31.99
C VAL C 293 -15.06 3.67 31.91
N GLY C 294 -13.79 3.30 32.03
CA GLY C 294 -13.44 1.88 32.05
C GLY C 294 -14.12 1.15 33.19
N ILE C 295 -14.08 1.73 34.40
CA ILE C 295 -14.71 1.09 35.55
C ILE C 295 -16.21 0.93 35.33
N VAL C 296 -16.87 2.01 34.86
CA VAL C 296 -18.31 1.99 34.68
C VAL C 296 -18.71 0.98 33.60
N PHE C 297 -17.97 0.97 32.49
CA PHE C 297 -18.30 0.04 31.41
C PHE C 297 -18.06 -1.41 31.82
N HIS C 298 -17.06 -1.66 32.67
CA HIS C 298 -16.92 -3.00 33.24
C HIS C 298 -18.11 -3.34 34.13
N LEU C 299 -18.58 -2.38 34.92
CA LEU C 299 -19.72 -2.63 35.79
C LEU C 299 -21.00 -2.87 34.98
N LEU C 300 -21.10 -2.30 33.79
CA LEU C 300 -22.28 -2.44 32.95
C LEU C 300 -22.13 -3.53 31.90
N HIS C 301 -21.08 -4.36 32.00
CA HIS C 301 -20.82 -5.47 31.09
C HIS C 301 -20.62 -5.02 29.66
N LEU C 302 -20.30 -3.75 29.44
CA LEU C 302 -20.02 -3.27 28.09
C LEU C 302 -18.57 -3.49 27.68
N MET C 303 -17.66 -3.59 28.65
CA MET C 303 -16.25 -3.78 28.36
C MET C 303 -15.66 -4.91 29.21
N THR D 14 -2.31 33.86 47.38
CA THR D 14 -3.19 32.71 47.19
C THR D 14 -3.51 32.50 45.72
N SER D 15 -2.92 33.34 44.85
CA SER D 15 -3.15 33.21 43.42
C SER D 15 -2.52 31.95 42.86
N LEU D 16 -1.43 31.47 43.48
CA LEU D 16 -0.78 30.25 43.01
C LEU D 16 -1.69 29.04 43.17
N TYR D 17 -2.43 28.97 44.28
CA TYR D 17 -3.37 27.87 44.47
C TYR D 17 -4.50 27.90 43.44
N LYS D 18 -5.01 29.09 43.15
CA LYS D 18 -6.02 29.21 42.10
C LYS D 18 -5.47 28.79 40.74
N LYS D 19 -4.22 29.17 40.46
CA LYS D 19 -3.59 28.78 39.20
C LYS D 19 -3.41 27.26 39.13
N ALA D 20 -3.05 26.63 40.25
CA ALA D 20 -2.94 25.18 40.28
C ALA D 20 -4.29 24.52 40.04
N GLY D 21 -5.35 25.04 40.66
CA GLY D 21 -6.67 24.51 40.41
C GLY D 21 -7.08 24.64 38.96
N GLU D 22 -6.80 25.80 38.36
CA GLU D 22 -7.05 25.97 36.94
C GLU D 22 -6.30 24.94 36.12
N ASN D 23 -5.00 24.81 36.37
CA ASN D 23 -4.17 23.88 35.61
C ASN D 23 -4.65 22.45 35.76
N LEU D 24 -5.27 22.12 36.89
CA LEU D 24 -5.86 20.81 37.07
C LEU D 24 -7.25 20.71 36.45
N TYR D 25 -7.89 21.83 36.13
CA TYR D 25 -9.25 21.78 35.60
C TYR D 25 -9.35 22.25 34.15
N PHE D 26 -8.99 23.50 33.85
CA PHE D 26 -9.22 24.12 32.55
C PHE D 26 -8.01 24.98 32.19
N GLN D 27 -8.19 25.85 31.19
CA GLN D 27 -7.22 26.87 30.85
C GLN D 27 -7.96 28.19 30.70
N GLY D 28 -7.45 29.23 31.35
CA GLY D 28 -8.06 30.55 31.27
C GLY D 28 -9.28 30.75 32.14
N SER D 29 -9.53 29.86 33.09
CA SER D 29 -10.69 29.98 33.97
C SER D 29 -10.46 30.93 35.14
N MET D 30 -9.25 31.44 35.31
CA MET D 30 -8.94 32.38 36.38
C MET D 30 -8.90 33.81 35.83
N LYS D 31 -8.43 34.74 36.66
CA LYS D 31 -8.55 36.16 36.36
C LYS D 31 -7.60 36.62 35.25
N ALA D 32 -6.51 35.89 35.00
CA ALA D 32 -5.50 36.30 34.02
C ALA D 32 -4.92 37.67 34.40
N ASP D 33 -4.18 37.67 35.51
CA ASP D 33 -3.73 38.88 36.20
C ASP D 33 -3.22 39.95 35.23
N TYR D 34 -3.48 41.21 35.58
CA TYR D 34 -3.39 42.31 34.63
C TYR D 34 -1.96 42.61 34.22
N LYS D 35 -0.99 42.43 35.13
CA LYS D 35 0.38 42.81 34.80
C LYS D 35 0.94 41.96 33.67
N LYS D 36 0.68 40.65 33.71
CA LYS D 36 1.13 39.77 32.64
C LYS D 36 0.48 40.13 31.32
N ILE D 37 -0.83 40.46 31.35
CA ILE D 37 -1.53 40.83 30.14
C ILE D 37 -0.96 42.11 29.55
N ASN D 38 -0.68 43.09 30.40
CA ASN D 38 -0.10 44.36 29.93
C ASN D 38 1.30 44.12 29.34
N SER D 39 2.10 43.29 30.00
CA SER D 39 3.43 42.99 29.46
C SER D 39 3.32 42.30 28.11
N ILE D 40 2.39 41.34 27.98
CA ILE D 40 2.20 40.64 26.72
C ILE D 40 1.78 41.62 25.62
N LEU D 41 0.85 42.53 25.94
CA LEU D 41 0.42 43.52 24.96
C LEU D 41 1.58 44.40 24.52
N THR D 42 2.37 44.88 25.48
CA THR D 42 3.50 45.74 25.15
C THR D 42 4.51 45.02 24.26
N TYR D 43 4.86 43.79 24.63
CA TYR D 43 5.87 43.07 23.87
C TYR D 43 5.36 42.65 22.49
N THR D 44 4.08 42.30 22.37
CA THR D 44 3.53 41.99 21.06
C THR D 44 3.49 43.23 20.17
N SER D 45 3.13 44.38 20.73
CA SER D 45 3.16 45.61 19.96
C SER D 45 4.57 45.94 19.50
N THR D 46 5.56 45.75 20.39
CA THR D 46 6.95 46.00 20.01
C THR D 46 7.41 45.04 18.93
N ALA D 47 7.03 43.76 19.03
CA ALA D 47 7.50 42.76 18.08
C ALA D 47 6.85 42.93 16.72
N LEU D 48 5.58 43.33 16.68
CA LEU D 48 4.90 43.52 15.40
C LEU D 48 5.41 44.74 14.64
N LYS D 49 6.21 45.59 15.28
CA LYS D 49 6.84 46.72 14.63
C LYS D 49 8.29 46.45 14.27
N ASN D 50 8.69 45.18 14.17
CA ASN D 50 10.05 44.80 13.85
C ASN D 50 10.10 44.30 12.41
N PRO D 51 10.83 44.97 11.51
CA PRO D 51 10.81 44.56 10.09
C PRO D 51 11.23 43.12 9.87
N LYS D 52 12.24 42.65 10.60
CA LYS D 52 12.65 41.25 10.47
C LYS D 52 11.53 40.31 10.88
N ILE D 53 10.80 40.66 11.93
CA ILE D 53 9.64 39.86 12.34
C ILE D 53 8.53 39.97 11.29
N ILE D 54 8.34 41.16 10.73
CA ILE D 54 7.31 41.37 9.72
C ILE D 54 7.56 40.47 8.50
N LYS D 55 8.83 40.31 8.13
CA LYS D 55 9.15 39.42 7.01
C LYS D 55 8.78 37.97 7.28
N ASP D 56 8.57 37.59 8.54
CA ASP D 56 8.21 36.23 8.91
C ASP D 56 6.70 36.17 9.10
N LYS D 57 6.00 35.48 8.18
CA LYS D 57 4.55 35.50 8.18
C LYS D 57 3.97 34.67 9.31
N ASP D 58 4.51 33.46 9.54
CA ASP D 58 3.97 32.59 10.58
C ASP D 58 4.12 33.21 11.96
N LEU D 59 5.30 33.80 12.23
CA LEU D 59 5.50 34.47 13.51
C LEU D 59 4.55 35.65 13.67
N VAL D 60 4.30 36.39 12.59
CA VAL D 60 3.37 37.52 12.65
C VAL D 60 1.97 37.01 12.96
N VAL D 61 1.55 35.92 12.33
CA VAL D 61 0.22 35.35 12.60
C VAL D 61 0.09 34.94 14.05
N LEU D 62 1.11 34.24 14.58
CA LEU D 62 1.06 33.79 15.96
C LEU D 62 1.07 34.96 16.94
N LEU D 63 1.88 35.98 16.67
CA LEU D 63 1.91 37.15 17.53
C LEU D 63 0.58 37.91 17.48
N THR D 64 -0.06 37.95 16.30
CA THR D 64 -1.37 38.58 16.19
C THR D 64 -2.40 37.82 17.00
N ILE D 65 -2.35 36.48 16.96
CA ILE D 65 -3.26 35.68 17.77
C ILE D 65 -3.05 35.95 19.26
N ILE D 66 -1.78 36.00 19.68
CA ILE D 66 -1.46 36.24 21.07
C ILE D 66 -1.95 37.63 21.50
N GLN D 67 -1.74 38.64 20.66
CA GLN D 67 -2.20 39.99 20.97
C GLN D 67 -3.72 40.07 21.02
N GLU D 68 -4.40 39.37 20.12
CA GLU D 68 -5.86 39.34 20.16
C GLU D 68 -6.36 38.71 21.45
N GLU D 69 -5.72 37.63 21.90
CA GLU D 69 -6.07 37.04 23.18
C GLU D 69 -5.81 38.01 24.33
N ALA D 70 -4.67 38.69 24.30
CA ALA D 70 -4.32 39.60 25.39
C ALA D 70 -5.24 40.81 25.44
N LYS D 71 -5.76 41.26 24.29
CA LYS D 71 -6.69 42.37 24.28
C LYS D 71 -7.98 42.04 25.03
N GLN D 72 -8.32 40.77 25.16
CA GLN D 72 -9.50 40.33 25.89
C GLN D 72 -9.15 39.74 27.25
N ASN D 73 -7.96 40.07 27.79
CA ASN D 73 -7.52 39.60 29.10
C ASN D 73 -7.50 38.07 29.18
N ARG D 74 -6.96 37.44 28.14
CA ARG D 74 -6.86 36.00 28.07
C ARG D 74 -5.46 35.61 27.60
N ILE D 75 -5.06 34.40 27.98
CA ILE D 75 -3.76 33.83 27.60
C ILE D 75 -3.99 32.81 26.49
N PHE D 76 -3.15 32.86 25.46
CA PHE D 76 -3.28 31.92 24.36
C PHE D 76 -2.96 30.51 24.82
N TYR D 77 -3.84 29.57 24.46
CA TYR D 77 -3.67 28.15 24.80
C TYR D 77 -3.10 27.46 23.57
N ASP D 78 -1.77 27.41 23.50
CA ASP D 78 -1.07 26.83 22.36
C ASP D 78 -1.04 25.30 22.50
N TYR D 79 -2.22 24.69 22.34
CA TYR D 79 -2.34 23.25 22.46
C TYR D 79 -1.65 22.52 21.30
N LYS D 80 -1.41 23.21 20.19
CA LYS D 80 -0.66 22.62 19.08
C LYS D 80 0.84 22.79 19.21
N ARG D 81 1.30 23.56 20.21
CA ARG D 81 2.73 23.79 20.46
C ARG D 81 3.43 24.31 19.20
N LYS D 82 3.00 25.49 18.77
CA LYS D 82 3.48 26.10 17.54
C LYS D 82 4.30 27.36 17.75
N PHE D 83 4.04 28.13 18.80
CA PHE D 83 4.66 29.44 18.95
C PHE D 83 6.17 29.33 19.18
N ARG D 84 6.59 28.50 20.13
CA ARG D 84 8.01 28.38 20.44
C ARG D 84 8.83 27.80 19.29
N PRO D 85 8.41 26.75 18.58
CA PRO D 85 9.17 26.35 17.38
C PRO D 85 9.23 27.44 16.33
N ALA D 86 8.18 28.26 16.20
CA ALA D 86 8.22 29.38 15.25
C ALA D 86 9.26 30.41 15.67
N VAL D 87 9.33 30.72 16.96
CA VAL D 87 10.35 31.65 17.46
C VAL D 87 11.74 31.08 17.24
N THR D 88 11.90 29.78 17.46
CA THR D 88 13.20 29.15 17.22
C THR D 88 13.58 29.21 15.74
N ARG D 89 12.62 28.97 14.85
CA ARG D 89 12.88 29.06 13.42
C ARG D 89 13.28 30.48 13.02
N PHE D 90 12.58 31.48 13.56
CA PHE D 90 12.94 32.87 13.27
C PHE D 90 14.34 33.18 13.77
N THR D 91 14.68 32.73 14.99
CA THR D 91 16.00 32.99 15.53
C THR D 91 17.09 32.34 14.70
N ILE D 92 16.87 31.09 14.25
CA ILE D 92 17.86 30.42 13.43
C ILE D 92 18.02 31.13 12.10
N ASP D 93 16.91 31.52 11.48
CA ASP D 93 16.98 32.23 10.20
C ASP D 93 17.59 33.62 10.33
N ASN D 94 17.65 34.18 11.53
CA ASN D 94 18.16 35.51 11.76
C ASN D 94 19.59 35.46 12.29
N ASN D 95 20.40 34.54 11.77
CA ASN D 95 21.80 34.38 12.14
C ASN D 95 21.96 34.16 13.65
N PHE D 96 21.04 33.39 14.23
CA PHE D 96 21.05 33.05 15.65
C PHE D 96 21.06 34.32 16.52
N GLU D 97 20.06 35.16 16.28
CA GLU D 97 19.87 36.38 17.05
C GLU D 97 18.38 36.60 17.26
N ILE D 98 18.01 37.03 18.46
CA ILE D 98 16.60 37.18 18.81
C ILE D 98 16.38 38.52 19.51
N PRO D 99 15.35 39.28 19.14
CA PRO D 99 15.03 40.50 19.87
C PRO D 99 14.50 40.19 21.26
N ASP D 100 14.62 41.19 22.14
CA ASP D 100 14.20 41.02 23.53
C ASP D 100 12.70 40.78 23.65
N CYS D 101 11.92 41.33 22.72
CA CYS D 101 10.46 41.15 22.79
C CYS D 101 10.08 39.68 22.64
N LEU D 102 10.70 38.97 21.70
CA LEU D 102 10.41 37.56 21.54
C LEU D 102 10.91 36.75 22.73
N VAL D 103 12.04 37.15 23.31
CA VAL D 103 12.55 36.47 24.50
C VAL D 103 11.55 36.60 25.64
N LYS D 104 10.99 37.79 25.82
CA LYS D 104 10.02 37.99 26.90
C LYS D 104 8.68 37.32 26.58
N LEU D 105 8.33 37.19 25.30
CA LEU D 105 7.09 36.54 24.92
C LEU D 105 7.19 35.02 24.89
N LEU D 106 8.40 34.46 24.96
CA LEU D 106 8.54 33.01 24.99
C LEU D 106 7.80 32.38 26.16
N SER D 107 7.59 33.13 27.24
CA SER D 107 6.91 32.64 28.43
C SER D 107 5.48 33.14 28.53
N ALA D 108 4.76 33.22 27.41
CA ALA D 108 3.42 33.78 27.37
C ALA D 108 2.38 32.81 26.80
N VAL D 109 2.73 31.54 26.62
CA VAL D 109 1.79 30.55 26.11
C VAL D 109 1.55 29.50 27.17
N GLU D 110 0.70 28.51 26.88
CA GLU D 110 0.23 27.57 27.89
C GLU D 110 0.88 26.19 27.80
N THR D 111 0.94 25.59 26.59
CA THR D 111 1.64 24.33 26.39
C THR D 111 1.13 23.23 27.32
N PRO D 112 0.02 22.54 26.96
CA PRO D 112 -0.65 21.58 27.86
C PRO D 112 0.28 20.73 28.72
N LYS D 113 -0.14 20.47 29.95
CA LYS D 113 0.75 20.17 31.07
C LYS D 113 0.80 18.69 31.45
N ALA D 114 0.20 17.80 30.65
CA ALA D 114 0.26 16.38 30.97
C ALA D 114 0.01 15.57 29.70
N TRP D 115 0.44 14.32 29.74
CA TRP D 115 0.18 13.42 28.62
C TRP D 115 0.35 11.99 29.15
N SER D 116 0.11 11.01 28.28
CA SER D 116 -0.02 9.62 28.73
C SER D 116 1.14 8.74 28.32
N GLY D 117 2.10 9.24 27.55
CA GLY D 117 3.15 8.41 27.00
C GLY D 117 2.74 7.79 25.68
N PHE D 118 3.72 7.22 24.99
CA PHE D 118 3.48 6.56 23.70
C PHE D 118 3.06 5.11 23.85
N SER D 119 3.08 4.57 25.08
CA SER D 119 2.69 3.19 25.31
C SER D 119 2.37 2.97 26.79
N ALA E 1 13.54 -32.57 3.22
CA ALA E 1 13.66 -32.29 1.79
C ALA E 1 14.59 -31.10 1.55
N ARG E 2 15.50 -31.24 0.59
CA ARG E 2 16.44 -30.19 0.26
C ARG E 2 15.90 -29.36 -0.89
N SER E 3 15.87 -28.05 -0.71
CA SER E 3 15.41 -27.12 -1.73
C SER E 3 16.57 -26.76 -2.66
N TYR E 4 16.29 -26.76 -3.96
CA TYR E 4 17.29 -26.47 -4.97
C TYR E 4 16.92 -25.32 -5.89
N GLY E 5 15.85 -24.60 -5.59
CA GLY E 5 15.47 -23.47 -6.42
C GLY E 5 14.46 -23.84 -7.49
N ASN E 6 13.63 -22.86 -7.85
CA ASN E 6 12.57 -23.04 -8.85
C ASN E 6 11.58 -24.14 -8.46
N GLY E 7 11.40 -24.33 -7.16
CA GLY E 7 10.45 -25.33 -6.69
C GLY E 7 10.90 -26.76 -6.81
N VAL E 8 12.21 -27.00 -6.88
CA VAL E 8 12.75 -28.35 -7.02
C VAL E 8 13.23 -28.82 -5.66
N TYR E 9 12.75 -29.98 -5.22
CA TYR E 9 13.14 -30.58 -3.96
C TYR E 9 13.59 -32.02 -4.20
N CYS E 10 14.42 -32.54 -3.30
CA CYS E 10 14.95 -33.89 -3.44
C CYS E 10 15.08 -34.54 -2.07
N ASN E 11 14.60 -35.76 -1.95
CA ASN E 11 14.88 -36.61 -0.80
C ASN E 11 16.23 -37.30 -1.02
N ASN E 12 16.52 -38.31 -0.21
CA ASN E 12 17.68 -39.16 -0.46
C ASN E 12 17.42 -40.20 -1.53
N LYS E 13 16.19 -40.30 -2.04
CA LYS E 13 15.85 -41.28 -3.06
C LYS E 13 15.00 -40.73 -4.21
N LYS E 14 14.50 -39.51 -4.14
CA LYS E 14 13.56 -39.01 -5.12
C LYS E 14 13.67 -37.50 -5.24
N CYS E 15 13.43 -36.99 -6.45
CA CYS E 15 13.36 -35.56 -6.73
C CYS E 15 12.01 -35.24 -7.35
N TRP E 16 11.48 -34.06 -7.02
CA TRP E 16 10.21 -33.62 -7.56
C TRP E 16 10.22 -32.09 -7.65
N VAL E 17 9.20 -31.56 -8.33
CA VAL E 17 9.06 -30.13 -8.56
C VAL E 17 7.71 -29.68 -8.04
N ASN E 18 7.71 -28.63 -7.21
CA ASN E 18 6.48 -27.97 -6.81
C ASN E 18 6.04 -27.04 -7.93
N ARG E 19 4.86 -27.31 -8.51
CA ARG E 19 4.44 -26.56 -9.70
C ARG E 19 4.13 -25.11 -9.36
N GLY E 20 3.51 -24.86 -8.21
CA GLY E 20 3.20 -23.49 -7.83
C GLY E 20 4.45 -22.66 -7.61
N GLU E 21 5.42 -23.21 -6.89
CA GLU E 21 6.67 -22.50 -6.67
C GLU E 21 7.43 -22.31 -7.98
N ALA E 22 7.39 -23.30 -8.87
CA ALA E 22 8.04 -23.15 -10.17
C ALA E 22 7.40 -22.03 -10.98
N THR E 23 6.07 -21.97 -10.98
CA THR E 23 5.38 -20.90 -11.70
C THR E 23 5.72 -19.53 -11.10
N GLN E 24 5.75 -19.45 -9.77
CA GLN E 24 6.10 -18.19 -9.12
C GLN E 24 7.54 -17.78 -9.46
N SER E 25 8.45 -18.76 -9.49
CA SER E 25 9.83 -18.46 -9.85
C SER E 25 9.93 -17.95 -11.27
N ILE E 26 9.20 -18.58 -12.20
CA ILE E 26 9.22 -18.12 -13.59
C ILE E 26 8.68 -16.71 -13.70
N ILE E 27 7.57 -16.42 -13.01
CA ILE E 27 6.96 -15.10 -13.10
C ILE E 27 7.89 -14.04 -12.52
N GLY E 28 8.47 -14.32 -11.35
CA GLY E 28 9.36 -13.35 -10.73
C GLY E 28 10.62 -13.11 -11.52
N GLY E 29 11.20 -14.18 -12.07
CA GLY E 29 12.35 -14.01 -12.94
C GLY E 29 12.01 -13.21 -14.19
N MET E 30 10.82 -13.43 -14.75
CA MET E 30 10.40 -12.67 -15.91
C MET E 30 10.29 -11.19 -15.59
N ILE E 31 9.63 -10.84 -14.49
CA ILE E 31 9.44 -9.44 -14.13
C ILE E 31 10.78 -8.78 -13.83
N SER E 32 11.62 -9.45 -13.04
CA SER E 32 12.91 -8.88 -12.69
C SER E 32 13.81 -8.71 -13.91
N GLY E 33 13.79 -9.70 -14.81
CA GLY E 33 14.60 -9.59 -16.02
C GLY E 33 14.15 -8.49 -16.93
N TRP E 34 12.83 -8.34 -17.12
CA TRP E 34 12.31 -7.24 -17.92
C TRP E 34 12.71 -5.90 -17.33
N ALA E 35 12.52 -5.74 -16.01
CA ALA E 35 12.83 -4.47 -15.37
C ALA E 35 14.33 -4.15 -15.45
N SER E 36 15.18 -5.14 -15.21
CA SER E 36 16.62 -4.89 -15.23
C SER E 36 17.13 -4.66 -16.64
N GLY E 37 16.56 -5.34 -17.63
CA GLY E 37 16.95 -5.10 -19.01
C GLY E 37 16.54 -3.72 -19.50
N LEU E 38 15.33 -3.30 -19.17
CA LEU E 38 14.87 -1.98 -19.62
C LEU E 38 15.56 -0.87 -18.84
N ALA E 39 15.85 -1.07 -17.56
CA ALA E 39 16.53 -0.06 -16.77
C ALA E 39 17.99 0.12 -17.15
N GLY E 40 18.60 -0.86 -17.80
CA GLY E 40 20.00 -0.83 -18.14
C GLY E 40 20.35 -0.33 -19.52
N MET E 41 19.39 0.21 -20.27
CA MET E 41 19.68 0.70 -21.61
C MET E 41 20.47 2.00 -21.55
N MET F 1 30.86 -48.59 -16.95
CA MET F 1 31.67 -49.81 -16.95
C MET F 1 31.51 -50.57 -18.27
N ASP F 2 30.31 -50.49 -18.85
CA ASP F 2 30.06 -51.13 -20.14
C ASP F 2 30.45 -50.26 -21.32
N LEU F 3 30.91 -49.04 -21.07
CA LEU F 3 31.26 -48.10 -22.13
C LEU F 3 32.42 -48.63 -22.98
N ASN F 4 32.14 -48.94 -24.24
CA ASN F 4 33.17 -49.39 -25.17
C ASN F 4 33.81 -48.17 -25.82
N PHE F 5 34.64 -48.40 -26.85
CA PHE F 5 35.32 -47.30 -27.52
C PHE F 5 34.33 -46.36 -28.19
N ILE F 6 33.32 -46.92 -28.86
CA ILE F 6 32.34 -46.10 -29.57
C ILE F 6 31.57 -45.22 -28.60
N GLN F 7 31.15 -45.79 -27.47
CA GLN F 7 30.39 -45.00 -26.50
C GLN F 7 31.25 -43.91 -25.87
N VAL F 8 32.52 -44.21 -25.60
CA VAL F 8 33.42 -43.19 -25.07
C VAL F 8 33.60 -42.05 -26.07
N ILE F 9 33.80 -42.39 -27.35
CA ILE F 9 33.95 -41.36 -28.38
C ILE F 9 32.69 -40.52 -28.48
N LEU F 10 31.52 -41.17 -28.45
CA LEU F 10 30.27 -40.42 -28.54
C LEU F 10 30.07 -39.51 -27.34
N VAL F 11 30.45 -39.96 -26.15
CA VAL F 11 30.35 -39.13 -24.95
C VAL F 11 31.27 -37.92 -25.08
N ILE F 12 32.49 -38.12 -25.55
CA ILE F 12 33.41 -37.01 -25.74
C ILE F 12 32.84 -36.02 -26.76
N PHE F 13 32.25 -36.53 -27.84
CA PHE F 13 31.68 -35.65 -28.86
C PHE F 13 30.51 -34.85 -28.30
N VAL F 14 29.64 -35.48 -27.50
CA VAL F 14 28.51 -34.77 -26.92
C VAL F 14 29.01 -33.70 -25.95
N ALA F 15 30.05 -34.01 -25.17
CA ALA F 15 30.63 -33.02 -24.27
C ALA F 15 31.20 -31.84 -25.06
N PHE F 16 31.90 -32.12 -26.16
CA PHE F 16 32.43 -31.05 -26.99
C PHE F 16 31.32 -30.19 -27.58
N LEU F 17 30.24 -30.82 -28.01
CA LEU F 17 29.10 -30.07 -28.54
C LEU F 17 28.48 -29.17 -27.48
N ALA F 18 28.33 -29.70 -26.26
CA ALA F 18 27.79 -28.89 -25.17
C ALA F 18 28.71 -27.72 -24.84
N GLY F 19 30.02 -27.96 -24.85
CA GLY F 19 30.96 -26.88 -24.60
C GLY F 19 30.91 -25.81 -25.67
N VAL F 20 30.80 -26.21 -26.93
CA VAL F 20 30.72 -25.25 -28.02
C VAL F 20 29.45 -24.41 -27.89
N GLU F 21 28.32 -25.06 -27.62
CA GLU F 21 27.08 -24.31 -27.45
C GLU F 21 27.02 -23.54 -26.14
N GLY F 22 27.93 -23.81 -25.21
CA GLY F 22 28.01 -22.99 -24.02
C GLY F 22 28.40 -21.56 -24.32
N ILE F 23 29.21 -21.35 -25.35
CA ILE F 23 29.59 -20.01 -25.78
C ILE F 23 28.75 -19.53 -26.95
N LEU F 24 28.45 -20.41 -27.92
CA LEU F 24 27.61 -19.99 -29.03
C LEU F 24 26.21 -19.67 -28.56
N ASP F 25 25.60 -20.59 -27.80
CA ASP F 25 24.32 -20.38 -27.15
C ASP F 25 23.24 -20.07 -28.19
N GLN F 26 23.26 -20.81 -29.29
CA GLN F 26 22.26 -20.70 -30.34
C GLN F 26 21.40 -21.95 -30.45
N PHE F 27 22.02 -23.11 -30.63
CA PHE F 27 21.26 -24.37 -30.74
C PHE F 27 20.89 -24.93 -29.38
N HIS F 28 21.53 -24.46 -28.31
CA HIS F 28 21.23 -24.87 -26.93
C HIS F 28 21.46 -26.37 -26.72
N PHE F 29 22.56 -26.89 -27.28
CA PHE F 29 22.99 -28.23 -26.93
C PHE F 29 23.57 -28.31 -25.53
N HIS F 30 23.81 -27.18 -24.87
CA HIS F 30 24.33 -27.15 -23.52
C HIS F 30 23.24 -27.14 -22.46
N GLN F 31 21.98 -27.08 -22.84
CA GLN F 31 20.90 -27.10 -21.87
C GLN F 31 20.80 -28.48 -21.23
N PRO F 32 20.41 -28.54 -19.96
CA PRO F 32 20.41 -29.83 -19.25
C PRO F 32 19.59 -30.92 -19.91
N VAL F 33 18.40 -30.60 -20.45
CA VAL F 33 17.59 -31.63 -21.09
C VAL F 33 18.32 -32.20 -22.30
N ILE F 34 18.80 -31.34 -23.19
CA ILE F 34 19.43 -31.81 -24.42
C ILE F 34 20.70 -32.60 -24.11
N ALA F 35 21.57 -32.02 -23.28
CA ALA F 35 22.87 -32.64 -23.01
C ALA F 35 22.71 -33.95 -22.25
N CYS F 36 21.88 -33.96 -21.21
CA CYS F 36 21.68 -35.17 -20.43
C CYS F 36 21.01 -36.26 -21.26
N THR F 37 20.01 -35.89 -22.06
CA THR F 37 19.36 -36.88 -22.91
C THR F 37 20.32 -37.45 -23.95
N LEU F 38 21.20 -36.61 -24.51
CA LEU F 38 22.17 -37.10 -25.47
C LEU F 38 23.18 -38.04 -24.82
N ILE F 39 23.62 -37.70 -23.60
CA ILE F 39 24.53 -38.59 -22.87
C ILE F 39 23.85 -39.93 -22.60
N GLY F 40 22.59 -39.90 -22.18
CA GLY F 40 21.86 -41.14 -21.95
C GLY F 40 21.70 -41.96 -23.23
N LEU F 41 21.37 -41.29 -24.33
CA LEU F 41 21.18 -42.01 -25.60
C LEU F 41 22.47 -42.66 -26.06
N VAL F 42 23.59 -41.95 -25.99
CA VAL F 42 24.85 -42.53 -26.45
C VAL F 42 25.32 -43.62 -25.49
N THR F 43 25.05 -43.48 -24.20
CA THR F 43 25.45 -44.49 -23.22
C THR F 43 24.42 -45.60 -23.05
N GLY F 44 23.21 -45.43 -23.58
CA GLY F 44 22.16 -46.41 -23.41
C GLY F 44 21.30 -46.22 -22.18
N ASN F 45 21.65 -45.29 -21.30
CA ASN F 45 20.88 -45.01 -20.09
C ASN F 45 19.92 -43.84 -20.32
N LEU F 46 18.96 -44.07 -21.21
CA LEU F 46 18.14 -42.98 -21.72
C LEU F 46 17.21 -42.41 -20.65
N LEU F 47 16.48 -43.28 -19.93
CA LEU F 47 15.44 -42.80 -19.04
C LEU F 47 15.98 -42.08 -17.82
N PRO F 48 16.91 -42.65 -17.04
CA PRO F 48 17.44 -41.88 -15.90
C PRO F 48 18.12 -40.59 -16.29
N CYS F 49 18.83 -40.59 -17.42
CA CYS F 49 19.49 -39.36 -17.87
C CYS F 49 18.47 -38.33 -18.33
N LEU F 50 17.37 -38.76 -18.94
CA LEU F 50 16.31 -37.84 -19.30
C LEU F 50 15.67 -37.23 -18.07
N ILE F 51 15.45 -38.03 -17.02
CA ILE F 51 14.87 -37.51 -15.79
C ILE F 51 15.82 -36.52 -15.13
N LEU F 52 17.11 -36.85 -15.08
CA LEU F 52 18.10 -35.93 -14.53
C LEU F 52 18.17 -34.65 -15.33
N GLY F 53 18.10 -34.74 -16.66
CA GLY F 53 18.10 -33.55 -17.48
C GLY F 53 16.89 -32.66 -17.23
N GLY F 54 15.71 -33.26 -17.09
CA GLY F 54 14.53 -32.47 -16.75
C GLY F 54 14.68 -31.78 -15.41
N THR F 55 15.15 -32.51 -14.40
CA THR F 55 15.31 -31.91 -13.08
C THR F 55 16.32 -30.77 -13.09
N LEU F 56 17.47 -30.99 -13.75
CA LEU F 56 18.50 -29.96 -13.78
C LEU F 56 18.06 -28.76 -14.62
N GLN F 57 17.31 -28.98 -15.71
CA GLN F 57 16.76 -27.87 -16.47
C GLN F 57 15.80 -27.05 -15.63
N MET F 58 14.98 -27.71 -14.83
CA MET F 58 14.13 -26.99 -13.88
C MET F 58 14.98 -26.18 -12.91
N ILE F 59 16.10 -26.76 -12.47
CA ILE F 59 17.02 -26.03 -11.59
C ILE F 59 17.67 -24.87 -12.31
N ALA F 60 18.05 -25.08 -13.59
CA ALA F 60 18.87 -24.14 -14.34
C ALA F 60 18.06 -23.27 -15.29
N LEU F 61 16.80 -22.97 -14.95
CA LEU F 61 15.98 -22.15 -15.83
C LEU F 61 16.51 -20.72 -15.93
N GLY F 62 16.97 -20.16 -14.81
CA GLY F 62 17.34 -18.76 -14.77
C GLY F 62 18.81 -18.47 -14.97
N TRP F 63 19.55 -19.43 -15.53
CA TRP F 63 20.98 -19.25 -15.75
C TRP F 63 21.18 -18.58 -17.10
N ALA F 64 21.25 -17.25 -17.07
CA ALA F 64 21.38 -16.43 -18.27
C ALA F 64 22.63 -15.57 -18.18
N ASN F 65 23.35 -15.47 -19.30
CA ASN F 65 24.48 -14.56 -19.41
C ASN F 65 23.98 -13.19 -19.84
N VAL F 66 24.26 -12.17 -19.03
CA VAL F 66 23.86 -10.80 -19.32
C VAL F 66 25.10 -9.93 -19.30
N GLY F 67 25.42 -9.33 -20.45
CA GLY F 67 26.63 -8.54 -20.55
C GLY F 67 27.85 -9.39 -20.29
N ALA F 68 28.78 -8.87 -19.49
CA ALA F 68 29.98 -9.61 -19.12
C ALA F 68 29.76 -10.56 -17.95
N ALA F 69 28.60 -10.48 -17.29
CA ALA F 69 28.31 -11.32 -16.15
C ALA F 69 27.79 -12.67 -16.63
N VAL F 70 28.54 -13.73 -16.31
CA VAL F 70 28.30 -15.07 -16.85
C VAL F 70 27.52 -15.90 -15.84
N ALA F 71 26.52 -16.62 -16.33
CA ALA F 71 25.71 -17.49 -15.50
C ALA F 71 26.47 -18.77 -15.15
N PRO F 72 26.01 -19.52 -14.12
CA PRO F 72 26.79 -20.69 -13.68
C PRO F 72 26.77 -21.90 -14.61
N ASP F 73 27.14 -21.71 -15.88
CA ASP F 73 27.63 -22.79 -16.75
C ASP F 73 26.83 -24.09 -16.69
N ALA F 74 25.59 -24.08 -17.20
CA ALA F 74 24.80 -25.30 -17.20
C ALA F 74 25.44 -26.44 -17.98
N ALA F 75 26.37 -26.13 -18.90
CA ALA F 75 26.95 -27.18 -19.74
C ALA F 75 27.76 -28.18 -18.93
N LEU F 76 28.71 -27.71 -18.13
CA LEU F 76 29.54 -28.63 -17.36
C LEU F 76 28.73 -29.36 -16.32
N ALA F 77 27.81 -28.66 -15.63
CA ALA F 77 26.95 -29.32 -14.68
C ALA F 77 26.20 -30.47 -15.34
N SER F 78 25.57 -30.20 -16.48
CA SER F 78 24.80 -31.22 -17.17
C SER F 78 25.67 -32.41 -17.57
N ILE F 79 26.78 -32.14 -18.25
CA ILE F 79 27.59 -33.22 -18.80
C ILE F 79 28.21 -34.05 -17.68
N ALA F 80 28.81 -33.38 -16.69
CA ALA F 80 29.47 -34.10 -15.61
C ALA F 80 28.47 -34.88 -14.77
N SER F 81 27.31 -34.29 -14.46
CA SER F 81 26.31 -35.00 -13.67
C SER F 81 25.79 -36.21 -14.42
N ALA F 82 25.53 -36.08 -15.73
CA ALA F 82 25.06 -37.23 -16.50
C ALA F 82 26.11 -38.33 -16.56
N ILE F 83 27.38 -37.96 -16.77
CA ILE F 83 28.43 -38.95 -16.85
C ILE F 83 28.61 -39.66 -15.51
N ILE F 84 28.56 -38.92 -14.41
CA ILE F 84 28.71 -39.52 -13.09
C ILE F 84 27.53 -40.42 -12.77
N LEU F 85 26.32 -40.01 -13.14
CA LEU F 85 25.15 -40.84 -12.92
C LEU F 85 25.26 -42.14 -13.72
N VAL F 86 25.73 -42.06 -14.97
CA VAL F 86 25.90 -43.27 -15.77
C VAL F 86 26.96 -44.17 -15.16
N LEU F 87 28.09 -43.61 -14.74
CA LEU F 87 29.19 -44.41 -14.22
C LEU F 87 28.86 -45.00 -12.86
N GLY F 88 28.03 -44.32 -12.07
CA GLY F 88 27.71 -44.79 -10.74
C GLY F 88 26.64 -45.85 -10.66
N GLY F 89 26.12 -46.32 -11.78
CA GLY F 89 25.02 -47.26 -11.74
C GLY F 89 23.78 -46.61 -11.16
N GLN F 90 22.96 -47.44 -10.49
CA GLN F 90 21.73 -47.02 -9.80
C GLN F 90 21.00 -45.93 -10.58
N GLY F 91 20.66 -46.26 -11.83
CA GLY F 91 20.19 -45.28 -12.80
C GLY F 91 19.09 -44.36 -12.33
N LYS F 92 17.89 -44.89 -12.10
CA LYS F 92 16.75 -44.04 -11.76
C LYS F 92 16.81 -43.51 -10.35
N ALA F 93 17.45 -44.24 -9.43
CA ALA F 93 17.56 -43.82 -8.04
C ALA F 93 18.80 -42.97 -7.77
N GLY F 94 19.72 -42.87 -8.72
CA GLY F 94 20.92 -42.06 -8.58
C GLY F 94 20.78 -40.63 -9.00
N VAL F 95 19.56 -40.18 -9.33
CA VAL F 95 19.35 -38.80 -9.78
C VAL F 95 19.61 -37.82 -8.64
N THR F 96 19.31 -38.22 -7.41
CA THR F 96 19.44 -37.30 -6.26
C THR F 96 20.90 -36.89 -6.05
N SER F 97 21.83 -37.84 -6.10
CA SER F 97 23.23 -37.51 -5.87
C SER F 97 23.79 -36.68 -7.03
N ALA F 98 23.38 -36.99 -8.26
CA ALA F 98 23.80 -36.18 -9.39
C ALA F 98 23.30 -34.74 -9.28
N ILE F 99 22.04 -34.57 -8.86
CA ILE F 99 21.50 -33.24 -8.65
C ILE F 99 22.25 -32.52 -7.54
N ALA F 100 22.61 -33.26 -6.48
CA ALA F 100 23.35 -32.65 -5.38
C ALA F 100 24.72 -32.15 -5.85
N ILE F 101 25.40 -32.92 -6.69
CA ILE F 101 26.74 -32.51 -7.14
C ILE F 101 26.72 -31.59 -8.34
N ALA F 102 25.56 -31.39 -8.98
CA ALA F 102 25.51 -30.60 -10.21
C ALA F 102 25.88 -29.14 -9.97
N VAL F 103 25.37 -28.54 -8.91
CA VAL F 103 25.52 -27.10 -8.69
C VAL F 103 26.97 -26.71 -8.42
N PRO F 104 27.71 -27.41 -7.55
CA PRO F 104 29.15 -27.11 -7.44
C PRO F 104 29.88 -27.30 -8.76
N LEU F 105 29.47 -28.30 -9.55
CA LEU F 105 30.03 -28.46 -10.88
C LEU F 105 29.68 -27.27 -11.77
N ALA F 106 28.49 -26.71 -11.58
CA ALA F 106 28.11 -25.51 -12.32
C ALA F 106 29.00 -24.33 -11.96
N VAL F 107 29.33 -24.17 -10.68
CA VAL F 107 30.21 -23.08 -10.27
C VAL F 107 31.62 -23.30 -10.80
N ALA F 108 32.10 -24.54 -10.77
CA ALA F 108 33.42 -24.84 -11.32
C ALA F 108 33.47 -24.56 -12.82
N GLY F 109 32.40 -24.90 -13.54
CA GLY F 109 32.33 -24.58 -14.95
C GLY F 109 32.27 -23.09 -15.21
N LEU F 110 31.59 -22.34 -14.33
CA LEU F 110 31.61 -20.88 -14.44
C LEU F 110 33.02 -20.34 -14.30
N LEU F 111 33.78 -20.87 -13.33
CA LEU F 111 35.18 -20.46 -13.19
C LEU F 111 35.98 -20.80 -14.45
N LEU F 112 35.79 -22.00 -14.99
CA LEU F 112 36.52 -22.41 -16.19
C LEU F 112 36.19 -21.52 -17.38
N THR F 113 34.91 -21.19 -17.55
CA THR F 113 34.53 -20.36 -18.69
C THR F 113 35.00 -18.93 -18.50
N ILE F 114 35.10 -18.45 -17.25
CA ILE F 114 35.72 -17.15 -17.02
C ILE F 114 37.18 -17.18 -17.46
N ILE F 115 37.89 -18.26 -17.13
CA ILE F 115 39.30 -18.37 -17.53
C ILE F 115 39.42 -18.38 -19.05
N VAL F 116 38.57 -19.16 -19.73
CA VAL F 116 38.67 -19.28 -21.18
C VAL F 116 38.28 -17.96 -21.86
N ARG F 117 37.26 -17.28 -21.34
CA ARG F 117 36.87 -15.99 -21.88
C ARG F 117 37.96 -14.95 -21.70
N THR F 118 38.71 -15.03 -20.59
CA THR F 118 39.88 -14.18 -20.45
C THR F 118 40.95 -14.53 -21.47
N LEU F 119 41.18 -15.83 -21.70
CA LEU F 119 42.18 -16.26 -22.66
C LEU F 119 41.83 -15.89 -24.10
N ALA F 120 40.55 -15.69 -24.40
CA ALA F 120 40.13 -15.32 -25.75
C ALA F 120 40.66 -13.96 -26.19
N THR F 121 41.14 -13.14 -25.24
CA THR F 121 41.65 -11.82 -25.58
C THR F 121 42.87 -11.90 -26.49
N GLY F 122 43.77 -12.86 -26.25
CA GLY F 122 44.92 -13.02 -27.13
C GLY F 122 44.52 -13.44 -28.53
N ILE F 123 43.51 -14.32 -28.63
CA ILE F 123 42.99 -14.71 -29.93
C ILE F 123 42.43 -13.49 -30.66
N VAL F 124 41.70 -12.65 -29.96
CA VAL F 124 41.14 -11.46 -30.58
C VAL F 124 42.24 -10.49 -31.01
N HIS F 125 43.33 -10.40 -30.22
CA HIS F 125 44.46 -9.58 -30.62
C HIS F 125 45.12 -10.11 -31.90
N ILE F 126 45.27 -11.43 -31.99
CA ILE F 126 45.80 -12.03 -33.22
C ILE F 126 44.87 -11.73 -34.40
N MET F 127 43.55 -11.78 -34.15
CA MET F 127 42.61 -11.46 -35.21
C MET F 127 42.69 -9.99 -35.61
N ASP F 128 42.98 -9.10 -34.66
CA ASP F 128 43.23 -7.71 -35.00
C ASP F 128 44.46 -7.57 -35.90
N ALA F 129 45.54 -8.29 -35.56
CA ALA F 129 46.73 -8.26 -36.39
C ALA F 129 46.41 -8.78 -37.80
N ALA F 130 45.56 -9.80 -37.90
CA ALA F 130 45.14 -10.30 -39.20
C ALA F 130 44.31 -9.25 -39.95
N ALA F 131 43.41 -8.58 -39.25
CA ALA F 131 42.55 -7.58 -39.88
C ALA F 131 43.35 -6.38 -40.38
N LYS F 132 44.48 -6.08 -39.73
CA LYS F 132 45.34 -5.02 -40.24
C LYS F 132 45.92 -5.33 -41.61
N GLU F 133 45.87 -6.59 -42.03
CA GLU F 133 46.36 -7.00 -43.35
C GLU F 133 45.23 -7.38 -44.30
N GLY F 134 43.97 -7.31 -43.86
CA GLY F 134 42.88 -7.69 -44.73
C GLY F 134 42.75 -9.18 -44.96
N ASN F 135 43.27 -10.00 -44.06
CA ASN F 135 43.27 -11.46 -44.22
C ASN F 135 41.99 -12.02 -43.62
N PHE F 136 41.06 -12.44 -44.49
CA PHE F 136 39.82 -13.06 -44.02
C PHE F 136 40.08 -14.47 -43.53
N ARG F 137 40.98 -15.20 -44.21
CA ARG F 137 41.22 -16.61 -43.88
C ARG F 137 41.76 -16.75 -42.46
N LYS F 138 42.69 -15.89 -42.07
CA LYS F 138 43.26 -15.96 -40.73
C LYS F 138 42.22 -15.65 -39.66
N ILE F 139 41.37 -14.65 -39.92
CA ILE F 139 40.32 -14.31 -38.95
C ILE F 139 39.35 -15.47 -38.79
N GLU F 140 38.94 -16.08 -39.91
CA GLU F 140 38.06 -17.24 -39.83
C GLU F 140 38.71 -18.39 -39.08
N MET F 141 39.99 -18.65 -39.37
CA MET F 141 40.70 -19.75 -38.71
C MET F 141 40.79 -19.52 -37.21
N TRP F 142 41.07 -18.29 -36.79
CA TRP F 142 41.18 -18.03 -35.36
C TRP F 142 39.83 -18.01 -34.66
N GLN F 143 38.76 -17.62 -35.37
CA GLN F 143 37.42 -17.77 -34.80
C GLN F 143 37.09 -19.26 -34.59
N TYR F 144 37.43 -20.09 -35.57
CA TYR F 144 37.23 -21.53 -35.42
C TYR F 144 38.06 -22.08 -34.27
N ILE F 145 39.29 -21.62 -34.13
CA ILE F 145 40.16 -22.07 -33.03
C ILE F 145 39.58 -21.67 -31.69
N ALA F 146 39.03 -20.46 -31.59
CA ALA F 146 38.40 -20.03 -30.34
C ALA F 146 37.20 -20.91 -29.99
N ILE F 147 36.37 -21.22 -30.99
CA ILE F 147 35.22 -22.09 -30.75
C ILE F 147 35.69 -23.47 -30.31
N ILE F 148 36.72 -24.00 -30.97
CA ILE F 148 37.23 -25.33 -30.63
C ILE F 148 37.78 -25.34 -29.20
N MET F 149 38.52 -24.30 -28.83
CA MET F 149 39.06 -24.23 -27.46
C MET F 149 37.94 -24.17 -26.43
N GLN F 150 36.89 -23.40 -26.72
CA GLN F 150 35.79 -23.31 -25.77
C GLN F 150 35.07 -24.65 -25.64
N GLY F 151 34.94 -25.39 -26.73
CA GLY F 151 34.36 -26.73 -26.64
C GLY F 151 35.25 -27.71 -25.89
N VAL F 152 36.56 -27.62 -26.13
CA VAL F 152 37.53 -28.45 -25.42
C VAL F 152 37.49 -28.18 -23.93
N ARG F 153 37.14 -26.96 -23.54
CA ARG F 153 37.03 -26.63 -22.11
C ARG F 153 36.10 -27.60 -21.39
N ILE F 154 35.04 -28.06 -22.06
CA ILE F 154 34.10 -28.99 -21.45
C ILE F 154 34.48 -30.41 -21.83
N ALA F 155 35.07 -30.58 -23.02
CA ALA F 155 35.42 -31.92 -23.48
C ALA F 155 36.52 -32.55 -22.63
N ILE F 156 37.38 -31.75 -22.00
CA ILE F 156 38.48 -32.31 -21.21
C ILE F 156 38.00 -32.88 -19.88
N PRO F 157 37.20 -32.16 -19.07
CA PRO F 157 36.71 -32.77 -17.83
C PRO F 157 35.91 -34.05 -18.05
N ALA F 158 35.16 -34.14 -19.15
CA ALA F 158 34.46 -35.38 -19.46
C ALA F 158 35.44 -36.53 -19.68
N GLY F 159 36.51 -36.26 -20.44
CA GLY F 159 37.51 -37.29 -20.65
C GLY F 159 38.24 -37.67 -19.37
N LEU F 160 38.46 -36.70 -18.48
CA LEU F 160 39.08 -37.00 -17.21
C LEU F 160 38.17 -37.86 -16.33
N ILE F 161 36.87 -37.55 -16.30
CA ILE F 161 35.94 -38.35 -15.53
C ILE F 161 35.84 -39.76 -16.11
N LEU F 162 35.91 -39.88 -17.43
CA LEU F 162 35.92 -41.20 -18.05
C LEU F 162 37.20 -41.96 -17.69
N ALA F 163 38.34 -41.26 -17.62
CA ALA F 163 39.59 -41.90 -17.25
C ALA F 163 39.54 -42.42 -15.81
N ILE F 164 38.97 -41.63 -14.90
CA ILE F 164 38.74 -42.07 -13.54
C ILE F 164 37.51 -42.97 -13.52
N GLY F 165 37.74 -44.28 -13.55
CA GLY F 165 36.69 -45.24 -13.85
C GLY F 165 35.50 -45.28 -12.92
N ALA F 166 34.57 -46.18 -13.20
CA ALA F 166 33.32 -46.25 -12.42
C ALA F 166 33.56 -46.62 -10.97
N GLY F 167 34.67 -47.30 -10.68
CA GLY F 167 34.99 -47.70 -9.32
C GLY F 167 35.08 -46.52 -8.37
N PRO F 168 36.05 -45.64 -8.59
CA PRO F 168 36.15 -44.44 -7.75
C PRO F 168 34.92 -43.56 -7.79
N VAL F 169 34.22 -43.49 -8.92
CA VAL F 169 33.00 -42.69 -8.99
C VAL F 169 31.95 -43.24 -8.03
N LYS F 170 31.76 -44.56 -8.03
CA LYS F 170 30.82 -45.16 -7.09
C LYS F 170 31.29 -45.01 -5.65
N GLU F 171 32.60 -45.15 -5.41
CA GLU F 171 33.10 -45.06 -4.05
C GLU F 171 32.96 -43.63 -3.49
N MET F 172 33.01 -42.61 -4.35
CA MET F 172 32.77 -41.26 -3.87
C MET F 172 31.29 -40.93 -3.82
N LEU F 173 30.47 -41.60 -4.64
CA LEU F 173 29.03 -41.41 -4.56
C LEU F 173 28.47 -41.97 -3.27
N THR F 174 28.95 -43.15 -2.85
CA THR F 174 28.46 -43.75 -1.62
C THR F 174 29.02 -43.07 -0.38
N ALA F 175 30.25 -42.57 -0.44
CA ALA F 175 30.92 -41.96 0.71
C ALA F 175 30.65 -40.47 0.84
N MET F 176 29.54 -39.99 0.30
CA MET F 176 29.21 -38.56 0.39
C MET F 176 28.45 -38.30 1.68
N PRO F 177 28.99 -37.49 2.59
CA PRO F 177 28.29 -37.24 3.85
C PRO F 177 27.01 -36.45 3.64
N VAL F 178 26.03 -36.71 4.50
CA VAL F 178 24.73 -36.04 4.39
C VAL F 178 24.85 -34.57 4.75
N TRP F 179 25.66 -34.26 5.77
CA TRP F 179 25.81 -32.86 6.17
C TRP F 179 26.40 -32.03 5.04
N LEU F 180 27.30 -32.60 4.24
CA LEU F 180 27.83 -31.88 3.10
C LEU F 180 26.73 -31.55 2.10
N THR F 181 25.83 -32.51 1.84
CA THR F 181 24.74 -32.27 0.90
C THR F 181 23.81 -31.19 1.42
N ASP F 182 23.46 -31.24 2.70
CA ASP F 182 22.56 -30.22 3.25
C ASP F 182 23.22 -28.84 3.27
N GLY F 183 24.51 -28.77 3.60
CA GLY F 183 25.19 -27.49 3.56
C GLY F 183 25.29 -26.93 2.15
N LEU F 184 25.53 -27.80 1.16
CA LEU F 184 25.54 -27.35 -0.23
C LEU F 184 24.18 -26.83 -0.65
N ALA F 185 23.11 -27.50 -0.23
CA ALA F 185 21.77 -27.03 -0.55
C ALA F 185 21.51 -25.66 0.09
N ILE F 186 21.92 -25.47 1.34
CA ILE F 186 21.74 -24.17 2.01
C ILE F 186 22.52 -23.08 1.28
N GLY F 187 23.76 -23.37 0.93
CA GLY F 187 24.56 -22.39 0.20
C GLY F 187 23.95 -22.04 -1.15
N GLY F 188 23.48 -23.04 -1.89
CA GLY F 188 22.82 -22.77 -3.16
C GLY F 188 21.57 -21.94 -2.98
N GLY F 189 20.84 -22.17 -1.90
CA GLY F 189 19.68 -21.33 -1.61
C GLY F 189 20.05 -19.91 -1.27
N MET F 190 21.27 -19.71 -0.75
CA MET F 190 21.74 -18.37 -0.44
C MET F 190 22.44 -17.66 -1.60
N VAL F 191 22.78 -18.39 -2.67
CA VAL F 191 23.61 -17.82 -3.74
C VAL F 191 22.94 -16.62 -4.40
N VAL F 192 21.61 -16.67 -4.58
CA VAL F 192 20.91 -15.69 -5.42
C VAL F 192 21.09 -14.25 -4.93
N ALA F 193 21.55 -14.08 -3.68
CA ALA F 193 21.79 -12.74 -3.16
C ALA F 193 22.85 -12.01 -3.97
N VAL F 194 23.80 -12.74 -4.56
CA VAL F 194 24.85 -12.09 -5.35
C VAL F 194 24.27 -11.45 -6.61
N GLY F 195 23.41 -12.19 -7.33
CA GLY F 195 22.77 -11.62 -8.49
C GLY F 195 21.85 -10.46 -8.14
N TYR F 196 21.10 -10.60 -7.04
CA TYR F 196 20.26 -9.49 -6.60
C TYR F 196 21.11 -8.26 -6.27
N ALA F 197 22.23 -8.47 -5.60
CA ALA F 197 23.12 -7.36 -5.25
C ALA F 197 23.68 -6.68 -6.50
N MET F 198 24.09 -7.47 -7.50
CA MET F 198 24.61 -6.87 -8.72
C MET F 198 23.54 -6.03 -9.40
N VAL F 199 22.33 -6.56 -9.52
CA VAL F 199 21.26 -5.84 -10.20
C VAL F 199 20.95 -4.55 -9.46
N ILE F 200 20.81 -4.63 -8.14
CA ILE F 200 20.47 -3.44 -7.36
C ILE F 200 21.59 -2.41 -7.46
N ASN F 201 22.85 -2.83 -7.32
CA ASN F 201 23.97 -1.91 -7.50
C ASN F 201 23.91 -1.22 -8.85
N MET F 202 23.54 -1.97 -9.90
CA MET F 202 23.39 -1.36 -11.22
C MET F 202 22.31 -0.29 -11.22
N MET F 203 21.17 -0.55 -10.56
CA MET F 203 20.00 0.28 -10.74
C MET F 203 19.51 0.96 -9.46
N ALA F 204 20.38 1.19 -8.48
CA ALA F 204 19.98 1.83 -7.24
C ALA F 204 20.42 3.28 -7.22
N THR F 205 19.48 4.18 -6.96
CA THR F 205 19.75 5.57 -6.64
C THR F 205 18.94 5.94 -5.40
N LYS F 206 19.30 7.08 -4.79
CA LYS F 206 18.60 7.49 -3.58
C LYS F 206 17.17 7.92 -3.85
N GLU F 207 16.78 8.09 -5.11
CA GLU F 207 15.42 8.46 -5.47
C GLU F 207 14.52 7.24 -5.65
N VAL F 208 15.08 6.05 -5.78
CA VAL F 208 14.29 4.83 -5.98
C VAL F 208 14.40 3.86 -4.80
N TRP F 209 15.26 4.13 -3.82
CA TRP F 209 15.31 3.30 -2.62
C TRP F 209 13.97 3.20 -1.90
N PRO F 210 13.17 4.26 -1.75
CA PRO F 210 11.85 4.09 -1.10
C PRO F 210 10.99 3.04 -1.76
N PHE F 211 11.02 2.92 -3.09
CA PHE F 211 10.25 1.87 -3.76
C PHE F 211 10.77 0.49 -3.39
N PHE F 212 12.09 0.35 -3.26
CA PHE F 212 12.66 -0.91 -2.81
C PHE F 212 12.14 -1.26 -1.41
N ALA F 213 12.13 -0.27 -0.51
CA ALA F 213 11.66 -0.53 0.84
C ALA F 213 10.18 -0.89 0.86
N ILE F 214 9.37 -0.20 0.06
CA ILE F 214 7.94 -0.50 0.01
C ILE F 214 7.71 -1.91 -0.52
N GLY F 215 8.43 -2.29 -1.57
CA GLY F 215 8.29 -3.64 -2.09
C GLY F 215 8.73 -4.70 -1.10
N PHE F 216 9.84 -4.44 -0.39
CA PHE F 216 10.32 -5.39 0.61
C PHE F 216 9.30 -5.59 1.72
N VAL F 217 8.69 -4.49 2.19
CA VAL F 217 7.70 -4.61 3.27
C VAL F 217 6.43 -5.27 2.77
N LEU F 218 5.99 -4.93 1.56
CA LEU F 218 4.76 -5.50 1.02
C LEU F 218 4.90 -6.97 0.67
N ALA F 219 6.13 -7.44 0.43
CA ALA F 219 6.32 -8.86 0.17
C ALA F 219 6.10 -9.71 1.42
N THR F 220 6.08 -9.11 2.61
CA THR F 220 5.82 -9.85 3.83
C THR F 220 4.36 -10.28 3.96
N ILE F 221 3.47 -9.68 3.17
CA ILE F 221 2.08 -10.13 3.13
C ILE F 221 2.03 -11.36 2.22
N SER F 222 1.88 -12.55 2.83
CA SER F 222 1.95 -13.79 2.07
C SER F 222 0.79 -13.93 1.09
N GLN F 223 -0.32 -13.23 1.34
CA GLN F 223 -1.49 -13.37 0.50
C GLN F 223 -1.35 -12.61 -0.82
N LEU F 224 -0.30 -11.80 -0.97
CA LEU F 224 -0.04 -11.09 -2.22
C LEU F 224 0.85 -11.94 -3.11
N THR F 225 0.46 -12.10 -4.37
CA THR F 225 1.24 -12.85 -5.32
C THR F 225 2.28 -11.95 -5.99
N LEU F 226 3.13 -12.58 -6.82
CA LEU F 226 4.16 -11.81 -7.51
C LEU F 226 3.58 -10.93 -8.61
N ILE F 227 2.54 -11.40 -9.29
CA ILE F 227 1.89 -10.57 -10.31
C ILE F 227 1.24 -9.35 -9.67
N GLY F 228 0.65 -9.52 -8.49
CA GLY F 228 0.09 -8.38 -7.78
C GLY F 228 1.16 -7.37 -7.39
N LEU F 229 2.29 -7.85 -6.88
CA LEU F 229 3.38 -6.95 -6.53
C LEU F 229 3.93 -6.24 -7.76
N GLY F 230 4.05 -6.95 -8.88
CA GLY F 230 4.50 -6.32 -10.11
C GLY F 230 3.53 -5.27 -10.61
N ALA F 231 2.23 -5.54 -10.51
CA ALA F 231 1.23 -4.54 -10.90
C ALA F 231 1.30 -3.32 -9.99
N ILE F 232 1.49 -3.54 -8.69
CA ILE F 232 1.64 -2.41 -7.77
C ILE F 232 2.87 -1.58 -8.14
N GLY F 233 3.99 -2.25 -8.45
CA GLY F 233 5.19 -1.52 -8.83
C GLY F 233 5.01 -0.74 -10.12
N ILE F 234 4.35 -1.33 -11.11
CA ILE F 234 4.11 -0.65 -12.37
C ILE F 234 3.21 0.56 -12.16
N SER F 235 2.16 0.41 -11.35
CA SER F 235 1.26 1.53 -11.07
C SER F 235 1.99 2.64 -10.33
N LEU F 236 2.84 2.28 -9.37
CA LEU F 236 3.60 3.29 -8.64
C LEU F 236 4.57 4.02 -9.56
N ALA F 237 5.22 3.30 -10.46
CA ALA F 237 6.11 3.94 -11.43
C ALA F 237 5.33 4.90 -12.33
N LEU F 238 4.16 4.47 -12.80
CA LEU F 238 3.35 5.33 -13.66
C LEU F 238 2.90 6.59 -12.93
N ILE F 239 2.48 6.45 -11.67
CA ILE F 239 2.04 7.61 -10.89
C ILE F 239 3.20 8.55 -10.63
N TYR F 240 4.37 8.00 -10.30
CA TYR F 240 5.55 8.83 -10.06
C TYR F 240 5.95 9.58 -11.32
N LEU F 241 5.93 8.91 -12.47
CA LEU F 241 6.26 9.59 -13.73
C LEU F 241 5.24 10.68 -14.04
N ALA F 242 3.96 10.40 -13.82
CA ALA F 242 2.93 11.41 -14.09
C ALA F 242 3.10 12.63 -13.19
N LEU F 243 3.41 12.42 -11.93
CA LEU F 243 3.61 13.53 -11.00
C LEU F 243 4.97 14.21 -11.17
N SER F 244 5.91 13.58 -11.87
CA SER F 244 7.21 14.17 -12.13
C SER F 244 7.29 14.95 -13.43
N LYS F 245 6.54 14.55 -14.46
CA LYS F 245 6.59 15.29 -15.73
C LYS F 245 6.04 16.69 -15.57
N GLN F 246 5.12 16.91 -14.64
CA GLN F 246 4.55 18.24 -14.38
C GLN F 246 5.38 18.94 -13.30
N GLY F 247 6.69 18.94 -13.51
CA GLY F 247 7.61 19.56 -12.58
C GLY F 247 9.06 19.49 -13.05
N GLU G 3 26.83 1.74 -58.24
CA GLU G 3 25.55 1.06 -58.09
C GLU G 3 25.61 -0.36 -58.64
N GLN G 4 26.74 -0.71 -59.24
CA GLN G 4 26.90 -2.05 -59.80
C GLN G 4 27.09 -3.11 -58.73
N LEU G 5 27.63 -2.75 -57.58
CA LEU G 5 27.85 -3.70 -56.49
C LEU G 5 26.55 -3.90 -55.72
N LYS G 6 26.01 -5.12 -55.79
CA LYS G 6 24.75 -5.46 -55.13
C LYS G 6 24.92 -6.76 -54.38
N LEU G 7 24.40 -6.80 -53.16
CA LEU G 7 24.45 -8.00 -52.33
C LEU G 7 23.25 -8.89 -52.68
N THR G 8 23.54 -10.06 -53.24
CA THR G 8 22.48 -10.99 -53.61
C THR G 8 21.91 -11.67 -52.36
N LYS G 9 20.85 -12.46 -52.57
CA LYS G 9 20.27 -13.18 -51.46
C LYS G 9 21.20 -14.26 -50.93
N LYS G 10 22.10 -14.77 -51.77
CA LYS G 10 23.06 -15.77 -51.31
C LYS G 10 23.99 -15.19 -50.26
N ASP G 11 24.48 -13.97 -50.46
CA ASP G 11 25.37 -13.36 -49.49
C ASP G 11 24.65 -13.07 -48.18
N ARG G 12 23.40 -12.62 -48.24
CA ARG G 12 22.65 -12.38 -47.02
C ARG G 12 22.37 -13.68 -46.29
N ILE G 13 22.10 -14.76 -47.03
CA ILE G 13 21.92 -16.07 -46.41
C ILE G 13 23.21 -16.54 -45.75
N SER G 14 24.35 -16.31 -46.41
CA SER G 14 25.63 -16.68 -45.83
C SER G 14 25.90 -15.90 -44.55
N VAL G 15 25.59 -14.60 -44.55
CA VAL G 15 25.76 -13.79 -43.34
C VAL G 15 24.84 -14.29 -42.22
N TRP G 16 23.59 -14.61 -42.57
CA TRP G 16 22.64 -15.10 -41.58
C TRP G 16 23.11 -16.43 -40.99
N LEU G 17 23.66 -17.31 -41.82
CA LEU G 17 24.20 -18.57 -41.32
C LEU G 17 25.42 -18.35 -40.43
N ARG G 18 26.33 -17.46 -40.85
CA ARG G 18 27.52 -17.19 -40.06
C ARG G 18 27.21 -16.46 -38.76
N SER G 19 26.02 -15.86 -38.65
CA SER G 19 25.65 -15.17 -37.42
C SER G 19 25.52 -16.13 -36.24
N THR G 20 25.50 -17.45 -36.48
CA THR G 20 25.51 -18.41 -35.39
C THR G 20 26.81 -18.31 -34.59
N PHE G 21 27.92 -18.02 -35.26
CA PHE G 21 29.24 -17.94 -34.63
C PHE G 21 29.55 -16.54 -34.10
N LEU G 22 28.51 -15.76 -33.77
CA LEU G 22 28.73 -14.39 -33.29
C LEU G 22 29.50 -14.37 -31.98
N GLN G 23 29.18 -15.29 -31.06
CA GLN G 23 29.82 -15.35 -29.75
C GLN G 23 30.94 -16.38 -29.70
N GLY G 24 31.59 -16.66 -30.83
CA GLY G 24 32.60 -17.71 -30.86
C GLY G 24 33.77 -17.45 -29.93
N SER G 25 34.29 -16.22 -29.93
CA SER G 25 35.40 -15.87 -29.07
C SER G 25 34.93 -15.23 -27.77
N TRP G 26 34.19 -14.13 -27.88
CA TRP G 26 33.65 -13.37 -26.77
C TRP G 26 34.72 -13.10 -25.71
N ASN G 27 35.69 -12.27 -26.08
CA ASN G 27 36.67 -11.85 -25.08
C ASN G 27 36.02 -10.86 -24.11
N TYR G 28 36.79 -10.42 -23.12
CA TYR G 28 36.25 -9.55 -22.08
C TYR G 28 36.37 -8.06 -22.40
N GLU G 29 37.20 -7.67 -23.37
CA GLU G 29 37.37 -6.26 -23.63
C GLU G 29 36.45 -5.75 -24.75
N ARG G 30 36.40 -6.43 -25.90
CA ARG G 30 35.53 -6.08 -27.02
C ARG G 30 34.69 -7.30 -27.31
N MET G 31 33.59 -7.45 -26.59
CA MET G 31 32.96 -8.76 -26.37
C MET G 31 32.68 -9.55 -27.65
N GLN G 32 31.83 -9.06 -28.54
CA GLN G 32 31.45 -9.80 -29.73
C GLN G 32 32.08 -9.26 -31.00
N ASN G 33 33.24 -8.60 -30.88
CA ASN G 33 33.86 -7.97 -32.04
C ASN G 33 34.34 -9.01 -33.06
N GLY G 34 34.97 -10.09 -32.58
CA GLY G 34 35.49 -11.08 -33.50
C GLY G 34 34.41 -11.81 -34.26
N GLY G 35 33.35 -12.21 -33.56
CA GLY G 35 32.23 -12.84 -34.25
C GLY G 35 31.53 -11.89 -35.20
N TRP G 36 31.36 -10.64 -34.79
CA TRP G 36 30.73 -9.64 -35.66
C TRP G 36 31.53 -9.46 -36.94
N ALA G 37 32.86 -9.39 -36.83
CA ALA G 37 33.67 -9.30 -38.03
C ALA G 37 33.63 -10.59 -38.84
N TYR G 38 33.48 -11.74 -38.18
CA TYR G 38 33.45 -13.01 -38.89
C TYR G 38 32.18 -13.17 -39.73
N THR G 39 31.03 -12.75 -39.19
CA THR G 39 29.79 -12.91 -39.94
C THR G 39 29.76 -12.07 -41.20
N LEU G 40 30.41 -10.89 -41.19
CA LEU G 40 30.35 -9.97 -42.31
C LEU G 40 31.36 -10.29 -43.41
N ILE G 41 32.20 -11.31 -43.22
CA ILE G 41 33.27 -11.57 -44.19
C ILE G 41 32.78 -11.79 -45.61
N PRO G 42 31.73 -12.58 -45.87
CA PRO G 42 31.26 -12.70 -47.27
C PRO G 42 30.83 -11.37 -47.87
N ALA G 43 30.14 -10.54 -47.10
CA ALA G 43 29.67 -9.26 -47.61
C ALA G 43 30.83 -8.32 -47.92
N LEU G 44 31.74 -8.14 -46.96
CA LEU G 44 32.90 -7.31 -47.20
C LEU G 44 33.83 -7.89 -48.25
N LYS G 45 33.74 -9.20 -48.49
CA LYS G 45 34.54 -9.82 -49.54
C LYS G 45 33.98 -9.52 -50.92
N LYS G 46 32.65 -9.51 -51.04
CA LYS G 46 32.04 -9.14 -52.32
C LYS G 46 32.13 -7.64 -52.58
N LEU G 47 31.94 -6.83 -51.54
CA LEU G 47 31.86 -5.38 -51.73
C LEU G 47 33.23 -4.76 -52.01
N TYR G 48 34.26 -5.18 -51.28
CA TYR G 48 35.57 -4.56 -51.35
C TYR G 48 36.58 -5.52 -51.96
N LYS G 49 37.50 -4.97 -52.76
CA LYS G 49 38.46 -5.79 -53.48
C LYS G 49 39.91 -5.29 -53.44
N THR G 50 40.15 -4.02 -53.16
CA THR G 50 41.46 -3.43 -53.45
C THR G 50 42.54 -3.79 -52.43
N LYS G 51 42.19 -4.48 -51.34
CA LYS G 51 43.04 -4.91 -50.23
C LYS G 51 43.36 -3.75 -49.28
N GLU G 52 43.00 -2.51 -49.61
CA GLU G 52 42.95 -1.45 -48.60
C GLU G 52 41.55 -1.22 -48.09
N ASP G 53 40.53 -1.39 -48.95
CA ASP G 53 39.15 -1.36 -48.49
C ASP G 53 38.84 -2.58 -47.63
N ARG G 54 39.40 -3.74 -47.98
CA ARG G 54 39.22 -4.93 -47.17
C ARG G 54 39.77 -4.73 -45.77
N SER G 55 41.02 -4.27 -45.68
CA SER G 55 41.64 -4.06 -44.37
C SER G 55 40.93 -2.97 -43.58
N ALA G 56 40.53 -1.88 -44.26
CA ALA G 56 39.81 -0.81 -43.57
C ALA G 56 38.49 -1.31 -43.02
N ALA G 57 37.74 -2.09 -43.81
CA ALA G 57 36.48 -2.63 -43.32
C ALA G 57 36.68 -3.59 -42.16
N LEU G 58 37.71 -4.44 -42.24
CA LEU G 58 37.98 -5.38 -41.16
C LEU G 58 38.32 -4.64 -39.86
N VAL G 59 39.19 -3.63 -39.95
CA VAL G 59 39.53 -2.85 -38.76
C VAL G 59 38.32 -2.10 -38.24
N ARG G 60 37.47 -1.62 -39.16
CA ARG G 60 36.25 -0.92 -38.77
C ARG G 60 35.31 -1.82 -37.98
N HIS G 61 35.19 -3.08 -38.39
CA HIS G 61 34.24 -3.99 -37.78
C HIS G 61 34.86 -4.87 -36.69
N MET G 62 36.14 -4.68 -36.39
CA MET G 62 36.77 -5.32 -35.23
C MET G 62 36.63 -4.50 -33.95
N GLU G 63 35.92 -3.38 -34.00
CA GLU G 63 35.76 -2.55 -32.81
C GLU G 63 34.73 -3.19 -31.87
N PHE G 64 34.64 -2.62 -30.67
CA PHE G 64 33.77 -3.16 -29.63
C PHE G 64 32.35 -3.37 -30.16
N PHE G 65 31.86 -4.59 -30.00
CA PHE G 65 30.47 -4.92 -30.30
C PHE G 65 29.93 -5.84 -29.23
N ASN G 66 28.69 -5.60 -28.80
CA ASN G 66 28.05 -6.47 -27.83
C ASN G 66 26.54 -6.20 -27.82
N THR G 67 25.76 -7.25 -28.01
CA THR G 67 24.31 -7.20 -27.88
C THR G 67 23.82 -8.63 -27.67
N HIS G 68 22.51 -8.77 -27.57
CA HIS G 68 21.92 -10.11 -27.57
C HIS G 68 22.21 -10.78 -28.91
N PRO G 69 22.66 -12.03 -28.92
CA PRO G 69 23.07 -12.65 -30.19
C PRO G 69 21.95 -12.79 -31.21
N TYR G 70 20.69 -12.75 -30.76
CA TYR G 70 19.57 -12.89 -31.70
C TYR G 70 19.11 -11.56 -32.26
N VAL G 71 19.10 -10.50 -31.44
CA VAL G 71 18.70 -9.18 -31.91
C VAL G 71 19.78 -8.47 -32.71
N ALA G 72 20.93 -9.12 -32.92
CA ALA G 72 21.97 -8.55 -33.78
C ALA G 72 21.64 -8.67 -35.26
N ALA G 73 20.57 -9.39 -35.61
CA ALA G 73 20.21 -9.53 -37.02
C ALA G 73 19.77 -8.21 -37.66
N PRO G 74 18.88 -7.41 -37.06
CA PRO G 74 18.58 -6.10 -37.68
C PRO G 74 19.79 -5.19 -37.79
N ILE G 75 20.67 -5.22 -36.79
CA ILE G 75 21.91 -4.44 -36.86
C ILE G 75 22.76 -4.93 -38.01
N LEU G 76 22.84 -6.25 -38.20
CA LEU G 76 23.59 -6.80 -39.32
C LEU G 76 23.01 -6.35 -40.65
N GLY G 77 21.68 -6.37 -40.76
CA GLY G 77 21.06 -5.93 -42.00
C GLY G 77 21.29 -4.46 -42.31
N VAL G 78 21.15 -3.61 -41.29
CA VAL G 78 21.42 -2.19 -41.46
C VAL G 78 22.88 -1.96 -41.85
N THR G 79 23.79 -2.68 -41.21
CA THR G 79 25.21 -2.57 -41.55
C THR G 79 25.47 -3.03 -42.98
N LEU G 80 24.78 -4.09 -43.42
CA LEU G 80 24.93 -4.55 -44.79
C LEU G 80 24.48 -3.47 -45.77
N ALA G 81 23.34 -2.85 -45.51
CA ALA G 81 22.85 -1.79 -46.38
C ALA G 81 23.83 -0.61 -46.41
N LEU G 82 24.32 -0.22 -45.23
CA LEU G 82 25.22 0.92 -45.14
C LEU G 82 26.54 0.65 -45.86
N GLU G 83 27.08 -0.56 -45.70
CA GLU G 83 28.35 -0.89 -46.36
C GLU G 83 28.17 -1.07 -47.86
N GLU G 84 26.99 -1.54 -48.29
CA GLU G 84 26.68 -1.59 -49.71
C GLU G 84 26.63 -0.19 -50.31
N GLU G 85 26.01 0.75 -49.59
CA GLU G 85 26.00 2.13 -50.05
C GLU G 85 27.41 2.71 -50.09
N ARG G 86 28.19 2.45 -49.04
CA ARG G 86 29.55 3.00 -48.96
C ARG G 86 30.43 2.45 -50.08
N ALA G 87 30.29 1.18 -50.40
CA ALA G 87 31.08 0.59 -51.48
C ALA G 87 30.71 1.17 -52.83
N ASN G 88 29.50 1.71 -52.98
CA ASN G 88 29.05 2.30 -54.22
C ASN G 88 29.46 3.75 -54.39
N GLY G 89 30.11 4.34 -53.39
CA GLY G 89 30.54 5.73 -53.45
C GLY G 89 29.76 6.69 -52.58
N ALA G 90 28.76 6.21 -51.84
CA ALA G 90 28.00 7.09 -50.97
C ALA G 90 28.86 7.59 -49.81
N PRO G 91 28.59 8.79 -49.29
CA PRO G 91 29.48 9.39 -48.28
C PRO G 91 29.13 8.97 -46.84
N ILE G 92 29.14 7.66 -46.61
CA ILE G 92 29.10 7.10 -45.26
C ILE G 92 30.53 6.68 -44.93
N ASP G 93 31.29 7.55 -44.28
CA ASP G 93 32.73 7.32 -44.19
C ASP G 93 33.09 6.36 -43.06
N ASP G 94 32.96 6.81 -41.81
CA ASP G 94 33.26 5.93 -40.68
C ASP G 94 32.30 6.14 -39.51
N VAL G 95 31.69 7.33 -39.43
CA VAL G 95 31.00 7.71 -38.20
C VAL G 95 29.58 7.17 -38.19
N THR G 96 28.90 7.14 -39.33
CA THR G 96 27.53 6.67 -39.37
C THR G 96 27.43 5.19 -39.03
N ILE G 97 28.35 4.37 -39.54
CA ILE G 97 28.30 2.94 -39.29
C ILE G 97 28.50 2.63 -37.81
N GLN G 98 29.56 3.20 -37.22
CA GLN G 98 29.82 2.98 -35.80
C GLN G 98 28.71 3.55 -34.94
N GLY G 99 28.16 4.71 -35.33
CA GLY G 99 27.06 5.28 -34.58
C GLY G 99 25.83 4.41 -34.60
N VAL G 100 25.48 3.86 -35.76
CA VAL G 100 24.35 2.94 -35.85
C VAL G 100 24.59 1.72 -34.98
N LYS G 101 25.79 1.15 -35.07
CA LYS G 101 26.11 -0.04 -34.29
C LYS G 101 25.97 0.24 -32.79
N VAL G 102 26.56 1.32 -32.32
CA VAL G 102 26.57 1.61 -30.89
C VAL G 102 25.18 1.99 -30.40
N GLY G 103 24.43 2.77 -31.18
CA GLY G 103 23.10 3.15 -30.78
C GLY G 103 22.09 2.04 -30.86
N MET G 104 22.37 1.00 -31.65
CA MET G 104 21.47 -0.15 -31.71
C MET G 104 21.82 -1.24 -30.72
N MET G 105 23.11 -1.41 -30.39
CA MET G 105 23.53 -2.52 -29.56
C MET G 105 22.95 -2.44 -28.15
N GLY G 106 22.73 -1.23 -27.63
CA GLY G 106 22.28 -1.06 -26.27
C GLY G 106 20.81 -1.37 -26.06
N PRO G 107 19.93 -0.56 -26.66
CA PRO G 107 18.49 -0.82 -26.51
C PRO G 107 18.06 -2.18 -27.01
N LEU G 108 18.67 -2.67 -28.09
CA LEU G 108 18.29 -3.99 -28.59
C LEU G 108 18.68 -5.08 -27.61
N ALA G 109 19.86 -4.98 -27.00
CA ALA G 109 20.22 -5.94 -25.96
C ALA G 109 19.28 -5.85 -24.77
N GLY G 110 18.94 -4.62 -24.35
CA GLY G 110 18.07 -4.43 -23.21
C GLY G 110 16.64 -4.90 -23.46
N ILE G 111 16.22 -4.97 -24.71
CA ILE G 111 14.90 -5.51 -25.02
C ILE G 111 14.94 -6.99 -25.38
N GLY G 112 16.09 -7.51 -25.80
CA GLY G 112 16.18 -8.90 -26.22
C GLY G 112 16.55 -9.86 -25.11
N ASP G 113 17.29 -9.37 -24.10
CA ASP G 113 17.57 -10.22 -22.94
C ASP G 113 16.30 -10.62 -22.21
N PRO G 114 15.37 -9.72 -21.85
CA PRO G 114 14.12 -10.18 -21.23
C PRO G 114 13.28 -11.05 -22.15
N VAL G 115 13.27 -10.78 -23.46
CA VAL G 115 12.39 -11.51 -24.37
C VAL G 115 12.83 -12.96 -24.49
N PHE G 116 14.13 -13.19 -24.69
CA PHE G 116 14.64 -14.52 -24.96
C PHE G 116 15.17 -15.22 -23.71
N TRP G 117 15.95 -14.53 -22.89
CA TRP G 117 16.56 -15.20 -21.73
C TRP G 117 15.57 -15.41 -20.61
N PHE G 118 14.64 -14.47 -20.41
CA PHE G 118 13.79 -14.47 -19.23
C PHE G 118 12.30 -14.67 -19.51
N THR G 119 11.88 -14.69 -20.78
CA THR G 119 10.48 -14.91 -21.10
C THR G 119 10.25 -16.18 -21.91
N VAL G 120 10.94 -16.34 -23.03
CA VAL G 120 10.69 -17.49 -23.90
C VAL G 120 11.42 -18.73 -23.39
N LYS G 121 12.71 -18.57 -23.10
CA LYS G 121 13.51 -19.70 -22.64
C LYS G 121 12.99 -20.29 -21.33
N PRO G 122 12.66 -19.52 -20.28
CA PRO G 122 12.11 -20.16 -19.08
C PRO G 122 10.83 -20.94 -19.33
N ILE G 123 9.92 -20.42 -20.16
CA ILE G 123 8.65 -21.11 -20.38
C ILE G 123 8.88 -22.40 -21.16
N ILE G 124 9.65 -22.33 -22.25
CA ILE G 124 9.87 -23.53 -23.05
C ILE G 124 10.67 -24.55 -22.26
N GLY G 125 11.66 -24.10 -21.49
CA GLY G 125 12.43 -25.01 -20.67
C GLY G 125 11.61 -25.65 -19.57
N ALA G 126 10.68 -24.90 -18.97
CA ALA G 126 9.81 -25.47 -17.97
C ALA G 126 8.90 -26.54 -18.58
N LEU G 127 8.35 -26.27 -19.76
CA LEU G 127 7.53 -27.28 -20.43
C LEU G 127 8.35 -28.53 -20.74
N ALA G 128 9.55 -28.34 -21.29
CA ALA G 128 10.39 -29.48 -21.63
C ALA G 128 10.81 -30.27 -20.40
N ALA G 129 11.14 -29.58 -19.31
CA ALA G 129 11.53 -30.25 -18.07
C ALA G 129 10.36 -31.02 -17.47
N SER G 130 9.16 -30.43 -17.51
CA SER G 130 7.98 -31.13 -17.01
C SER G 130 7.72 -32.39 -17.81
N LEU G 131 7.87 -32.31 -19.14
CA LEU G 131 7.71 -33.51 -19.96
C LEU G 131 8.80 -34.54 -19.67
N ALA G 132 10.05 -34.09 -19.49
CA ALA G 132 11.18 -35.01 -19.39
C ALA G 132 11.25 -35.69 -18.04
N MET G 133 10.86 -35.00 -16.96
CA MET G 133 10.90 -35.63 -15.64
C MET G 133 9.88 -36.75 -15.54
N SER G 134 8.80 -36.68 -16.30
CA SER G 134 7.81 -37.76 -16.36
C SER G 134 8.21 -38.86 -17.32
N GLY G 135 9.47 -38.93 -17.72
CA GLY G 135 9.96 -39.99 -18.58
C GLY G 135 9.62 -39.86 -20.04
N ASN G 136 9.04 -38.74 -20.46
CA ASN G 136 8.65 -38.54 -21.85
C ASN G 136 9.81 -37.96 -22.64
N ILE G 137 10.17 -38.64 -23.73
CA ILE G 137 11.23 -38.15 -24.62
C ILE G 137 10.79 -36.95 -25.43
N LEU G 138 9.51 -36.60 -25.40
CA LEU G 138 8.98 -35.50 -26.20
C LEU G 138 9.48 -34.14 -25.70
N GLY G 139 9.93 -34.06 -24.45
CA GLY G 139 10.36 -32.82 -23.86
C GLY G 139 11.54 -32.16 -24.55
N PRO G 140 12.69 -32.85 -24.57
CA PRO G 140 13.86 -32.29 -25.28
C PRO G 140 13.60 -32.04 -26.75
N ILE G 141 12.82 -32.89 -27.41
CA ILE G 141 12.52 -32.69 -28.83
C ILE G 141 11.73 -31.40 -29.02
N ILE G 142 10.71 -31.19 -28.18
CA ILE G 142 9.92 -29.96 -28.26
C ILE G 142 10.80 -28.76 -27.99
N TYR G 143 11.64 -28.83 -26.96
CA TYR G 143 12.51 -27.70 -26.64
C TYR G 143 13.41 -27.35 -27.81
N PHE G 144 14.11 -28.34 -28.36
CA PHE G 144 15.02 -28.09 -29.47
C PHE G 144 14.26 -27.52 -30.66
N VAL G 145 13.18 -28.16 -31.07
CA VAL G 145 12.48 -27.75 -32.28
C VAL G 145 11.92 -26.34 -32.14
N ALA G 146 11.19 -26.08 -31.05
CA ALA G 146 10.58 -24.77 -30.87
C ALA G 146 11.63 -23.68 -30.75
N TRP G 147 12.64 -23.90 -29.91
CA TRP G 147 13.66 -22.88 -29.69
C TRP G 147 14.39 -22.55 -30.99
N ASN G 148 14.81 -23.58 -31.72
CA ASN G 148 15.59 -23.34 -32.93
C ASN G 148 14.74 -22.73 -34.04
N ALA G 149 13.49 -23.17 -34.17
CA ALA G 149 12.61 -22.58 -35.17
C ALA G 149 12.39 -21.10 -34.89
N ILE G 150 12.07 -20.76 -33.65
CA ILE G 150 11.86 -19.36 -33.29
C ILE G 150 13.12 -18.55 -33.54
N ARG G 151 14.28 -19.08 -33.12
CA ARG G 151 15.53 -18.35 -33.25
C ARG G 151 15.85 -18.07 -34.73
N MET G 152 15.84 -19.11 -35.56
CA MET G 152 16.20 -18.92 -36.96
C MET G 152 15.20 -18.02 -37.69
N ALA G 153 13.90 -18.22 -37.44
CA ALA G 153 12.89 -17.39 -38.11
C ALA G 153 13.06 -15.92 -37.72
N PHE G 154 13.21 -15.66 -36.41
CA PHE G 154 13.37 -14.29 -35.95
C PHE G 154 14.61 -13.64 -36.55
N THR G 155 15.74 -14.37 -36.52
CA THR G 155 16.98 -13.79 -37.03
C THR G 155 16.88 -13.49 -38.52
N TRP G 156 16.35 -14.43 -39.30
CA TRP G 156 16.25 -14.20 -40.74
C TRP G 156 15.32 -13.03 -41.05
N TYR G 157 14.14 -13.00 -40.44
CA TYR G 157 13.17 -11.97 -40.77
C TYR G 157 13.64 -10.60 -40.30
N THR G 158 14.25 -10.52 -39.12
CA THR G 158 14.74 -9.23 -38.64
C THR G 158 15.93 -8.75 -39.46
N GLN G 159 16.79 -9.67 -39.90
CA GLN G 159 17.90 -9.27 -40.77
C GLN G 159 17.39 -8.73 -42.08
N GLU G 160 16.41 -9.38 -42.69
CA GLU G 160 15.85 -8.87 -43.94
C GLU G 160 15.15 -7.53 -43.74
N PHE G 161 14.41 -7.39 -42.63
CA PHE G 161 13.76 -6.10 -42.37
C PHE G 161 14.79 -4.99 -42.21
N GLY G 162 15.87 -5.25 -41.46
CA GLY G 162 16.90 -4.25 -41.30
C GLY G 162 17.60 -3.91 -42.60
N TYR G 163 17.88 -4.92 -43.43
CA TYR G 163 18.53 -4.67 -44.71
C TYR G 163 17.64 -3.85 -45.64
N ARG G 164 16.34 -4.16 -45.69
CA ARG G 164 15.44 -3.41 -46.54
C ARG G 164 15.05 -2.06 -45.97
N ALA G 165 15.30 -1.82 -44.68
CA ALA G 165 15.06 -0.51 -44.10
C ALA G 165 16.26 0.41 -44.34
N GLY G 166 17.43 0.01 -43.88
CA GLY G 166 18.66 0.74 -44.16
C GLY G 166 18.84 2.01 -43.35
N SER G 167 18.93 1.86 -42.02
CA SER G 167 19.21 2.95 -41.10
C SER G 167 18.03 3.92 -40.97
N LYS G 168 16.98 3.69 -41.75
CA LYS G 168 15.80 4.54 -41.66
C LYS G 168 15.07 4.31 -40.34
N ILE G 169 15.09 3.07 -39.84
CA ILE G 169 14.47 2.77 -38.56
C ILE G 169 15.18 3.50 -37.42
N THR G 170 16.49 3.74 -37.59
CA THR G 170 17.23 4.47 -36.57
C THR G 170 16.73 5.90 -36.42
N GLU G 171 16.53 6.60 -37.55
CA GLU G 171 16.03 7.97 -37.49
C GLU G 171 14.54 8.00 -37.20
N ASP G 172 13.85 6.87 -37.39
CA ASP G 172 12.43 6.79 -37.09
C ASP G 172 12.14 7.06 -35.61
N LEU G 173 12.85 6.37 -34.73
CA LEU G 173 12.51 6.37 -33.31
C LEU G 173 13.74 6.75 -32.49
N SER G 174 13.66 6.57 -31.16
CA SER G 174 14.73 6.82 -30.20
C SER G 174 14.89 8.31 -29.92
N GLY G 175 14.95 8.66 -28.64
CA GLY G 175 15.01 10.05 -28.21
C GLY G 175 14.93 10.15 -26.71
N GLY G 176 14.08 11.05 -26.21
CA GLY G 176 13.84 11.17 -24.78
C GLY G 176 12.92 10.12 -24.20
N ILE G 177 12.34 9.27 -25.04
CA ILE G 177 11.49 8.20 -24.54
C ILE G 177 12.31 7.18 -23.76
N LEU G 178 13.55 6.93 -24.16
CA LEU G 178 14.41 5.98 -23.48
C LEU G 178 14.78 6.41 -22.07
N GLN G 179 14.64 7.69 -21.73
CA GLN G 179 14.83 8.15 -20.37
C GLN G 179 13.63 7.85 -19.48
N ASP G 180 12.42 8.11 -19.98
CA ASP G 180 11.23 7.77 -19.22
C ASP G 180 11.10 6.26 -19.04
N ILE G 181 11.40 5.49 -20.09
CA ILE G 181 11.34 4.05 -19.97
C ILE G 181 12.36 3.56 -18.94
N THR G 182 13.57 4.10 -18.98
CA THR G 182 14.59 3.71 -18.00
C THR G 182 14.17 4.06 -16.59
N LYS G 183 13.58 5.24 -16.40
CA LYS G 183 13.13 5.65 -15.07
C LYS G 183 12.05 4.73 -14.53
N GLY G 184 11.02 4.46 -15.35
CA GLY G 184 9.95 3.59 -14.91
C GLY G 184 10.43 2.17 -14.65
N ALA G 185 11.33 1.68 -15.50
CA ALA G 185 11.91 0.36 -15.29
C ALA G 185 12.73 0.33 -14.02
N SER G 186 13.44 1.40 -13.71
CA SER G 186 14.21 1.46 -12.46
C SER G 186 13.29 1.40 -11.25
N ILE G 187 12.17 2.13 -11.29
CA ILE G 187 11.25 2.13 -10.16
C ILE G 187 10.64 0.73 -9.98
N LEU G 188 10.13 0.15 -11.07
CA LEU G 188 9.52 -1.17 -10.99
C LEU G 188 10.53 -2.22 -10.57
N GLY G 189 11.76 -2.13 -11.09
CA GLY G 189 12.78 -3.09 -10.73
C GLY G 189 13.21 -3.00 -9.28
N MET G 190 13.33 -1.79 -8.74
CA MET G 190 13.63 -1.66 -7.33
C MET G 190 12.52 -2.26 -6.47
N PHE G 191 11.27 -1.99 -6.83
CA PHE G 191 10.15 -2.59 -6.10
C PHE G 191 10.21 -4.12 -6.14
N ILE G 192 10.34 -4.68 -7.35
CA ILE G 192 10.30 -6.13 -7.50
C ILE G 192 11.54 -6.79 -6.91
N LEU G 193 12.69 -6.12 -6.94
CA LEU G 193 13.88 -6.67 -6.31
C LEU G 193 13.79 -6.64 -4.80
N GLY G 194 13.15 -5.62 -4.23
CA GLY G 194 12.85 -5.67 -2.80
C GLY G 194 11.97 -6.85 -2.46
N SER G 195 10.93 -7.08 -3.27
CA SER G 195 10.06 -8.23 -3.03
C SER G 195 10.83 -9.54 -3.14
N LEU G 196 11.69 -9.67 -4.15
CA LEU G 196 12.44 -10.90 -4.35
C LEU G 196 13.49 -11.11 -3.27
N VAL G 197 14.10 -10.04 -2.77
CA VAL G 197 15.03 -10.18 -1.65
C VAL G 197 14.27 -10.63 -0.41
N ASN G 198 13.06 -10.12 -0.21
CA ASN G 198 12.25 -10.54 0.93
C ASN G 198 11.87 -12.02 0.83
N ARG G 199 11.50 -12.49 -0.37
CA ARG G 199 10.83 -13.78 -0.48
C ARG G 199 11.73 -14.92 -0.94
N TRP G 200 12.77 -14.67 -1.74
CA TRP G 200 13.51 -15.75 -2.38
C TRP G 200 14.91 -15.97 -1.83
N VAL G 201 15.45 -15.03 -1.07
CA VAL G 201 16.76 -15.23 -0.44
C VAL G 201 16.51 -16.01 0.86
N SER G 202 16.95 -17.27 0.88
CA SER G 202 16.62 -18.20 1.95
C SER G 202 17.72 -18.18 2.99
N VAL G 203 17.50 -17.46 4.08
CA VAL G 203 18.42 -17.42 5.23
C VAL G 203 17.57 -17.79 6.45
N LYS G 204 17.54 -19.08 6.79
CA LYS G 204 16.74 -19.58 7.90
C LYS G 204 17.64 -20.09 9.01
N PHE G 205 17.30 -19.74 10.24
CA PHE G 205 18.09 -20.12 11.41
C PHE G 205 17.32 -21.15 12.23
N THR G 206 17.97 -22.27 12.53
CA THR G 206 17.41 -23.36 13.31
C THR G 206 17.39 -23.17 14.82
N PRO G 207 18.46 -22.63 15.46
CA PRO G 207 18.58 -22.77 16.92
C PRO G 207 17.43 -22.10 17.66
N THR G 208 17.09 -22.68 18.81
CA THR G 208 16.07 -22.16 19.70
C THR G 208 16.71 -21.35 20.82
N VAL G 209 16.11 -20.22 21.16
CA VAL G 209 16.66 -19.34 22.17
C VAL G 209 16.02 -19.53 23.55
N SER G 210 14.80 -20.05 23.61
CA SER G 210 14.13 -20.24 24.89
C SER G 210 13.04 -21.29 24.74
N SER G 211 12.85 -22.09 25.80
CA SER G 211 11.78 -23.09 25.87
C SER G 211 11.22 -23.03 27.29
N VAL G 212 10.20 -22.20 27.48
CA VAL G 212 9.61 -21.99 28.80
C VAL G 212 8.46 -22.96 29.01
N LYS G 213 8.20 -23.28 30.26
CA LYS G 213 7.05 -24.11 30.63
C LYS G 213 5.86 -23.19 30.90
N LEU G 214 4.87 -23.26 30.01
CA LEU G 214 3.72 -22.38 30.11
C LEU G 214 2.73 -22.89 31.15
N ASP G 215 1.89 -21.96 31.63
CA ASP G 215 1.09 -22.21 32.82
C ASP G 215 -0.05 -23.18 32.53
N LYS G 216 -0.79 -23.51 33.59
CA LYS G 216 -1.83 -24.54 33.56
C LYS G 216 -2.95 -24.19 32.58
N GLY G 217 -3.38 -22.95 32.57
CA GLY G 217 -4.51 -22.55 31.77
C GLY G 217 -4.21 -22.22 30.31
N ALA G 218 -2.97 -22.38 29.88
CA ALA G 218 -2.58 -22.00 28.53
C ALA G 218 -2.41 -23.18 27.58
N PHE G 219 -2.35 -24.41 28.08
CA PHE G 219 -2.30 -25.58 27.23
C PHE G 219 -3.57 -26.42 27.39
N ILE G 220 -3.76 -27.33 26.43
CA ILE G 220 -5.04 -28.03 26.31
C ILE G 220 -5.24 -29.01 27.47
N ASP G 221 -4.17 -29.58 28.01
CA ASP G 221 -4.25 -30.56 29.11
C ASP G 221 -5.06 -31.78 28.67
N TRP G 222 -4.48 -32.51 27.72
CA TRP G 222 -5.15 -33.65 27.11
C TRP G 222 -5.56 -34.70 28.13
N ASP G 223 -4.88 -34.76 29.28
CA ASP G 223 -5.25 -35.73 30.30
C ASP G 223 -6.67 -35.51 30.80
N LYS G 224 -7.05 -34.26 31.03
CA LYS G 224 -8.42 -33.92 31.45
C LYS G 224 -9.17 -33.47 30.20
N LEU G 225 -9.64 -34.44 29.44
CA LEU G 225 -10.36 -34.21 28.20
C LEU G 225 -11.47 -35.24 28.07
N PRO G 226 -12.61 -34.85 27.50
CA PRO G 226 -13.70 -35.82 27.28
C PRO G 226 -13.28 -36.89 26.28
N SER G 227 -14.13 -37.91 26.18
CA SER G 227 -13.89 -39.06 25.31
C SER G 227 -14.86 -39.04 24.15
N GLY G 228 -14.39 -39.51 22.99
CA GLY G 228 -15.25 -39.57 21.82
C GLY G 228 -15.29 -38.25 21.06
N ALA G 229 -16.43 -38.02 20.40
CA ALA G 229 -16.58 -36.80 19.61
C ALA G 229 -16.58 -35.55 20.49
N LYS G 230 -17.03 -35.70 21.74
CA LYS G 230 -16.99 -34.57 22.67
C LYS G 230 -15.56 -34.13 22.94
N GLY G 231 -14.65 -35.10 23.10
CA GLY G 231 -13.25 -34.74 23.29
C GLY G 231 -12.66 -34.04 22.09
N ILE G 232 -12.99 -34.50 20.88
CA ILE G 232 -12.51 -33.85 19.66
C ILE G 232 -13.05 -32.43 19.58
N GLN G 233 -14.33 -32.24 19.89
CA GLN G 233 -14.91 -30.90 19.87
C GLN G 233 -14.23 -30.00 20.88
N SER G 234 -13.99 -30.51 22.09
CA SER G 234 -13.32 -29.70 23.11
C SER G 234 -11.91 -29.32 22.68
N ALA G 235 -11.18 -30.27 22.10
CA ALA G 235 -9.83 -29.99 21.64
C ALA G 235 -9.82 -28.94 20.55
N LEU G 236 -10.74 -29.06 19.58
CA LEU G 236 -10.81 -28.09 18.50
C LEU G 236 -11.18 -26.71 19.02
N GLN G 237 -12.13 -26.64 19.97
CA GLN G 237 -12.52 -25.36 20.53
C GLN G 237 -11.37 -24.72 21.30
N GLN G 238 -10.64 -25.51 22.09
CA GLN G 238 -9.52 -24.96 22.85
C GLN G 238 -8.40 -24.51 21.93
N GLN G 239 -8.16 -25.24 20.83
CA GLN G 239 -7.17 -24.80 19.86
C GLN G 239 -7.61 -23.50 19.19
N ALA G 240 -8.90 -23.36 18.90
CA ALA G 240 -9.40 -22.13 18.31
C ALA G 240 -9.27 -20.95 19.27
N GLN G 241 -9.36 -21.20 20.57
CA GLN G 241 -9.18 -20.14 21.56
C GLN G 241 -7.72 -19.71 21.71
N GLY G 242 -6.79 -20.44 21.10
CA GLY G 242 -5.38 -20.08 21.16
C GLY G 242 -4.55 -20.87 22.15
N LEU G 243 -5.13 -21.86 22.81
CA LEU G 243 -4.37 -22.67 23.75
C LEU G 243 -3.31 -23.50 23.01
N SER G 244 -2.13 -23.60 23.62
CA SER G 244 -1.04 -24.33 23.00
C SER G 244 -1.31 -25.82 23.00
N LEU G 245 -0.81 -26.51 21.96
CA LEU G 245 -0.93 -27.95 21.86
C LEU G 245 0.03 -28.69 22.79
N THR G 246 0.99 -27.99 23.39
CA THR G 246 1.93 -28.57 24.33
C THR G 246 2.07 -27.66 25.53
N ASP G 247 2.66 -28.18 26.59
CA ASP G 247 2.87 -27.44 27.82
C ASP G 247 4.15 -26.62 27.81
N HIS G 248 4.90 -26.64 26.71
CA HIS G 248 6.13 -25.87 26.58
C HIS G 248 6.03 -24.96 25.36
N LYS G 249 6.50 -23.73 25.51
CA LYS G 249 6.52 -22.76 24.42
C LYS G 249 7.96 -22.59 23.95
N ILE G 250 8.24 -23.07 22.74
CA ILE G 250 9.58 -23.02 22.16
C ILE G 250 9.67 -21.82 21.23
N THR G 251 10.65 -20.95 21.47
CA THR G 251 10.92 -19.79 20.64
C THR G 251 12.26 -19.98 19.97
N THR G 252 12.30 -19.81 18.65
CA THR G 252 13.52 -19.95 17.87
C THR G 252 14.10 -18.58 17.54
N LEU G 253 15.36 -18.60 17.09
CA LEU G 253 16.00 -17.36 16.65
C LEU G 253 15.29 -16.78 15.44
N GLN G 254 14.81 -17.65 14.55
CA GLN G 254 14.04 -17.19 13.40
C GLN G 254 12.77 -16.47 13.85
N ASP G 255 12.12 -16.97 14.91
CA ASP G 255 10.94 -16.29 15.44
C ASP G 255 11.28 -14.90 15.95
N ASN G 256 12.40 -14.76 16.65
CA ASN G 256 12.81 -13.45 17.14
C ASN G 256 13.13 -12.51 15.99
N LEU G 257 13.79 -13.02 14.94
CA LEU G 257 14.09 -12.19 13.79
C LEU G 257 12.83 -11.75 13.06
N ASP G 258 11.86 -12.66 12.90
CA ASP G 258 10.61 -12.31 12.26
C ASP G 258 9.74 -11.40 13.12
N SER G 259 9.99 -11.38 14.43
CA SER G 259 9.27 -10.43 15.29
C SER G 259 9.56 -8.99 14.87
N LEU G 260 10.80 -8.70 14.46
CA LEU G 260 11.13 -7.39 13.93
C LEU G 260 10.53 -7.21 12.54
N ILE G 261 10.96 -8.03 11.59
CA ILE G 261 10.37 -8.07 10.25
C ILE G 261 10.85 -9.34 9.55
N PRO G 262 9.98 -10.07 8.86
CA PRO G 262 10.45 -11.23 8.08
C PRO G 262 11.40 -10.81 6.98
N GLY G 263 12.39 -11.65 6.73
CA GLY G 263 13.37 -11.39 5.69
C GLY G 263 14.49 -10.45 6.10
N LEU G 264 14.69 -10.23 7.39
CA LEU G 264 15.73 -9.31 7.83
C LEU G 264 17.12 -9.85 7.52
N ALA G 265 17.35 -11.14 7.75
CA ALA G 265 18.66 -11.73 7.45
C ALA G 265 18.94 -11.72 5.95
N ALA G 266 17.91 -11.96 5.13
CA ALA G 266 18.09 -11.90 3.69
C ALA G 266 18.46 -10.51 3.24
N LEU G 267 17.80 -9.48 3.79
CA LEU G 267 18.13 -8.10 3.44
C LEU G 267 19.55 -7.75 3.88
N GLY G 268 19.95 -8.19 5.08
CA GLY G 268 21.30 -7.93 5.54
C GLY G 268 22.35 -8.60 4.66
N LEU G 269 22.09 -9.84 4.27
CA LEU G 269 23.02 -10.53 3.38
C LEU G 269 23.10 -9.85 2.02
N THR G 270 21.96 -9.40 1.48
CA THR G 270 21.98 -8.70 0.21
C THR G 270 22.76 -7.40 0.28
N LEU G 271 22.57 -6.63 1.37
CA LEU G 271 23.32 -5.39 1.52
C LEU G 271 24.81 -5.66 1.69
N PHE G 272 25.16 -6.71 2.43
CA PHE G 272 26.57 -7.06 2.57
C PHE G 272 27.18 -7.47 1.23
N CYS G 273 26.42 -8.20 0.42
CA CYS G 273 26.90 -8.57 -0.91
C CYS G 273 27.09 -7.33 -1.79
N MET G 274 26.16 -6.37 -1.69
CA MET G 274 26.31 -5.10 -2.40
C MET G 274 27.60 -4.40 -2.00
N TRP G 275 27.85 -4.32 -0.69
CA TRP G 275 29.07 -3.65 -0.21
C TRP G 275 30.31 -4.38 -0.68
N LEU G 276 30.29 -5.72 -0.66
CA LEU G 276 31.44 -6.48 -1.13
C LEU G 276 31.68 -6.27 -2.62
N LEU G 277 30.61 -6.25 -3.41
CA LEU G 277 30.77 -6.00 -4.85
C LEU G 277 31.32 -4.60 -5.10
N LYS G 278 30.88 -3.61 -4.31
CA LYS G 278 31.42 -2.27 -4.45
C LYS G 278 32.91 -2.22 -4.15
N LYS G 279 33.38 -3.12 -3.29
CA LYS G 279 34.79 -3.16 -2.90
C LYS G 279 35.65 -4.00 -3.85
N LYS G 280 35.21 -4.18 -5.09
CA LYS G 280 35.98 -4.86 -6.13
C LYS G 280 36.26 -6.32 -5.78
N VAL G 281 35.36 -6.94 -5.03
CA VAL G 281 35.44 -8.38 -4.78
C VAL G 281 34.67 -9.11 -5.87
N SER G 282 35.32 -10.09 -6.50
CA SER G 282 34.72 -10.77 -7.64
C SER G 282 33.50 -11.57 -7.19
N PRO G 283 32.43 -11.62 -8.00
CA PRO G 283 31.22 -12.35 -7.59
C PRO G 283 31.44 -13.83 -7.39
N ILE G 284 32.39 -14.44 -8.09
CA ILE G 284 32.62 -15.88 -7.96
C ILE G 284 33.17 -16.20 -6.57
N VAL G 285 34.03 -15.33 -6.05
CA VAL G 285 34.51 -15.49 -4.69
C VAL G 285 33.36 -15.41 -3.70
N ILE G 286 32.41 -14.49 -3.95
CA ILE G 286 31.26 -14.35 -3.06
C ILE G 286 30.38 -15.59 -3.12
N ILE G 287 30.20 -16.18 -4.32
CA ILE G 287 29.38 -17.37 -4.45
C ILE G 287 30.03 -18.55 -3.71
N LEU G 288 31.33 -18.74 -3.91
CA LEU G 288 32.03 -19.81 -3.19
C LEU G 288 31.98 -19.58 -1.69
N GLY G 289 32.13 -18.34 -1.26
CA GLY G 289 32.04 -18.03 0.16
C GLY G 289 30.67 -18.30 0.73
N LEU G 290 29.62 -18.04 -0.06
CA LEU G 290 28.27 -18.34 0.39
C LEU G 290 28.07 -19.84 0.54
N PHE G 291 28.61 -20.63 -0.39
CA PHE G 291 28.55 -22.08 -0.25
C PHE G 291 29.27 -22.54 1.03
N VAL G 292 30.45 -21.97 1.27
CA VAL G 292 31.23 -22.34 2.45
C VAL G 292 30.50 -21.94 3.72
N VAL G 293 29.89 -20.76 3.74
CA VAL G 293 29.14 -20.30 4.90
C VAL G 293 27.95 -21.22 5.16
N GLY G 294 27.25 -21.62 4.10
CA GLY G 294 26.15 -22.57 4.28
C GLY G 294 26.62 -23.87 4.89
N ILE G 295 27.73 -24.43 4.38
CA ILE G 295 28.24 -25.68 4.92
C ILE G 295 28.63 -25.52 6.38
N VAL G 296 29.36 -24.45 6.71
CA VAL G 296 29.83 -24.24 8.07
C VAL G 296 28.66 -24.04 9.03
N PHE G 297 27.68 -23.23 8.62
CA PHE G 297 26.52 -22.99 9.48
C PHE G 297 25.70 -24.25 9.68
N HIS G 298 25.61 -25.11 8.67
CA HIS G 298 24.98 -26.41 8.89
C HIS G 298 25.78 -27.24 9.89
N LEU G 299 27.10 -27.22 9.78
CA LEU G 299 27.93 -27.97 10.72
C LEU G 299 27.82 -27.44 12.14
N LEU G 300 27.52 -26.15 12.30
CA LEU G 300 27.42 -25.53 13.61
C LEU G 300 25.98 -25.44 14.10
N HIS G 301 25.04 -26.10 13.42
CA HIS G 301 23.63 -26.13 13.79
C HIS G 301 22.98 -24.75 13.78
N LEU G 302 23.59 -23.79 13.09
CA LEU G 302 22.99 -22.47 12.95
C LEU G 302 21.99 -22.39 11.80
N MET G 303 22.14 -23.24 10.80
CA MET G 303 21.25 -23.23 9.64
C MET G 303 20.79 -24.64 9.29
N THR H 14 52.61 -14.44 -20.54
CA THR H 14 52.08 -14.98 -19.30
C THR H 14 51.18 -13.95 -18.60
N SER H 15 50.97 -12.81 -19.24
CA SER H 15 50.11 -11.78 -18.67
C SER H 15 48.65 -12.19 -18.67
N LEU H 16 48.24 -13.03 -19.63
CA LEU H 16 46.85 -13.48 -19.67
C LEU H 16 46.51 -14.33 -18.45
N TYR H 17 47.44 -15.19 -18.01
CA TYR H 17 47.19 -15.99 -16.81
C TYR H 17 47.06 -15.12 -15.57
N LYS H 18 47.91 -14.10 -15.45
CA LYS H 18 47.78 -13.16 -14.33
C LYS H 18 46.46 -12.42 -14.38
N LYS H 19 46.03 -12.02 -15.59
CA LYS H 19 44.74 -11.36 -15.73
C LYS H 19 43.59 -12.27 -15.34
N ALA H 20 43.68 -13.56 -15.71
CA ALA H 20 42.65 -14.51 -15.31
C ALA H 20 42.62 -14.69 -13.79
N GLY H 21 43.80 -14.77 -13.16
CA GLY H 21 43.84 -14.85 -11.71
C GLY H 21 43.23 -13.63 -11.05
N GLU H 22 43.54 -12.44 -11.57
CA GLU H 22 42.91 -11.22 -11.07
C GLU H 22 41.40 -11.30 -11.21
N ASN H 23 40.92 -11.64 -12.40
CA ASN H 23 39.48 -11.68 -12.66
C ASN H 23 38.79 -12.69 -11.76
N LEU H 24 39.50 -13.74 -11.35
CA LEU H 24 38.95 -14.68 -10.40
C LEU H 24 39.08 -14.21 -8.96
N TYR H 25 39.93 -13.20 -8.68
CA TYR H 25 40.14 -12.76 -7.31
C TYR H 25 39.64 -11.35 -7.05
N PHE H 26 40.17 -10.35 -7.74
CA PHE H 26 39.88 -8.93 -7.48
C PHE H 26 39.77 -8.18 -8.80
N GLN H 27 39.82 -6.85 -8.71
CA GLN H 27 39.91 -5.99 -9.88
C GLN H 27 41.03 -4.98 -9.64
N GLY H 28 41.92 -4.84 -10.62
CA GLY H 28 43.01 -3.91 -10.51
C GLY H 28 44.19 -4.38 -9.69
N SER H 29 44.27 -5.66 -9.36
CA SER H 29 45.36 -6.19 -8.54
C SER H 29 46.61 -6.48 -9.34
N MET H 30 46.57 -6.36 -10.67
CA MET H 30 47.72 -6.60 -11.53
C MET H 30 48.35 -5.27 -11.94
N LYS H 31 49.30 -5.34 -12.88
CA LYS H 31 50.13 -4.19 -13.21
C LYS H 31 49.37 -3.11 -14.00
N ALA H 32 48.30 -3.47 -14.70
CA ALA H 32 47.56 -2.53 -15.55
C ALA H 32 48.49 -1.93 -16.62
N ASP H 33 48.90 -2.81 -17.53
CA ASP H 33 49.95 -2.53 -18.51
C ASP H 33 49.87 -1.13 -19.12
N TYR H 34 51.06 -0.57 -19.38
CA TYR H 34 51.17 0.86 -19.65
C TYR H 34 50.52 1.26 -20.97
N LYS H 35 50.53 0.37 -21.96
CA LYS H 35 50.01 0.74 -23.27
C LYS H 35 48.51 1.04 -23.22
N LYS H 36 47.75 0.21 -22.51
CA LYS H 36 46.31 0.45 -22.39
C LYS H 36 46.05 1.73 -21.61
N ILE H 37 46.82 1.99 -20.56
CA ILE H 37 46.64 3.20 -19.77
C ILE H 37 46.92 4.43 -20.61
N ASN H 38 48.00 4.40 -21.42
CA ASN H 38 48.32 5.53 -22.28
C ASN H 38 47.25 5.75 -23.33
N SER H 39 46.74 4.66 -23.91
CA SER H 39 45.65 4.80 -24.89
C SER H 39 44.41 5.40 -24.24
N ILE H 40 44.08 4.95 -23.03
CA ILE H 40 42.91 5.49 -22.33
C ILE H 40 43.09 6.97 -22.05
N LEU H 41 44.29 7.37 -21.61
CA LEU H 41 44.56 8.77 -21.34
C LEU H 41 44.41 9.60 -22.62
N THR H 42 44.98 9.11 -23.73
CA THR H 42 44.91 9.85 -24.98
C THR H 42 43.46 10.01 -25.45
N TYR H 43 42.68 8.93 -25.41
CA TYR H 43 41.31 9.01 -25.89
C TYR H 43 40.43 9.83 -24.95
N THR H 44 40.67 9.77 -23.64
CA THR H 44 39.91 10.62 -22.73
C THR H 44 40.23 12.09 -22.95
N SER H 45 41.50 12.42 -23.16
CA SER H 45 41.86 13.80 -23.45
C SER H 45 41.23 14.27 -24.75
N THR H 46 41.21 13.41 -25.77
CA THR H 46 40.57 13.77 -27.03
C THR H 46 39.07 13.97 -26.86
N ALA H 47 38.41 13.09 -26.09
CA ALA H 47 36.97 13.15 -25.94
C ALA H 47 36.54 14.36 -25.11
N LEU H 48 37.33 14.71 -24.09
CA LEU H 48 36.97 15.85 -23.25
C LEU H 48 37.14 17.18 -23.97
N LYS H 49 37.78 17.17 -25.15
CA LYS H 49 37.89 18.36 -25.98
C LYS H 49 36.88 18.38 -27.12
N ASN H 50 35.80 17.62 -27.00
CA ASN H 50 34.77 17.55 -28.02
C ASN H 50 33.55 18.31 -27.56
N PRO H 51 33.16 19.39 -28.24
CA PRO H 51 32.04 20.21 -27.74
C PRO H 51 30.73 19.44 -27.56
N LYS H 52 30.43 18.51 -28.47
CA LYS H 52 29.23 17.70 -28.32
C LYS H 52 29.29 16.86 -27.07
N ILE H 53 30.47 16.30 -26.77
CA ILE H 53 30.65 15.55 -25.54
C ILE H 53 30.56 16.48 -24.34
N ILE H 54 31.12 17.68 -24.44
CA ILE H 54 31.07 18.65 -23.35
C ILE H 54 29.63 19.00 -22.99
N LYS H 55 28.76 19.10 -24.00
CA LYS H 55 27.36 19.39 -23.73
C LYS H 55 26.68 18.28 -22.93
N ASP H 56 27.25 17.07 -22.91
CA ASP H 56 26.69 15.94 -22.18
C ASP H 56 27.39 15.84 -20.83
N LYS H 57 26.65 16.14 -19.75
CA LYS H 57 27.27 16.23 -18.44
C LYS H 57 27.62 14.86 -17.86
N ASP H 58 26.72 13.89 -18.01
CA ASP H 58 26.98 12.55 -17.45
C ASP H 58 28.17 11.89 -18.12
N LEU H 59 28.25 11.99 -19.45
CA LEU H 59 29.39 11.44 -20.16
C LEU H 59 30.68 12.12 -19.75
N VAL H 60 30.63 13.44 -19.55
CA VAL H 60 31.82 14.17 -19.10
C VAL H 60 32.25 13.69 -17.72
N VAL H 61 31.30 13.48 -16.82
CA VAL H 61 31.63 13.00 -15.47
C VAL H 61 32.27 11.62 -15.54
N LEU H 62 31.69 10.72 -16.34
CA LEU H 62 32.23 9.37 -16.43
C LEU H 62 33.61 9.38 -17.08
N LEU H 63 33.81 10.19 -18.13
CA LEU H 63 35.12 10.28 -18.76
C LEU H 63 36.14 10.88 -17.81
N THR H 64 35.74 11.85 -16.98
CA THR H 64 36.64 12.41 -15.99
C THR H 64 37.04 11.36 -14.96
N ILE H 65 36.08 10.54 -14.51
CA ILE H 65 36.41 9.47 -13.58
C ILE H 65 37.40 8.49 -14.22
N ILE H 66 37.16 8.13 -15.47
CA ILE H 66 38.05 7.21 -16.17
C ILE H 66 39.45 7.80 -16.30
N GLN H 67 39.53 9.10 -16.62
CA GLN H 67 40.83 9.75 -16.77
C GLN H 67 41.57 9.84 -15.43
N GLU H 68 40.86 10.13 -14.35
CA GLU H 68 41.49 10.13 -13.03
C GLU H 68 42.01 8.75 -12.67
N GLU H 69 41.25 7.70 -12.99
CA GLU H 69 41.75 6.35 -12.76
C GLU H 69 42.99 6.05 -13.58
N ALA H 70 42.98 6.46 -14.86
CA ALA H 70 44.11 6.19 -15.74
C ALA H 70 45.35 6.97 -15.33
N LYS H 71 45.18 8.17 -14.76
CA LYS H 71 46.32 8.94 -14.30
C LYS H 71 47.08 8.23 -13.19
N GLN H 72 46.42 7.34 -12.46
CA GLN H 72 47.05 6.56 -11.40
C GLN H 72 47.31 5.11 -11.82
N ASN H 73 47.38 4.85 -13.12
CA ASN H 73 47.66 3.53 -13.66
C ASN H 73 46.66 2.49 -13.16
N ARG H 74 45.39 2.85 -13.21
CA ARG H 74 44.31 1.97 -12.78
C ARG H 74 43.19 2.00 -13.80
N ILE H 75 42.42 0.92 -13.83
CA ILE H 75 41.27 0.78 -14.71
C ILE H 75 40.01 0.97 -13.90
N PHE H 76 39.07 1.76 -14.44
CA PHE H 76 37.81 2.01 -13.74
C PHE H 76 37.00 0.73 -13.65
N TYR H 77 36.50 0.45 -12.44
CA TYR H 77 35.67 -0.72 -12.18
C TYR H 77 34.21 -0.26 -12.17
N ASP H 78 33.59 -0.31 -13.35
CA ASP H 78 32.21 0.14 -13.52
C ASP H 78 31.25 -0.95 -13.03
N TYR H 79 31.23 -1.14 -11.72
CA TYR H 79 30.36 -2.14 -11.12
C TYR H 79 28.89 -1.76 -11.21
N LYS H 80 28.59 -0.48 -11.44
CA LYS H 80 27.21 -0.05 -11.65
C LYS H 80 26.77 -0.13 -13.10
N ARG H 81 27.69 -0.44 -14.02
CA ARG H 81 27.39 -0.56 -15.45
C ARG H 81 26.71 0.71 -15.98
N LYS H 82 27.46 1.81 -15.93
CA LYS H 82 26.94 3.12 -16.30
C LYS H 82 27.59 3.72 -17.54
N PHE H 83 28.84 3.40 -17.82
CA PHE H 83 29.57 4.09 -18.88
C PHE H 83 29.01 3.78 -20.25
N ARG H 84 28.83 2.50 -20.58
CA ARG H 84 28.38 2.09 -21.90
C ARG H 84 26.94 2.56 -22.20
N PRO H 85 26.00 2.44 -21.27
CA PRO H 85 24.68 3.06 -21.52
C PRO H 85 24.76 4.55 -21.73
N ALA H 86 25.67 5.26 -21.03
CA ALA H 86 25.83 6.69 -21.25
C ALA H 86 26.35 6.97 -22.66
N VAL H 87 27.32 6.18 -23.12
CA VAL H 87 27.84 6.35 -24.48
C VAL H 87 26.74 6.08 -25.50
N THR H 88 25.92 5.05 -25.25
CA THR H 88 24.81 4.75 -26.16
C THR H 88 23.80 5.89 -26.19
N ARG H 89 23.50 6.47 -25.03
CA ARG H 89 22.59 7.61 -24.97
C ARG H 89 23.15 8.81 -25.73
N PHE H 90 24.45 9.08 -25.56
CA PHE H 90 25.06 10.16 -26.31
C PHE H 90 24.99 9.91 -27.81
N THR H 91 25.27 8.68 -28.23
CA THR H 91 25.23 8.36 -29.66
C THR H 91 23.82 8.52 -30.22
N ILE H 92 22.81 8.07 -29.48
CA ILE H 92 21.43 8.21 -29.93
C ILE H 92 21.05 9.68 -30.04
N ASP H 93 21.41 10.48 -29.03
CA ASP H 93 21.09 11.91 -29.06
C ASP H 93 21.86 12.66 -30.13
N ASN H 94 22.96 12.09 -30.64
CA ASN H 94 23.80 12.74 -31.64
C ASN H 94 23.48 12.21 -33.04
N ASN H 95 22.21 11.97 -33.33
CA ASN H 95 21.75 11.50 -34.64
C ASN H 95 22.43 10.20 -35.04
N PHE H 96 22.64 9.32 -34.07
CA PHE H 96 23.26 8.01 -34.28
C PHE H 96 24.64 8.16 -34.92
N GLU H 97 25.49 8.95 -34.27
CA GLU H 97 26.87 9.15 -34.69
C GLU H 97 27.75 9.21 -33.45
N ILE H 98 28.93 8.59 -33.54
CA ILE H 98 29.83 8.50 -32.40
C ILE H 98 31.25 8.85 -32.83
N PRO H 99 31.96 9.67 -32.06
CA PRO H 99 33.38 9.91 -32.37
C PRO H 99 34.23 8.67 -32.11
N ASP H 100 35.38 8.63 -32.78
CA ASP H 100 36.25 7.47 -32.67
C ASP H 100 36.80 7.31 -31.24
N CYS H 101 36.96 8.41 -30.52
CA CYS H 101 37.48 8.33 -29.15
C CYS H 101 36.56 7.53 -28.25
N LEU H 102 35.25 7.76 -28.35
CA LEU H 102 34.30 7.01 -27.54
C LEU H 102 34.26 5.55 -27.97
N VAL H 103 34.39 5.28 -29.28
CA VAL H 103 34.43 3.91 -29.76
C VAL H 103 35.63 3.17 -29.16
N LYS H 104 36.79 3.82 -29.14
CA LYS H 104 37.97 3.19 -28.56
C LYS H 104 37.87 3.06 -27.04
N LEU H 105 37.17 4.00 -26.39
CA LEU H 105 37.02 3.94 -24.94
C LEU H 105 35.93 2.98 -24.49
N LEU H 106 35.09 2.50 -25.41
CA LEU H 106 34.05 1.54 -25.04
C LEU H 106 34.63 0.27 -24.41
N SER H 107 35.89 -0.05 -24.71
CA SER H 107 36.55 -1.23 -24.19
C SER H 107 37.53 -0.91 -23.08
N ALA H 108 37.20 0.05 -22.21
CA ALA H 108 38.12 0.51 -21.18
C ALA H 108 37.55 0.37 -19.77
N VAL H 109 36.43 -0.33 -19.58
CA VAL H 109 35.85 -0.52 -18.27
C VAL H 109 35.86 -2.01 -17.93
N GLU H 110 35.37 -2.36 -16.75
CA GLU H 110 35.52 -3.71 -16.22
C GLU H 110 34.26 -4.55 -16.30
N THR H 111 33.11 -4.02 -15.85
CA THR H 111 31.83 -4.71 -16.00
C THR H 111 31.85 -6.10 -15.37
N PRO H 112 31.62 -6.21 -14.03
CA PRO H 112 31.78 -7.47 -13.30
C PRO H 112 31.32 -8.72 -14.05
N LYS H 113 32.06 -9.82 -13.84
CA LYS H 113 32.15 -10.92 -14.81
C LYS H 113 31.36 -12.17 -14.43
N ALA H 114 30.53 -12.11 -13.38
CA ALA H 114 29.76 -13.29 -13.01
C ALA H 114 28.54 -12.85 -12.21
N TRP H 115 27.54 -13.73 -12.15
CA TRP H 115 26.35 -13.45 -11.36
C TRP H 115 25.61 -14.76 -11.15
N SER H 116 24.50 -14.71 -10.43
CA SER H 116 23.85 -15.92 -9.94
C SER H 116 22.51 -16.21 -10.60
N GLY H 117 21.97 -15.30 -11.40
CA GLY H 117 20.64 -15.45 -11.92
C GLY H 117 19.60 -14.83 -11.02
N PHE H 118 18.39 -14.69 -11.55
CA PHE H 118 17.28 -14.12 -10.80
C PHE H 118 16.55 -15.14 -9.95
N SER H 119 16.90 -16.42 -10.07
CA SER H 119 16.27 -17.47 -9.29
C SER H 119 17.14 -18.73 -9.28
N ALA I 1 -25.94 -24.14 -1.66
CA ALA I 1 -26.63 -22.87 -1.52
C ALA I 1 -26.36 -21.97 -2.72
N ARG I 2 -27.41 -21.37 -3.26
CA ARG I 2 -27.30 -20.49 -4.41
C ARG I 2 -27.18 -19.04 -3.94
N SER I 3 -26.17 -18.34 -4.44
CA SER I 3 -25.97 -16.94 -4.10
C SER I 3 -26.75 -16.05 -5.05
N TYR I 4 -27.41 -15.02 -4.50
CA TYR I 4 -28.23 -14.13 -5.29
C TYR I 4 -27.85 -12.67 -5.13
N GLY I 5 -26.73 -12.38 -4.49
CA GLY I 5 -26.28 -11.00 -4.34
C GLY I 5 -26.75 -10.37 -3.05
N ASN I 6 -25.96 -9.41 -2.57
CA ASN I 6 -26.24 -8.68 -1.34
C ASN I 6 -26.35 -9.62 -0.13
N GLY I 7 -25.61 -10.73 -0.18
CA GLY I 7 -25.62 -11.67 0.93
C GLY I 7 -26.86 -12.52 1.04
N VAL I 8 -27.62 -12.68 -0.04
CA VAL I 8 -28.84 -13.46 -0.04
C VAL I 8 -28.55 -14.82 -0.63
N TYR I 9 -28.89 -15.88 0.12
CA TYR I 9 -28.70 -17.25 -0.31
C TYR I 9 -30.03 -17.99 -0.19
N CYS I 10 -30.23 -19.00 -1.03
CA CYS I 10 -31.46 -19.77 -1.01
C CYS I 10 -31.15 -21.25 -1.20
N ASN I 11 -31.72 -22.07 -0.32
CA ASN I 11 -31.67 -23.52 -0.45
C ASN I 11 -32.79 -23.97 -1.38
N ASN I 12 -33.05 -25.27 -1.42
CA ASN I 12 -34.23 -25.77 -2.13
C ASN I 12 -35.50 -25.61 -1.31
N LYS I 13 -35.39 -25.19 -0.04
CA LYS I 13 -36.55 -25.01 0.81
C LYS I 13 -36.53 -23.74 1.64
N LYS I 14 -35.45 -22.96 1.65
CA LYS I 14 -35.32 -21.84 2.56
C LYS I 14 -34.41 -20.79 1.94
N CYS I 15 -34.71 -19.53 2.24
CA CYS I 15 -33.88 -18.39 1.87
C CYS I 15 -33.46 -17.63 3.13
N TRP I 16 -32.23 -17.12 3.12
CA TRP I 16 -31.70 -16.37 4.24
C TRP I 16 -30.74 -15.30 3.72
N VAL I 17 -30.35 -14.41 4.62
CA VAL I 17 -29.46 -13.30 4.30
C VAL I 17 -28.27 -13.32 5.25
N ASN I 18 -27.07 -13.26 4.69
CA ASN I 18 -25.86 -13.07 5.48
C ASN I 18 -25.71 -11.59 5.81
N ARG I 19 -25.78 -11.25 7.10
CA ARG I 19 -25.79 -9.85 7.48
C ARG I 19 -24.46 -9.17 7.18
N GLY I 20 -23.34 -9.85 7.39
CA GLY I 20 -22.06 -9.26 7.10
C GLY I 20 -21.87 -8.94 5.63
N GLU I 21 -22.23 -9.90 4.77
CA GLU I 21 -22.12 -9.68 3.33
C GLU I 21 -23.10 -8.61 2.87
N ALA I 22 -24.30 -8.57 3.45
CA ALA I 22 -25.25 -7.52 3.12
C ALA I 22 -24.71 -6.14 3.48
N THR I 23 -24.12 -6.02 4.67
CA THR I 23 -23.54 -4.75 5.08
C THR I 23 -22.39 -4.35 4.17
N GLN I 24 -21.53 -5.32 3.80
CA GLN I 24 -20.44 -5.01 2.88
C GLN I 24 -20.96 -4.58 1.53
N SER I 25 -22.02 -5.23 1.04
CA SER I 25 -22.62 -4.84 -0.23
C SER I 25 -23.17 -3.42 -0.17
N ILE I 26 -23.84 -3.08 0.92
CA ILE I 26 -24.38 -1.72 1.07
C ILE I 26 -23.25 -0.70 1.09
N ILE I 27 -22.18 -0.99 1.84
CA ILE I 27 -21.08 -0.03 1.94
C ILE I 27 -20.39 0.15 0.60
N GLY I 28 -20.13 -0.96 -0.10
CA GLY I 28 -19.47 -0.86 -1.39
C GLY I 28 -20.33 -0.15 -2.42
N GLY I 29 -21.63 -0.44 -2.44
CA GLY I 29 -22.52 0.29 -3.32
C GLY I 29 -22.56 1.78 -3.01
N MET I 30 -22.55 2.13 -1.73
CA MET I 30 -22.52 3.54 -1.34
C MET I 30 -21.28 4.22 -1.87
N ILE I 31 -20.10 3.62 -1.65
CA ILE I 31 -18.85 4.24 -2.06
C ILE I 31 -18.79 4.37 -3.58
N SER I 32 -19.14 3.29 -4.29
CA SER I 32 -19.08 3.31 -5.74
C SER I 32 -20.07 4.30 -6.33
N GLY I 33 -21.28 4.37 -5.75
CA GLY I 33 -22.25 5.32 -6.25
C GLY I 33 -21.84 6.75 -6.02
N TRP I 34 -21.30 7.06 -4.83
CA TRP I 34 -20.81 8.41 -4.58
C TRP I 34 -19.70 8.78 -5.55
N ALA I 35 -18.74 7.88 -5.74
CA ALA I 35 -17.62 8.17 -6.63
C ALA I 35 -18.08 8.36 -8.07
N SER I 36 -18.97 7.49 -8.55
CA SER I 36 -19.42 7.60 -9.94
C SER I 36 -20.30 8.81 -10.15
N GLY I 37 -21.12 9.17 -9.16
CA GLY I 37 -21.94 10.35 -9.28
C GLY I 37 -21.13 11.63 -9.29
N LEU I 38 -20.12 11.71 -8.41
CA LEU I 38 -19.31 12.92 -8.38
C LEU I 38 -18.35 12.99 -9.56
N ALA I 39 -17.91 11.85 -10.08
CA ALA I 39 -17.02 11.85 -11.24
C ALA I 39 -17.72 12.19 -12.53
N GLY I 40 -19.04 12.04 -12.59
CA GLY I 40 -19.81 12.26 -13.79
C GLY I 40 -20.43 13.64 -13.95
N MET I 41 -20.12 14.58 -13.07
CA MET I 41 -20.69 15.92 -13.18
C MET I 41 -20.06 16.68 -14.34
N MET J 1 -56.14 -19.93 -7.15
CA MET J 1 -57.31 -20.74 -7.46
C MET J 1 -58.55 -20.22 -6.73
N ASP J 2 -58.36 -19.67 -5.54
CA ASP J 2 -59.46 -19.08 -4.79
C ASP J 2 -59.73 -17.63 -5.16
N LEU J 3 -58.94 -17.06 -6.06
CA LEU J 3 -59.09 -15.66 -6.45
C LEU J 3 -60.43 -15.42 -7.13
N ASN J 4 -61.30 -14.66 -6.48
CA ASN J 4 -62.59 -14.30 -7.06
C ASN J 4 -62.41 -13.06 -7.94
N PHE J 5 -63.53 -12.50 -8.41
CA PHE J 5 -63.47 -11.32 -9.28
C PHE J 5 -62.85 -10.14 -8.56
N ILE J 6 -63.22 -9.92 -7.30
CA ILE J 6 -62.71 -8.78 -6.56
C ILE J 6 -61.20 -8.89 -6.36
N GLN J 7 -60.72 -10.09 -6.02
CA GLN J 7 -59.28 -10.27 -5.82
C GLN J 7 -58.51 -10.12 -7.12
N VAL J 8 -59.08 -10.58 -8.24
CA VAL J 8 -58.44 -10.40 -9.53
C VAL J 8 -58.33 -8.91 -9.86
N ILE J 9 -59.42 -8.16 -9.64
CA ILE J 9 -59.40 -6.72 -9.90
C ILE J 9 -58.37 -6.03 -9.03
N LEU J 10 -58.30 -6.41 -7.75
CA LEU J 10 -57.33 -5.80 -6.85
C LEU J 10 -55.90 -6.12 -7.26
N VAL J 11 -55.65 -7.35 -7.72
CA VAL J 11 -54.32 -7.71 -8.18
C VAL J 11 -53.95 -6.89 -9.41
N ILE J 12 -54.88 -6.74 -10.34
CA ILE J 12 -54.62 -5.92 -11.53
C ILE J 12 -54.33 -4.48 -11.14
N PHE J 13 -55.08 -3.95 -10.17
CA PHE J 13 -54.85 -2.58 -9.73
C PHE J 13 -53.49 -2.42 -9.06
N VAL J 14 -53.09 -3.39 -8.24
CA VAL J 14 -51.77 -3.31 -7.59
C VAL J 14 -50.66 -3.40 -8.63
N ALA J 15 -50.84 -4.25 -9.65
CA ALA J 15 -49.86 -4.33 -10.73
C ALA J 15 -49.75 -3.02 -11.49
N PHE J 16 -50.90 -2.39 -11.77
CA PHE J 16 -50.90 -1.09 -12.44
C PHE J 16 -50.20 -0.04 -11.61
N LEU J 17 -50.45 -0.04 -10.29
CA LEU J 17 -49.80 0.92 -9.41
C LEU J 17 -48.29 0.71 -9.39
N ALA J 18 -47.84 -0.54 -9.34
CA ALA J 18 -46.41 -0.84 -9.38
C ALA J 18 -45.81 -0.39 -10.70
N GLY J 19 -46.51 -0.61 -11.80
CA GLY J 19 -46.00 -0.16 -13.09
C GLY J 19 -45.90 1.34 -13.19
N VAL J 20 -46.89 2.06 -12.66
CA VAL J 20 -46.86 3.51 -12.67
C VAL J 20 -45.68 4.03 -11.84
N GLU J 21 -45.50 3.46 -10.65
CA GLU J 21 -44.38 3.87 -9.81
C GLU J 21 -43.03 3.38 -10.35
N GLY J 22 -43.04 2.44 -11.29
CA GLY J 22 -41.79 2.06 -11.93
C GLY J 22 -41.16 3.20 -12.71
N ILE J 23 -41.98 4.07 -13.30
CA ILE J 23 -41.49 5.23 -14.03
C ILE J 23 -41.52 6.49 -13.17
N LEU J 24 -42.59 6.70 -12.39
CA LEU J 24 -42.63 7.86 -11.51
C LEU J 24 -41.54 7.78 -10.45
N ASP J 25 -41.50 6.66 -9.73
CA ASP J 25 -40.44 6.33 -8.79
C ASP J 25 -40.37 7.42 -7.71
N GLN J 26 -41.53 7.77 -7.17
CA GLN J 26 -41.65 8.71 -6.06
C GLN J 26 -42.19 8.04 -4.82
N PHE J 27 -43.36 7.39 -4.91
CA PHE J 27 -43.95 6.72 -3.75
C PHE J 27 -43.35 5.34 -3.53
N HIS J 28 -42.65 4.78 -4.52
CA HIS J 28 -41.98 3.49 -4.41
C HIS J 28 -42.97 2.35 -4.15
N PHE J 29 -44.11 2.39 -4.85
CA PHE J 29 -45.01 1.24 -4.86
C PHE J 29 -44.47 0.08 -5.67
N HIS J 30 -43.40 0.29 -6.43
CA HIS J 30 -42.78 -0.76 -7.24
C HIS J 30 -41.69 -1.51 -6.49
N GLN J 31 -41.36 -1.09 -5.27
CA GLN J 31 -40.34 -1.79 -4.51
C GLN J 31 -40.84 -3.17 -4.09
N PRO J 32 -39.95 -4.17 -4.01
CA PRO J 32 -40.41 -5.54 -3.72
C PRO J 32 -41.21 -5.68 -2.45
N VAL J 33 -40.81 -5.01 -1.36
CA VAL J 33 -41.56 -5.14 -0.11
C VAL J 33 -42.99 -4.62 -0.29
N ILE J 34 -43.12 -3.40 -0.83
CA ILE J 34 -44.45 -2.80 -0.95
C ILE J 34 -45.33 -3.61 -1.90
N ALA J 35 -44.80 -3.92 -3.08
CA ALA J 35 -45.60 -4.59 -4.10
C ALA J 35 -45.98 -6.01 -3.67
N CYS J 36 -45.01 -6.77 -3.16
CA CYS J 36 -45.29 -8.14 -2.74
C CYS J 36 -46.25 -8.16 -1.56
N THR J 37 -46.07 -7.26 -0.59
CA THR J 37 -46.98 -7.21 0.55
C THR J 37 -48.39 -6.82 0.11
N LEU J 38 -48.51 -5.91 -0.86
CA LEU J 38 -49.83 -5.54 -1.35
C LEU J 38 -50.49 -6.70 -2.08
N ILE J 39 -49.72 -7.45 -2.88
CA ILE J 39 -50.27 -8.63 -3.56
C ILE J 39 -50.74 -9.66 -2.53
N GLY J 40 -49.94 -9.89 -1.49
CA GLY J 40 -50.35 -10.80 -0.45
C GLY J 40 -51.60 -10.35 0.28
N LEU J 41 -51.68 -9.05 0.61
CA LEU J 41 -52.85 -8.54 1.31
C LEU J 41 -54.11 -8.66 0.47
N VAL J 42 -54.04 -8.34 -0.82
CA VAL J 42 -55.23 -8.43 -1.65
C VAL J 42 -55.61 -9.88 -1.91
N THR J 43 -54.62 -10.77 -2.01
CA THR J 43 -54.89 -12.18 -2.25
C THR J 43 -55.12 -12.97 -0.96
N GLY J 44 -54.81 -12.40 0.20
CA GLY J 44 -54.95 -13.09 1.46
C GLY J 44 -53.72 -13.85 1.91
N ASN J 45 -52.70 -13.95 1.06
CA ASN J 45 -51.46 -14.66 1.40
C ASN J 45 -50.42 -13.67 1.91
N LEU J 46 -50.72 -13.08 3.07
CA LEU J 46 -49.94 -11.94 3.54
C LEU J 46 -48.52 -12.35 3.94
N LEU J 47 -48.39 -13.42 4.74
CA LEU J 47 -47.09 -13.73 5.33
C LEU J 47 -46.08 -14.24 4.30
N PRO J 48 -46.39 -15.25 3.47
CA PRO J 48 -45.38 -15.67 2.47
C PRO J 48 -45.02 -14.58 1.49
N CYS J 49 -45.99 -13.75 1.09
CA CYS J 49 -45.70 -12.67 0.16
C CYS J 49 -44.85 -11.60 0.81
N LEU J 50 -45.07 -11.35 2.11
CA LEU J 50 -44.22 -10.41 2.84
C LEU J 50 -42.79 -10.92 2.92
N ILE J 51 -42.62 -12.22 3.18
CA ILE J 51 -41.28 -12.81 3.24
C ILE J 51 -40.60 -12.72 1.88
N LEU J 52 -41.33 -13.04 0.81
CA LEU J 52 -40.79 -12.93 -0.54
C LEU J 52 -40.42 -11.50 -0.87
N GLY J 53 -41.25 -10.54 -0.47
CA GLY J 53 -40.94 -9.14 -0.70
C GLY J 53 -39.67 -8.70 0.02
N GLY J 54 -39.51 -9.13 1.28
CA GLY J 54 -38.29 -8.81 1.99
C GLY J 54 -37.06 -9.39 1.31
N THR J 55 -37.15 -10.66 0.91
CA THR J 55 -36.01 -11.31 0.26
C THR J 55 -35.66 -10.62 -1.06
N LEU J 56 -36.67 -10.32 -1.87
CA LEU J 56 -36.41 -9.68 -3.15
C LEU J 56 -35.91 -8.25 -2.99
N GLN J 57 -36.41 -7.53 -1.98
CA GLN J 57 -35.90 -6.20 -1.70
C GLN J 57 -34.44 -6.25 -1.30
N MET J 58 -34.06 -7.26 -0.50
CA MET J 58 -32.65 -7.47 -0.21
C MET J 58 -31.86 -7.74 -1.49
N ILE J 59 -32.44 -8.52 -2.40
CA ILE J 59 -31.78 -8.78 -3.68
C ILE J 59 -31.71 -7.51 -4.52
N ALA J 60 -32.76 -6.70 -4.50
CA ALA J 60 -32.92 -5.58 -5.41
C ALA J 60 -32.55 -4.24 -4.77
N LEU J 61 -31.64 -4.23 -3.80
CA LEU J 61 -31.26 -2.98 -3.14
C LEU J 61 -30.58 -2.03 -4.11
N GLY J 62 -29.71 -2.54 -4.97
CA GLY J 62 -28.89 -1.68 -5.81
C GLY J 62 -29.42 -1.44 -7.21
N TRP J 63 -30.71 -1.69 -7.43
CA TRP J 63 -31.32 -1.49 -8.75
C TRP J 63 -31.75 -0.04 -8.85
N ALA J 64 -30.87 0.80 -9.40
CA ALA J 64 -31.09 2.23 -9.52
C ALA J 64 -30.97 2.66 -10.97
N ASN J 65 -31.89 3.51 -11.40
CA ASN J 65 -31.81 4.12 -12.73
C ASN J 65 -30.92 5.36 -12.65
N VAL J 66 -29.86 5.38 -13.44
CA VAL J 66 -28.92 6.49 -13.48
C VAL J 66 -28.82 6.98 -14.92
N GLY J 67 -29.24 8.22 -15.15
CA GLY J 67 -29.25 8.74 -16.51
C GLY J 67 -30.16 7.93 -17.40
N ALA J 68 -29.70 7.61 -18.61
CA ALA J 68 -30.47 6.80 -19.53
C ALA J 68 -30.32 5.30 -19.27
N ALA J 69 -29.42 4.90 -18.37
CA ALA J 69 -29.18 3.50 -18.08
C ALA J 69 -30.18 3.03 -17.04
N VAL J 70 -31.03 2.07 -17.42
CA VAL J 70 -32.17 1.63 -16.62
C VAL J 70 -31.79 0.38 -15.84
N ALA J 71 -32.18 0.35 -14.56
CA ALA J 71 -31.94 -0.80 -13.71
C ALA J 71 -32.90 -1.94 -14.04
N PRO J 72 -32.62 -3.17 -13.58
CA PRO J 72 -33.46 -4.31 -13.97
C PRO J 72 -34.85 -4.36 -13.33
N ASP J 73 -35.64 -3.29 -13.44
CA ASP J 73 -37.09 -3.36 -13.31
C ASP J 73 -37.62 -4.18 -12.14
N ALA J 74 -37.41 -3.72 -10.91
CA ALA J 74 -37.91 -4.45 -9.75
C ALA J 74 -39.42 -4.63 -9.77
N ALA J 75 -40.15 -3.78 -10.50
CA ALA J 75 -41.61 -3.84 -10.48
C ALA J 75 -42.14 -5.15 -11.04
N LEU J 76 -41.72 -5.52 -12.26
CA LEU J 76 -42.22 -6.74 -12.86
C LEU J 76 -41.76 -7.96 -12.10
N ALA J 77 -40.50 -7.98 -11.67
CA ALA J 77 -40.00 -9.08 -10.86
C ALA J 77 -40.89 -9.27 -9.63
N SER J 78 -41.13 -8.19 -8.89
CA SER J 78 -41.91 -8.28 -7.68
C SER J 78 -43.32 -8.78 -7.95
N ILE J 79 -44.02 -8.14 -8.90
CA ILE J 79 -45.43 -8.45 -9.12
C ILE J 79 -45.58 -9.88 -9.65
N ALA J 80 -44.78 -10.23 -10.66
CA ALA J 80 -44.88 -11.56 -11.26
C ALA J 80 -44.50 -12.65 -10.27
N SER J 81 -43.43 -12.45 -9.49
CA SER J 81 -43.03 -13.45 -8.51
C SER J 81 -44.08 -13.63 -7.44
N ALA J 82 -44.67 -12.53 -6.96
CA ALA J 82 -45.73 -12.65 -5.96
C ALA J 82 -46.95 -13.36 -6.51
N ILE J 83 -47.34 -13.05 -7.74
CA ILE J 83 -48.52 -13.69 -8.34
C ILE J 83 -48.25 -15.17 -8.55
N ILE J 84 -47.06 -15.53 -9.01
CA ILE J 84 -46.73 -16.94 -9.24
C ILE J 84 -46.67 -17.70 -7.93
N LEU J 85 -46.12 -17.07 -6.88
CA LEU J 85 -46.08 -17.72 -5.57
C LEU J 85 -47.49 -17.94 -5.03
N VAL J 86 -48.38 -16.96 -5.22
CA VAL J 86 -49.76 -17.12 -4.76
C VAL J 86 -50.45 -18.23 -5.54
N LEU J 87 -50.28 -18.25 -6.86
CA LEU J 87 -50.97 -19.22 -7.69
C LEU J 87 -50.42 -20.63 -7.50
N GLY J 88 -49.15 -20.76 -7.16
CA GLY J 88 -48.53 -22.06 -7.00
C GLY J 88 -48.75 -22.74 -5.68
N GLY J 89 -49.53 -22.14 -4.78
CA GLY J 89 -49.68 -22.70 -3.46
C GLY J 89 -48.37 -22.67 -2.70
N GLN J 90 -48.19 -23.66 -1.83
CA GLN J 90 -46.98 -23.85 -1.02
C GLN J 90 -46.39 -22.52 -0.55
N GLY J 91 -47.23 -21.76 0.16
CA GLY J 91 -46.94 -20.37 0.45
C GLY J 91 -45.57 -20.07 1.03
N LYS J 92 -45.29 -20.52 2.25
CA LYS J 92 -44.03 -20.17 2.90
C LYS J 92 -42.85 -20.93 2.32
N ALA J 93 -43.08 -22.14 1.79
CA ALA J 93 -42.01 -22.95 1.22
C ALA J 93 -41.76 -22.66 -0.25
N GLY J 94 -42.65 -21.94 -0.91
CA GLY J 94 -42.52 -21.60 -2.32
C GLY J 94 -41.74 -20.34 -2.58
N VAL J 95 -41.15 -19.73 -1.56
CA VAL J 95 -40.40 -18.49 -1.74
C VAL J 95 -39.15 -18.74 -2.58
N THR J 96 -38.53 -19.92 -2.44
CA THR J 96 -37.28 -20.20 -3.13
C THR J 96 -37.46 -20.19 -4.64
N SER J 97 -38.51 -20.84 -5.15
CA SER J 97 -38.74 -20.87 -6.59
C SER J 97 -39.09 -19.49 -7.13
N ALA J 98 -39.89 -18.73 -6.39
CA ALA J 98 -40.20 -17.37 -6.81
C ALA J 98 -38.94 -16.51 -6.87
N ILE J 99 -38.06 -16.63 -5.89
CA ILE J 99 -36.80 -15.89 -5.90
C ILE J 99 -35.94 -16.33 -7.09
N ALA J 100 -35.94 -17.64 -7.38
CA ALA J 100 -35.16 -18.14 -8.50
C ALA J 100 -35.65 -17.55 -9.83
N ILE J 101 -36.97 -17.46 -10.01
CA ILE J 101 -37.50 -16.94 -11.27
C ILE J 101 -37.61 -15.43 -11.31
N ALA J 102 -37.41 -14.74 -10.18
CA ALA J 102 -37.61 -13.29 -10.15
C ALA J 102 -36.62 -12.55 -11.04
N VAL J 103 -35.35 -12.94 -11.02
CA VAL J 103 -34.30 -12.19 -11.71
C VAL J 103 -34.48 -12.23 -13.24
N PRO J 104 -34.75 -13.39 -13.86
CA PRO J 104 -35.08 -13.35 -15.29
C PRO J 104 -36.30 -12.50 -15.57
N LEU J 105 -37.29 -12.51 -14.67
CA LEU J 105 -38.43 -11.61 -14.81
C LEU J 105 -37.99 -10.16 -14.72
N ALA J 106 -37.00 -9.87 -13.87
CA ALA J 106 -36.46 -8.52 -13.79
C ALA J 106 -35.82 -8.09 -15.10
N VAL J 107 -35.07 -9.00 -15.74
CA VAL J 107 -34.45 -8.66 -17.02
C VAL J 107 -35.50 -8.48 -18.11
N ALA J 108 -36.53 -9.32 -18.10
CA ALA J 108 -37.62 -9.16 -19.07
C ALA J 108 -38.34 -7.83 -18.87
N GLY J 109 -38.57 -7.43 -17.62
CA GLY J 109 -39.16 -6.14 -17.35
C GLY J 109 -38.27 -4.99 -17.75
N LEU J 110 -36.95 -5.14 -17.61
CA LEU J 110 -36.03 -4.14 -18.11
C LEU J 110 -36.16 -3.98 -19.61
N LEU J 111 -36.26 -5.10 -20.34
CA LEU J 111 -36.46 -5.03 -21.79
C LEU J 111 -37.77 -4.33 -22.12
N LEU J 112 -38.84 -4.67 -21.40
CA LEU J 112 -40.15 -4.06 -21.66
C LEU J 112 -40.12 -2.56 -21.39
N THR J 113 -39.47 -2.14 -20.31
CA THR J 113 -39.42 -0.72 -20.00
C THR J 113 -38.53 0.03 -20.97
N ILE J 114 -37.49 -0.62 -21.51
CA ILE J 114 -36.72 0.00 -22.58
C ILE J 114 -37.61 0.24 -23.80
N ILE J 115 -38.43 -0.75 -24.16
CA ILE J 115 -39.33 -0.59 -25.30
C ILE J 115 -40.31 0.56 -25.07
N VAL J 116 -40.91 0.62 -23.87
CA VAL J 116 -41.91 1.64 -23.61
C VAL J 116 -41.27 3.04 -23.54
N ARG J 117 -40.06 3.12 -22.97
CA ARG J 117 -39.35 4.39 -22.92
C ARG J 117 -38.97 4.87 -24.31
N THR J 118 -38.66 3.93 -25.22
CA THR J 118 -38.48 4.29 -26.62
C THR J 118 -39.78 4.80 -27.23
N LEU J 119 -40.89 4.13 -26.93
CA LEU J 119 -42.19 4.54 -27.48
C LEU J 119 -42.66 5.89 -26.97
N ALA J 120 -42.18 6.32 -25.80
CA ALA J 120 -42.59 7.61 -25.25
C ALA J 120 -42.15 8.79 -26.10
N THR J 121 -41.22 8.58 -27.04
CA THR J 121 -40.73 9.67 -27.87
C THR J 121 -41.84 10.24 -28.75
N GLY J 122 -42.71 9.38 -29.29
CA GLY J 122 -43.83 9.87 -30.08
C GLY J 122 -44.79 10.70 -29.25
N ILE J 123 -45.04 10.28 -28.00
CA ILE J 123 -45.88 11.07 -27.10
C ILE J 123 -45.25 12.43 -26.86
N VAL J 124 -43.94 12.47 -26.65
CA VAL J 124 -43.27 13.74 -26.43
C VAL J 124 -43.32 14.63 -27.67
N HIS J 125 -43.26 14.02 -28.86
CA HIS J 125 -43.40 14.79 -30.09
C HIS J 125 -44.80 15.38 -30.21
N ILE J 126 -45.82 14.60 -29.85
CA ILE J 126 -47.19 15.13 -29.84
C ILE J 126 -47.31 16.27 -28.84
N MET J 127 -46.64 16.15 -27.69
CA MET J 127 -46.65 17.22 -26.71
C MET J 127 -45.92 18.46 -27.22
N ASP J 128 -44.87 18.28 -28.03
CA ASP J 128 -44.24 19.42 -28.70
C ASP J 128 -45.22 20.11 -29.64
N ALA J 129 -45.96 19.33 -30.41
CA ALA J 129 -46.96 19.91 -31.31
C ALA J 129 -48.02 20.68 -30.52
N ALA J 130 -48.41 20.14 -29.35
CA ALA J 130 -49.35 20.85 -28.49
C ALA J 130 -48.75 22.14 -27.94
N ALA J 131 -47.48 22.10 -27.52
CA ALA J 131 -46.82 23.27 -26.96
C ALA J 131 -46.66 24.37 -28.00
N LYS J 132 -46.52 24.00 -29.28
CA LYS J 132 -46.47 25.01 -30.33
C LYS J 132 -47.76 25.81 -30.44
N GLU J 133 -48.86 25.29 -29.88
CA GLU J 133 -50.14 25.99 -29.86
C GLU J 133 -50.47 26.60 -28.51
N GLY J 134 -49.64 26.37 -27.49
CA GLY J 134 -49.94 26.88 -26.16
C GLY J 134 -51.04 26.12 -25.45
N ASN J 135 -51.29 24.87 -25.83
CA ASN J 135 -52.37 24.07 -25.25
C ASN J 135 -51.86 23.34 -24.03
N PHE J 136 -52.30 23.76 -22.84
CA PHE J 136 -51.92 23.08 -21.61
C PHE J 136 -52.70 21.78 -21.45
N ARG J 137 -53.97 21.78 -21.86
CA ARG J 137 -54.83 20.61 -21.66
C ARG J 137 -54.29 19.40 -22.42
N LYS J 138 -53.85 19.60 -23.67
CA LYS J 138 -53.34 18.48 -24.46
C LYS J 138 -52.04 17.94 -23.87
N ILE J 139 -51.17 18.81 -23.37
CA ILE J 139 -49.93 18.36 -22.75
C ILE J 139 -50.22 17.55 -21.50
N GLU J 140 -51.14 18.03 -20.67
CA GLU J 140 -51.52 17.27 -19.48
C GLU J 140 -52.14 15.93 -19.85
N MET J 141 -53.01 15.92 -20.85
CA MET J 141 -53.64 14.67 -21.28
C MET J 141 -52.62 13.66 -21.76
N TRP J 142 -51.63 14.11 -22.54
CA TRP J 142 -50.64 13.16 -23.05
C TRP J 142 -49.64 12.72 -21.98
N GLN J 143 -49.36 13.57 -21.00
CA GLN J 143 -48.58 13.11 -19.85
C GLN J 143 -49.32 12.03 -19.08
N TYR J 144 -50.62 12.23 -18.88
CA TYR J 144 -51.43 11.21 -18.22
C TYR J 144 -51.45 9.93 -19.04
N ILE J 145 -51.56 10.04 -20.36
CA ILE J 145 -51.57 8.87 -21.23
C ILE J 145 -50.24 8.13 -21.14
N ALA J 146 -49.13 8.86 -21.08
CA ALA J 146 -47.82 8.21 -20.93
C ALA J 146 -47.73 7.45 -19.62
N ILE J 147 -48.20 8.07 -18.53
CA ILE J 147 -48.18 7.39 -17.23
C ILE J 147 -49.05 6.14 -17.27
N ILE J 148 -50.23 6.24 -17.88
CA ILE J 148 -51.14 5.11 -17.98
C ILE J 148 -50.51 3.98 -18.79
N MET J 149 -49.86 4.32 -19.89
CA MET J 149 -49.21 3.30 -20.72
C MET J 149 -48.10 2.60 -19.95
N GLN J 150 -47.31 3.37 -19.19
CA GLN J 150 -46.23 2.74 -18.42
C GLN J 150 -46.80 1.82 -17.33
N GLY J 151 -47.92 2.21 -16.73
CA GLY J 151 -48.56 1.32 -15.77
C GLY J 151 -49.13 0.07 -16.41
N VAL J 152 -49.75 0.22 -17.58
CA VAL J 152 -50.29 -0.91 -18.33
C VAL J 152 -49.16 -1.87 -18.73
N ARG J 153 -47.94 -1.34 -18.91
CA ARG J 153 -46.80 -2.19 -19.23
C ARG J 153 -46.65 -3.34 -18.23
N ILE J 154 -46.95 -3.08 -16.96
CA ILE J 154 -46.82 -4.09 -15.92
C ILE J 154 -48.19 -4.73 -15.68
N ALA J 155 -49.26 -3.97 -15.90
CA ALA J 155 -50.60 -4.49 -15.67
C ALA J 155 -50.97 -5.61 -16.63
N ILE J 156 -50.40 -5.62 -17.83
CA ILE J 156 -50.75 -6.64 -18.82
C ILE J 156 -50.13 -7.99 -18.48
N PRO J 157 -48.84 -8.10 -18.18
CA PRO J 157 -48.30 -9.42 -17.80
C PRO J 157 -48.96 -10.03 -16.59
N ALA J 158 -49.39 -9.21 -15.62
CA ALA J 158 -50.12 -9.74 -14.48
C ALA J 158 -51.44 -10.35 -14.91
N GLY J 159 -52.16 -9.68 -15.81
CA GLY J 159 -53.41 -10.23 -16.31
C GLY J 159 -53.19 -11.49 -17.13
N LEU J 160 -52.08 -11.55 -17.87
CA LEU J 160 -51.78 -12.76 -18.62
C LEU J 160 -51.45 -13.93 -17.70
N ILE J 161 -50.69 -13.68 -16.63
CA ILE J 161 -50.38 -14.73 -15.67
C ILE J 161 -51.65 -15.19 -14.96
N LEU J 162 -52.56 -14.25 -14.68
CA LEU J 162 -53.85 -14.64 -14.09
C LEU J 162 -54.67 -15.47 -15.07
N ALA J 163 -54.62 -15.14 -16.36
CA ALA J 163 -55.35 -15.91 -17.36
C ALA J 163 -54.81 -17.33 -17.45
N ILE J 164 -53.49 -17.49 -17.41
CA ILE J 164 -52.86 -18.81 -17.37
C ILE J 164 -52.93 -19.31 -15.94
N GLY J 165 -53.97 -20.08 -15.62
CA GLY J 165 -54.34 -20.36 -14.25
C GLY J 165 -53.34 -21.09 -13.39
N ALA J 166 -53.75 -21.44 -12.17
CA ALA J 166 -52.84 -22.03 -11.19
C ALA J 166 -52.33 -23.39 -11.63
N GLY J 167 -53.06 -24.10 -12.49
CA GLY J 167 -52.66 -25.40 -12.96
C GLY J 167 -51.32 -25.39 -13.66
N PRO J 168 -51.25 -24.70 -14.80
CA PRO J 168 -49.96 -24.59 -15.50
C PRO J 168 -48.87 -23.93 -14.67
N VAL J 169 -49.22 -22.98 -13.80
CA VAL J 169 -48.21 -22.34 -12.95
C VAL J 169 -47.59 -23.38 -12.03
N LYS J 170 -48.41 -24.21 -11.40
CA LYS J 170 -47.88 -25.26 -10.54
C LYS J 170 -47.09 -26.30 -11.35
N GLU J 171 -47.58 -26.63 -12.54
CA GLU J 171 -46.90 -27.65 -13.34
C GLU J 171 -45.54 -27.16 -13.83
N MET J 172 -45.37 -25.85 -14.04
CA MET J 172 -44.06 -25.35 -14.40
C MET J 172 -43.19 -25.09 -13.17
N LEU J 173 -43.81 -24.83 -12.02
CA LEU J 173 -43.05 -24.69 -10.79
C LEU J 173 -42.41 -26.02 -10.37
N THR J 174 -43.16 -27.11 -10.50
CA THR J 174 -42.63 -28.42 -10.13
C THR J 174 -41.64 -28.95 -11.16
N ALA J 175 -41.84 -28.63 -12.44
CA ALA J 175 -41.00 -29.13 -13.52
C ALA J 175 -39.80 -28.24 -13.80
N MET J 176 -39.34 -27.47 -12.81
CA MET J 176 -38.20 -26.60 -12.99
C MET J 176 -36.92 -27.38 -12.74
N PRO J 177 -36.06 -27.60 -13.74
CA PRO J 177 -34.84 -28.37 -13.50
C PRO J 177 -33.88 -27.64 -12.57
N VAL J 178 -33.13 -28.44 -11.81
CA VAL J 178 -32.20 -27.88 -10.84
C VAL J 178 -31.02 -27.21 -11.55
N TRP J 179 -30.53 -27.83 -12.63
CA TRP J 179 -29.41 -27.26 -13.36
C TRP J 179 -29.75 -25.88 -13.92
N LEU J 180 -31.00 -25.69 -14.35
CA LEU J 180 -31.43 -24.38 -14.81
C LEU J 180 -31.35 -23.35 -13.69
N THR J 181 -31.78 -23.72 -12.49
CA THR J 181 -31.73 -22.79 -11.36
C THR J 181 -30.29 -22.43 -11.00
N ASP J 182 -29.40 -23.43 -10.97
CA ASP J 182 -28.01 -23.16 -10.64
C ASP J 182 -27.33 -22.32 -11.70
N GLY J 183 -27.61 -22.59 -12.98
CA GLY J 183 -27.06 -21.77 -14.05
C GLY J 183 -27.55 -20.34 -14.00
N LEU J 184 -28.84 -20.16 -13.69
CA LEU J 184 -29.39 -18.81 -13.54
C LEU J 184 -28.71 -18.08 -12.39
N ALA J 185 -28.48 -18.78 -11.27
CA ALA J 185 -27.79 -18.14 -10.15
C ALA J 185 -26.37 -17.74 -10.54
N ILE J 186 -25.65 -18.60 -11.27
CA ILE J 186 -24.30 -18.27 -11.69
C ILE J 186 -24.30 -17.06 -12.62
N GLY J 187 -25.22 -17.05 -13.58
CA GLY J 187 -25.33 -15.91 -14.49
C GLY J 187 -25.64 -14.63 -13.76
N GLY J 188 -26.59 -14.68 -12.82
CA GLY J 188 -26.91 -13.49 -12.04
C GLY J 188 -25.73 -13.01 -11.22
N GLY J 189 -24.92 -13.93 -10.70
CA GLY J 189 -23.71 -13.55 -10.00
C GLY J 189 -22.68 -12.92 -10.92
N MET J 190 -22.73 -13.26 -12.21
CA MET J 190 -21.80 -12.67 -13.18
C MET J 190 -22.32 -11.38 -13.81
N VAL J 191 -23.60 -11.04 -13.64
CA VAL J 191 -24.19 -9.90 -14.36
C VAL J 191 -23.49 -8.59 -14.01
N VAL J 192 -23.09 -8.40 -12.76
CA VAL J 192 -22.63 -7.10 -12.27
C VAL J 192 -21.44 -6.56 -13.05
N ALA J 193 -20.75 -7.43 -13.81
CA ALA J 193 -19.63 -6.99 -14.62
C ALA J 193 -20.06 -5.96 -15.66
N VAL J 194 -21.32 -6.02 -16.11
CA VAL J 194 -21.78 -5.07 -17.13
C VAL J 194 -21.86 -3.65 -16.54
N GLY J 195 -22.44 -3.52 -15.35
CA GLY J 195 -22.48 -2.23 -14.69
C GLY J 195 -21.10 -1.71 -14.36
N TYR J 196 -20.23 -2.60 -13.86
CA TYR J 196 -18.86 -2.19 -13.59
C TYR J 196 -18.16 -1.70 -14.86
N ALA J 197 -18.38 -2.41 -15.97
CA ALA J 197 -17.78 -2.03 -17.25
C ALA J 197 -18.28 -0.67 -17.70
N MET J 198 -19.59 -0.42 -17.58
CA MET J 198 -20.12 0.88 -17.99
C MET J 198 -19.51 2.00 -17.16
N VAL J 199 -19.44 1.80 -15.83
CA VAL J 199 -18.90 2.85 -14.97
C VAL J 199 -17.44 3.12 -15.31
N ILE J 200 -16.64 2.05 -15.46
CA ILE J 200 -15.23 2.22 -15.77
C ILE J 200 -15.05 2.91 -17.11
N ASN J 201 -15.80 2.47 -18.12
CA ASN J 201 -15.73 3.12 -19.43
C ASN J 201 -16.05 4.60 -19.32
N MET J 202 -17.02 4.96 -18.48
CA MET J 202 -17.33 6.36 -18.28
C MET J 202 -16.16 7.12 -17.67
N MET J 203 -15.47 6.51 -16.70
CA MET J 203 -14.52 7.25 -15.87
C MET J 203 -13.09 6.73 -15.96
N ALA J 204 -12.72 6.08 -17.06
CA ALA J 204 -11.35 5.55 -17.20
C ALA J 204 -10.53 6.47 -18.11
N THR J 205 -9.37 6.89 -17.61
CA THR J 205 -8.34 7.53 -18.41
C THR J 205 -7.02 6.86 -18.08
N LYS J 206 -6.01 7.10 -18.93
CA LYS J 206 -4.71 6.48 -18.71
C LYS J 206 -3.98 7.04 -17.50
N GLU J 207 -4.48 8.13 -16.92
CA GLU J 207 -3.89 8.72 -15.72
C GLU J 207 -4.47 8.13 -14.43
N VAL J 208 -5.62 7.46 -14.51
CA VAL J 208 -6.25 6.87 -13.32
C VAL J 208 -6.25 5.35 -13.35
N TRP J 209 -5.82 4.72 -14.44
CA TRP J 209 -5.69 3.27 -14.47
C TRP J 209 -4.76 2.71 -13.38
N PRO J 210 -3.62 3.34 -13.06
CA PRO J 210 -2.80 2.79 -11.96
C PRO J 210 -3.56 2.67 -10.65
N PHE J 211 -4.44 3.61 -10.34
CA PHE J 211 -5.24 3.50 -9.12
C PHE J 211 -6.18 2.30 -9.18
N PHE J 212 -6.76 2.04 -10.36
CA PHE J 212 -7.58 0.84 -10.54
C PHE J 212 -6.75 -0.41 -10.27
N ALA J 213 -5.53 -0.47 -10.81
CA ALA J 213 -4.69 -1.64 -10.60
C ALA J 213 -4.33 -1.80 -9.13
N ILE J 214 -3.99 -0.70 -8.46
CA ILE J 214 -3.63 -0.78 -7.04
C ILE J 214 -4.82 -1.26 -6.21
N GLY J 215 -6.01 -0.74 -6.49
CA GLY J 215 -7.19 -1.20 -5.78
C GLY J 215 -7.49 -2.67 -6.03
N PHE J 216 -7.34 -3.11 -7.28
CA PHE J 216 -7.59 -4.50 -7.61
C PHE J 216 -6.61 -5.41 -6.87
N VAL J 217 -5.34 -5.04 -6.81
CA VAL J 217 -4.36 -5.88 -6.12
C VAL J 217 -4.59 -5.86 -4.61
N LEU J 218 -4.88 -4.68 -4.05
CA LEU J 218 -5.08 -4.57 -2.61
C LEU J 218 -6.36 -5.25 -2.15
N ALA J 219 -7.34 -5.44 -3.05
CA ALA J 219 -8.54 -6.16 -2.67
C ALA J 219 -8.28 -7.65 -2.44
N THR J 220 -7.17 -8.18 -2.95
CA THR J 220 -6.83 -9.58 -2.72
C THR J 220 -6.43 -9.87 -1.28
N ILE J 221 -6.13 -8.84 -0.49
CA ILE J 221 -5.88 -9.01 0.93
C ILE J 221 -7.24 -9.11 1.62
N SER J 222 -7.62 -10.33 2.04
CA SER J 222 -8.94 -10.56 2.59
C SER J 222 -9.15 -9.83 3.91
N GLN J 223 -8.08 -9.50 4.61
CA GLN J 223 -8.20 -8.87 5.92
C GLN J 223 -8.52 -7.39 5.83
N LEU J 224 -8.52 -6.82 4.62
CA LEU J 224 -8.90 -5.42 4.42
C LEU J 224 -10.38 -5.33 4.11
N THR J 225 -11.08 -4.44 4.80
CA THR J 225 -12.51 -4.24 4.57
C THR J 225 -12.72 -3.21 3.47
N LEU J 226 -13.99 -3.01 3.10
CA LEU J 226 -14.32 -2.06 2.06
C LEU J 226 -14.15 -0.62 2.53
N ILE J 227 -14.43 -0.34 3.80
CA ILE J 227 -14.22 1.01 4.33
C ILE J 227 -12.73 1.33 4.35
N GLY J 228 -11.89 0.36 4.68
CA GLY J 228 -10.46 0.58 4.63
C GLY J 228 -9.96 0.87 3.22
N LEU J 229 -10.46 0.11 2.24
CA LEU J 229 -10.08 0.36 0.86
C LEU J 229 -10.57 1.72 0.38
N GLY J 230 -11.78 2.11 0.78
CA GLY J 230 -12.27 3.43 0.42
C GLY J 230 -11.46 4.55 1.05
N ALA J 231 -11.04 4.36 2.30
CA ALA J 231 -10.19 5.35 2.95
C ALA J 231 -8.83 5.44 2.26
N ILE J 232 -8.27 4.30 1.86
CA ILE J 232 -7.01 4.32 1.12
C ILE J 232 -7.19 5.06 -0.20
N GLY J 233 -8.28 4.81 -0.91
CA GLY J 233 -8.51 5.50 -2.16
C GLY J 233 -8.68 6.99 -1.99
N ILE J 234 -9.41 7.40 -0.96
CA ILE J 234 -9.60 8.83 -0.69
C ILE J 234 -8.26 9.49 -0.36
N SER J 235 -7.46 8.83 0.48
CA SER J 235 -6.15 9.37 0.83
C SER J 235 -5.25 9.49 -0.39
N LEU J 236 -5.27 8.47 -1.26
CA LEU J 236 -4.45 8.52 -2.47
C LEU J 236 -4.91 9.64 -3.39
N ALA J 237 -6.22 9.83 -3.53
CA ALA J 237 -6.74 10.93 -4.34
C ALA J 237 -6.32 12.27 -3.77
N LEU J 238 -6.39 12.43 -2.46
CA LEU J 238 -5.99 13.68 -1.82
C LEU J 238 -4.50 13.95 -2.03
N ILE J 239 -3.67 12.93 -1.87
CA ILE J 239 -2.23 13.10 -2.05
C ILE J 239 -1.91 13.44 -3.50
N TYR J 240 -2.56 12.77 -4.45
CA TYR J 240 -2.34 13.05 -5.85
C TYR J 240 -2.76 14.47 -6.21
N LEU J 241 -3.90 14.91 -5.71
CA LEU J 241 -4.34 16.28 -5.97
C LEU J 241 -3.38 17.29 -5.36
N ALA J 242 -2.90 17.03 -4.15
CA ALA J 242 -1.96 17.95 -3.51
C ALA J 242 -0.66 18.03 -4.29
N LEU J 243 -0.14 16.91 -4.77
CA LEU J 243 1.09 16.89 -5.54
C LEU J 243 0.90 17.38 -6.97
N SER J 244 -0.32 17.46 -7.46
CA SER J 244 -0.61 17.97 -8.79
C SER J 244 -0.90 19.47 -8.82
N LYS J 245 -1.49 20.02 -7.75
CA LYS J 245 -1.75 21.45 -7.71
C LYS J 245 -0.47 22.27 -7.75
N GLN J 246 0.64 21.72 -7.23
CA GLN J 246 1.93 22.40 -7.26
C GLN J 246 2.70 22.01 -8.53
N GLY J 247 1.99 22.08 -9.65
CA GLY J 247 2.57 21.74 -10.93
C GLY J 247 1.62 21.99 -12.09
N GLU K 3 -45.00 44.22 -11.78
CA GLU K 3 -44.84 43.72 -10.42
C GLU K 3 -46.16 43.24 -9.85
N GLN K 4 -47.24 43.39 -10.63
CA GLN K 4 -48.55 42.98 -10.18
C GLN K 4 -48.72 41.46 -10.21
N LEU K 5 -48.00 40.76 -11.09
CA LEU K 5 -48.09 39.31 -11.19
C LEU K 5 -47.22 38.68 -10.11
N LYS K 6 -47.86 37.96 -9.19
CA LYS K 6 -47.18 37.31 -8.08
C LYS K 6 -47.68 35.88 -7.95
N LEU K 7 -46.76 34.95 -7.72
CA LEU K 7 -47.11 33.55 -7.53
C LEU K 7 -47.44 33.32 -6.06
N THR K 8 -48.68 32.96 -5.79
CA THR K 8 -49.11 32.71 -4.42
C THR K 8 -48.58 31.35 -3.95
N LYS K 9 -48.80 31.06 -2.67
CA LYS K 9 -48.38 29.78 -2.12
C LYS K 9 -49.18 28.62 -2.72
N LYS K 10 -50.41 28.88 -3.16
CA LYS K 10 -51.20 27.84 -3.79
C LYS K 10 -50.57 27.36 -5.08
N ASP K 11 -50.05 28.28 -5.91
CA ASP K 11 -49.41 27.88 -7.15
C ASP K 11 -48.13 27.10 -6.90
N ARG K 12 -47.35 27.51 -5.91
CA ARG K 12 -46.13 26.77 -5.57
C ARG K 12 -46.47 25.39 -5.03
N ILE K 13 -47.54 25.27 -4.25
CA ILE K 13 -47.98 23.97 -3.76
C ILE K 13 -48.45 23.09 -4.92
N SER K 14 -49.15 23.68 -5.89
CA SER K 14 -49.58 22.93 -7.06
C SER K 14 -48.39 22.43 -7.86
N VAL K 15 -47.37 23.28 -8.04
CA VAL K 15 -46.16 22.87 -8.74
C VAL K 15 -45.46 21.75 -7.98
N TRP K 16 -45.37 21.88 -6.66
CA TRP K 16 -44.72 20.85 -5.85
C TRP K 16 -45.46 19.52 -5.93
N LEU K 17 -46.79 19.56 -5.96
CA LEU K 17 -47.57 18.34 -6.12
C LEU K 17 -47.39 17.74 -7.49
N ARG K 18 -47.42 18.57 -8.55
CA ARG K 18 -47.24 18.08 -9.90
C ARG K 18 -45.83 17.57 -10.17
N SER K 19 -44.87 17.94 -9.32
CA SER K 19 -43.50 17.44 -9.48
C SER K 19 -43.41 15.94 -9.29
N THR K 20 -44.45 15.28 -8.77
CA THR K 20 -44.46 13.84 -8.70
C THR K 20 -44.45 13.21 -10.09
N PHE K 21 -45.11 13.85 -11.05
CA PHE K 21 -45.22 13.35 -12.42
C PHE K 21 -44.07 13.81 -13.30
N LEU K 22 -42.91 14.12 -12.70
CA LEU K 22 -41.78 14.62 -13.49
C LEU K 22 -41.30 13.58 -14.49
N GLN K 23 -41.24 12.32 -14.09
CA GLN K 23 -40.76 11.24 -14.95
C GLN K 23 -41.90 10.48 -15.62
N GLY K 24 -43.03 11.14 -15.87
CA GLY K 24 -44.19 10.43 -16.40
C GLY K 24 -43.93 9.82 -17.77
N SER K 25 -43.28 10.57 -18.67
CA SER K 25 -42.99 10.07 -20.01
C SER K 25 -41.57 9.51 -20.09
N TRP K 26 -40.58 10.34 -19.78
CA TRP K 26 -39.16 10.01 -19.80
C TRP K 26 -38.78 9.31 -21.10
N ASN K 27 -38.85 10.08 -22.20
CA ASN K 27 -38.36 9.53 -23.45
C ASN K 27 -36.84 9.45 -23.43
N TYR K 28 -36.26 8.91 -24.50
CA TYR K 28 -34.82 8.70 -24.55
C TYR K 28 -34.04 9.88 -25.12
N GLU K 29 -34.72 10.84 -25.76
CA GLU K 29 -33.99 11.95 -26.37
C GLU K 29 -33.94 13.18 -25.47
N ARG K 30 -35.07 13.63 -24.94
CA ARG K 30 -35.13 14.77 -24.02
C ARG K 30 -35.80 14.26 -22.75
N MET K 31 -35.01 13.68 -21.86
CA MET K 31 -35.51 12.71 -20.88
C MET K 31 -36.70 13.21 -20.07
N GLN K 32 -36.53 14.24 -19.26
CA GLN K 32 -37.60 14.71 -18.37
C GLN K 32 -38.26 15.98 -18.86
N ASN K 33 -38.23 16.25 -20.17
CA ASN K 33 -38.77 17.51 -20.69
C ASN K 33 -40.28 17.58 -20.51
N GLY K 34 -40.99 16.49 -20.80
CA GLY K 34 -42.44 16.52 -20.72
C GLY K 34 -42.94 16.71 -19.31
N GLY K 35 -42.36 15.99 -18.35
CA GLY K 35 -42.74 16.17 -16.96
C GLY K 35 -42.38 17.55 -16.45
N TRP K 36 -41.19 18.05 -16.83
CA TRP K 36 -40.77 19.39 -16.41
C TRP K 36 -41.75 20.44 -16.91
N ALA K 37 -42.19 20.33 -18.17
CA ALA K 37 -43.19 21.26 -18.66
C ALA K 37 -44.55 21.05 -17.99
N TYR K 38 -44.87 19.81 -17.61
CA TYR K 38 -46.15 19.53 -16.98
C TYR K 38 -46.25 20.16 -15.59
N THR K 39 -45.17 20.08 -14.81
CA THR K 39 -45.21 20.63 -13.45
C THR K 39 -45.42 22.15 -13.45
N LEU K 40 -44.85 22.84 -14.43
CA LEU K 40 -44.88 24.30 -14.46
C LEU K 40 -46.18 24.88 -15.00
N ILE K 41 -47.10 24.03 -15.46
CA ILE K 41 -48.31 24.54 -16.13
C ILE K 41 -49.11 25.52 -15.27
N PRO K 42 -49.38 25.27 -13.98
CA PRO K 42 -50.08 26.29 -13.20
C PRO K 42 -49.36 27.63 -13.15
N ALA K 43 -48.04 27.60 -13.00
CA ALA K 43 -47.26 28.83 -12.91
C ALA K 43 -47.30 29.59 -14.24
N LEU K 44 -46.99 28.92 -15.34
CA LEU K 44 -47.05 29.57 -16.65
C LEU K 44 -48.47 29.97 -17.02
N LYS K 45 -49.47 29.33 -16.44
CA LYS K 45 -50.86 29.68 -16.69
C LYS K 45 -51.24 30.97 -15.97
N LYS K 46 -50.75 31.15 -14.73
CA LYS K 46 -51.02 32.39 -14.03
C LYS K 46 -50.18 33.53 -14.57
N LEU K 47 -48.92 33.27 -14.91
CA LEU K 47 -48.01 34.35 -15.30
C LEU K 47 -48.32 34.87 -16.70
N TYR K 48 -48.58 33.98 -17.64
CA TYR K 48 -48.73 34.34 -19.05
C TYR K 48 -50.18 34.14 -19.50
N LYS K 49 -50.67 35.06 -20.32
CA LYS K 49 -52.08 35.02 -20.74
C LYS K 49 -52.32 35.25 -22.23
N THR K 50 -51.39 35.83 -22.98
CA THR K 50 -51.71 36.36 -24.30
C THR K 50 -51.79 35.30 -25.39
N LYS K 51 -51.43 34.05 -25.09
CA LYS K 51 -51.40 32.89 -25.98
C LYS K 51 -50.18 32.90 -26.91
N GLU K 52 -49.40 33.96 -26.96
CA GLU K 52 -48.04 33.88 -27.50
C GLU K 52 -47.00 33.69 -26.41
N ASP K 53 -47.22 34.29 -25.24
CA ASP K 53 -46.36 34.04 -24.10
C ASP K 53 -46.54 32.60 -23.59
N ARG K 54 -47.77 32.10 -23.60
CA ARG K 54 -48.02 30.72 -23.21
C ARG K 54 -47.26 29.74 -24.10
N SER K 55 -47.41 29.90 -25.42
CA SER K 55 -46.75 29.00 -26.35
C SER K 55 -45.23 29.13 -26.26
N ALA K 56 -44.73 30.36 -26.13
CA ALA K 56 -43.29 30.57 -26.01
C ALA K 56 -42.75 29.90 -24.76
N ALA K 57 -43.45 30.04 -23.63
CA ALA K 57 -43.00 29.41 -22.40
C ALA K 57 -43.04 27.88 -22.51
N LEU K 58 -44.09 27.34 -23.13
CA LEU K 58 -44.19 25.90 -23.29
C LEU K 58 -43.06 25.37 -24.15
N VAL K 59 -42.77 26.04 -25.27
CA VAL K 59 -41.67 25.60 -26.13
C VAL K 59 -40.33 25.76 -25.40
N ARG K 60 -40.21 26.81 -24.59
CA ARG K 60 -38.99 27.03 -23.82
C ARG K 60 -38.74 25.91 -22.82
N HIS K 61 -39.81 25.42 -22.18
CA HIS K 61 -39.68 24.42 -21.14
C HIS K 61 -39.88 22.99 -21.63
N MET K 62 -40.10 22.79 -22.93
CA MET K 62 -40.10 21.45 -23.51
C MET K 62 -38.71 21.02 -23.97
N GLU K 63 -37.68 21.82 -23.74
CA GLU K 63 -36.34 21.47 -24.14
C GLU K 63 -35.78 20.40 -23.19
N PHE K 64 -34.61 19.88 -23.56
CA PHE K 64 -33.99 18.78 -22.83
C PHE K 64 -33.86 19.12 -21.35
N PHE K 65 -34.33 18.20 -20.50
CA PHE K 65 -34.15 18.31 -19.06
C PHE K 65 -33.91 16.92 -18.51
N ASN K 66 -32.99 16.81 -17.56
CA ASN K 66 -32.73 15.54 -16.89
C ASN K 66 -31.93 15.78 -15.62
N THR K 67 -32.46 15.32 -14.50
CA THR K 67 -31.75 15.34 -13.22
C THR K 67 -32.40 14.29 -12.32
N HIS K 68 -31.92 14.20 -11.09
CA HIS K 68 -32.58 13.38 -10.10
C HIS K 68 -33.97 13.96 -9.82
N PRO K 69 -35.02 13.14 -9.80
CA PRO K 69 -36.38 13.70 -9.67
C PRO K 69 -36.62 14.45 -8.37
N TYR K 70 -35.81 14.21 -7.34
CA TYR K 70 -36.00 14.90 -6.06
C TYR K 70 -35.23 16.22 -5.99
N VAL K 71 -34.02 16.25 -6.55
CA VAL K 71 -33.23 17.48 -6.54
C VAL K 71 -33.67 18.47 -7.60
N ALA K 72 -34.71 18.16 -8.36
CA ALA K 72 -35.27 19.11 -9.31
C ALA K 72 -36.09 20.19 -8.63
N ALA K 73 -36.35 20.06 -7.32
CA ALA K 73 -37.15 21.07 -6.63
C ALA K 73 -36.47 22.43 -6.55
N PRO K 74 -35.19 22.54 -6.16
CA PRO K 74 -34.55 23.87 -6.20
C PRO K 74 -34.49 24.47 -7.59
N ILE K 75 -34.28 23.64 -8.61
CA ILE K 75 -34.30 24.13 -9.99
C ILE K 75 -35.68 24.65 -10.33
N LEU K 76 -36.72 23.94 -9.90
CA LEU K 76 -38.09 24.40 -10.12
C LEU K 76 -38.35 25.73 -9.45
N GLY K 77 -37.87 25.89 -8.22
CA GLY K 77 -38.06 27.15 -7.51
C GLY K 77 -37.34 28.31 -8.17
N VAL K 78 -36.09 28.09 -8.59
CA VAL K 78 -35.33 29.13 -9.28
C VAL K 78 -36.01 29.48 -10.59
N THR K 79 -36.50 28.48 -11.32
CA THR K 79 -37.22 28.74 -12.56
C THR K 79 -38.50 29.52 -12.31
N LEU K 80 -39.20 29.22 -11.21
CA LEU K 80 -40.40 29.96 -10.87
C LEU K 80 -40.07 31.42 -10.61
N ALA K 81 -39.01 31.69 -9.86
CA ALA K 81 -38.61 33.07 -9.59
C ALA K 81 -38.23 33.78 -10.89
N LEU K 82 -37.45 33.11 -11.74
CA LEU K 82 -37.00 33.72 -12.99
C LEU K 82 -38.17 34.02 -13.92
N GLU K 83 -39.13 33.10 -14.02
CA GLU K 83 -40.28 33.32 -14.89
C GLU K 83 -41.22 34.37 -14.31
N GLU K 84 -41.31 34.46 -12.99
CA GLU K 84 -42.07 35.54 -12.37
C GLU K 84 -41.45 36.89 -12.68
N GLU K 85 -40.12 36.99 -12.61
CA GLU K 85 -39.45 38.22 -12.98
C GLU K 85 -39.66 38.54 -14.46
N ARG K 86 -39.53 37.53 -15.32
CA ARG K 86 -39.68 37.74 -16.76
C ARG K 86 -41.09 38.20 -17.12
N ALA K 87 -42.10 37.62 -16.47
CA ALA K 87 -43.47 38.05 -16.72
C ALA K 87 -43.73 39.48 -16.27
N ASN K 88 -42.94 39.99 -15.33
CA ASN K 88 -43.09 41.34 -14.83
C ASN K 88 -42.37 42.38 -15.69
N GLY K 89 -41.64 41.95 -16.71
CA GLY K 89 -40.91 42.87 -17.58
C GLY K 89 -39.40 42.84 -17.41
N ALA K 90 -38.87 42.01 -16.53
CA ALA K 90 -37.43 41.94 -16.35
C ALA K 90 -36.77 41.34 -17.58
N PRO K 91 -35.51 41.73 -17.88
CA PRO K 91 -34.86 41.31 -19.13
C PRO K 91 -34.15 39.96 -19.01
N ILE K 92 -34.90 38.93 -18.59
CA ILE K 92 -34.44 37.55 -18.67
C ILE K 92 -35.13 36.94 -19.88
N ASP K 93 -34.45 36.96 -21.03
CA ASP K 93 -35.17 36.68 -22.28
C ASP K 93 -35.30 35.17 -22.53
N ASP K 94 -34.19 34.50 -22.86
CA ASP K 94 -34.24 33.07 -23.08
C ASP K 94 -33.00 32.35 -22.56
N VAL K 95 -31.89 33.08 -22.45
CA VAL K 95 -30.60 32.41 -22.22
C VAL K 95 -30.38 32.13 -20.75
N THR K 96 -30.80 33.04 -19.86
CA THR K 96 -30.57 32.84 -18.43
C THR K 96 -31.33 31.63 -17.91
N ILE K 97 -32.58 31.44 -18.36
CA ILE K 97 -33.40 30.33 -17.84
C ILE K 97 -32.79 29.00 -18.24
N GLN K 98 -32.47 28.83 -19.53
CA GLN K 98 -31.89 27.58 -20.00
C GLN K 98 -30.51 27.37 -19.40
N GLY K 99 -29.74 28.45 -19.23
CA GLY K 99 -28.43 28.33 -18.60
C GLY K 99 -28.52 27.83 -17.17
N VAL K 100 -29.46 28.39 -16.40
CA VAL K 100 -29.66 27.94 -15.02
C VAL K 100 -30.08 26.48 -15.01
N LYS K 101 -31.02 26.11 -15.89
CA LYS K 101 -31.50 24.73 -15.92
C LYS K 101 -30.36 23.76 -16.23
N VAL K 102 -29.58 24.05 -17.27
CA VAL K 102 -28.53 23.13 -17.71
C VAL K 102 -27.40 23.08 -16.68
N GLY K 103 -27.02 24.23 -16.13
CA GLY K 103 -25.95 24.25 -15.15
C GLY K 103 -26.33 23.68 -13.80
N MET K 104 -27.64 23.57 -13.53
CA MET K 104 -28.06 22.96 -12.28
C MET K 104 -28.37 21.48 -12.41
N MET K 105 -28.88 21.02 -13.57
CA MET K 105 -29.32 19.64 -13.67
C MET K 105 -28.16 18.66 -13.53
N GLY K 106 -26.95 19.06 -13.94
CA GLY K 106 -25.82 18.17 -13.92
C GLY K 106 -25.27 17.89 -12.53
N PRO K 107 -24.71 18.92 -11.88
CA PRO K 107 -24.19 18.72 -10.53
C PRO K 107 -25.24 18.25 -9.53
N LEU K 108 -26.47 18.74 -9.66
CA LEU K 108 -27.51 18.30 -8.73
C LEU K 108 -27.83 16.82 -8.92
N ALA K 109 -27.89 16.34 -10.15
CA ALA K 109 -28.07 14.91 -10.38
C ALA K 109 -26.89 14.12 -9.83
N GLY K 110 -25.66 14.61 -10.07
CA GLY K 110 -24.48 13.91 -9.61
C GLY K 110 -24.34 13.87 -8.10
N ILE K 111 -24.98 14.81 -7.40
CA ILE K 111 -24.97 14.78 -5.93
C ILE K 111 -26.21 14.09 -5.37
N GLY K 112 -27.30 14.04 -6.11
CA GLY K 112 -28.53 13.45 -5.60
C GLY K 112 -28.66 11.97 -5.86
N ASP K 113 -28.04 11.47 -6.93
CA ASP K 113 -28.05 10.02 -7.15
C ASP K 113 -27.35 9.27 -6.03
N PRO K 114 -26.14 9.62 -5.59
CA PRO K 114 -25.57 8.92 -4.42
C PRO K 114 -26.37 9.11 -3.14
N VAL K 115 -26.96 10.29 -2.95
CA VAL K 115 -27.65 10.56 -1.69
C VAL K 115 -28.90 9.71 -1.55
N PHE K 116 -29.72 9.65 -2.61
CA PHE K 116 -31.01 8.97 -2.54
C PHE K 116 -30.95 7.54 -3.06
N TRP K 117 -30.30 7.30 -4.19
CA TRP K 117 -30.31 5.96 -4.78
C TRP K 117 -29.37 5.02 -4.05
N PHE K 118 -28.23 5.52 -3.57
CA PHE K 118 -27.18 4.65 -3.06
C PHE K 118 -26.86 4.84 -1.58
N THR K 119 -27.46 5.81 -0.90
CA THR K 119 -27.22 5.98 0.53
C THR K 119 -28.48 5.80 1.36
N VAL K 120 -29.56 6.53 1.04
CA VAL K 120 -30.77 6.48 1.86
C VAL K 120 -31.60 5.25 1.50
N LYS K 121 -31.85 5.06 0.21
CA LYS K 121 -32.67 3.93 -0.23
C LYS K 121 -32.07 2.58 0.17
N PRO K 122 -30.78 2.30 -0.04
CA PRO K 122 -30.26 1.00 0.40
C PRO K 122 -30.42 0.77 1.90
N ILE K 123 -30.19 1.78 2.72
CA ILE K 123 -30.27 1.59 4.18
C ILE K 123 -31.71 1.34 4.61
N ILE K 124 -32.63 2.17 4.12
CA ILE K 124 -34.03 2.02 4.52
C ILE K 124 -34.58 0.70 3.97
N GLY K 125 -34.22 0.34 2.75
CA GLY K 125 -34.67 -0.91 2.18
C GLY K 125 -34.10 -2.12 2.90
N ALA K 126 -32.85 -2.04 3.34
CA ALA K 126 -32.27 -3.12 4.12
C ALA K 126 -32.99 -3.29 5.45
N LEU K 127 -33.28 -2.18 6.13
CA LEU K 127 -34.04 -2.27 7.38
C LEU K 127 -35.42 -2.89 7.14
N ALA K 128 -36.11 -2.42 6.09
CA ALA K 128 -37.45 -2.94 5.81
C ALA K 128 -37.41 -4.41 5.43
N ALA K 129 -36.41 -4.81 4.65
CA ALA K 129 -36.29 -6.21 4.25
C ALA K 129 -35.96 -7.10 5.45
N SER K 130 -35.09 -6.63 6.34
CA SER K 130 -34.77 -7.39 7.54
C SER K 130 -36.02 -7.57 8.40
N LEU K 131 -36.82 -6.51 8.54
CA LEU K 131 -38.07 -6.65 9.29
C LEU K 131 -39.05 -7.59 8.59
N ALA K 132 -39.15 -7.50 7.26
CA ALA K 132 -40.18 -8.23 6.54
C ALA K 132 -39.86 -9.72 6.40
N MET K 133 -38.58 -10.07 6.25
CA MET K 133 -38.23 -11.48 6.13
C MET K 133 -38.52 -12.24 7.42
N SER K 134 -38.51 -11.55 8.56
CA SER K 134 -38.86 -12.15 9.84
C SER K 134 -40.36 -12.14 10.10
N GLY K 135 -41.17 -11.96 9.06
CA GLY K 135 -42.62 -12.01 9.20
C GLY K 135 -43.26 -10.78 9.79
N ASN K 136 -42.50 -9.70 9.99
CA ASN K 136 -43.05 -8.49 10.60
C ASN K 136 -43.61 -7.57 9.53
N ILE K 137 -44.88 -7.18 9.70
CA ILE K 137 -45.52 -6.25 8.77
C ILE K 137 -44.99 -4.84 8.93
N LEU K 138 -44.20 -4.57 9.97
CA LEU K 138 -43.71 -3.22 10.24
C LEU K 138 -42.68 -2.77 9.20
N GLY K 139 -42.08 -3.69 8.47
CA GLY K 139 -41.04 -3.37 7.51
C GLY K 139 -41.49 -2.49 6.36
N PRO K 140 -42.45 -2.98 5.56
CA PRO K 140 -42.98 -2.14 4.47
C PRO K 140 -43.58 -0.84 4.95
N ILE K 141 -44.25 -0.85 6.11
CA ILE K 141 -44.84 0.39 6.63
C ILE K 141 -43.75 1.40 6.95
N ILE K 142 -42.68 0.95 7.62
CA ILE K 142 -41.57 1.85 7.92
C ILE K 142 -40.94 2.37 6.64
N TYR K 143 -40.71 1.49 5.66
CA TYR K 143 -40.11 1.91 4.41
C TYR K 143 -40.95 3.00 3.74
N PHE K 144 -42.25 2.73 3.58
CA PHE K 144 -43.12 3.69 2.92
C PHE K 144 -43.14 5.03 3.66
N VAL K 145 -43.37 4.98 4.98
CA VAL K 145 -43.54 6.21 5.74
C VAL K 145 -42.26 7.03 5.72
N ALA K 146 -41.13 6.41 6.05
CA ALA K 146 -39.87 7.15 6.11
C ALA K 146 -39.49 7.69 4.74
N TRP K 147 -39.54 6.85 3.71
CA TRP K 147 -39.14 7.28 2.38
C TRP K 147 -39.99 8.44 1.88
N ASN K 148 -41.31 8.32 2.03
CA ASN K 148 -42.19 9.36 1.50
C ASN K 148 -42.09 10.64 2.32
N ALA K 149 -41.97 10.53 3.65
CA ALA K 149 -41.82 11.73 4.46
C ALA K 149 -40.54 12.48 4.07
N ILE K 150 -39.43 11.76 3.96
CA ILE K 150 -38.17 12.40 3.57
C ILE K 150 -38.30 13.04 2.20
N ARG K 151 -38.88 12.31 1.25
CA ARG K 151 -38.98 12.81 -0.12
C ARG K 151 -39.81 14.10 -0.18
N MET K 152 -41.02 14.08 0.37
CA MET K 152 -41.88 15.26 0.29
C MET K 152 -41.28 16.44 1.07
N ALA K 153 -40.74 16.19 2.26
CA ALA K 153 -40.15 17.28 3.03
C ALA K 153 -38.98 17.91 2.28
N PHE K 154 -38.08 17.07 1.76
CA PHE K 154 -36.92 17.60 1.04
C PHE K 154 -37.36 18.39 -0.18
N THR K 155 -38.30 17.85 -0.97
CA THR K 155 -38.72 18.54 -2.18
C THR K 155 -39.36 19.88 -1.85
N TRP K 156 -40.25 19.91 -0.85
CA TRP K 156 -40.93 21.16 -0.51
C TRP K 156 -39.94 22.21 -0.02
N TYR K 157 -39.07 21.83 0.91
CA TYR K 157 -38.16 22.81 1.50
C TYR K 157 -37.13 23.29 0.48
N THR K 158 -36.61 22.39 -0.36
CA THR K 158 -35.67 22.81 -1.38
C THR K 158 -36.33 23.69 -2.44
N GLN K 159 -37.58 23.39 -2.80
CA GLN K 159 -38.29 24.24 -3.74
C GLN K 159 -38.50 25.64 -3.19
N GLU K 160 -38.90 25.73 -1.91
CA GLU K 160 -39.06 27.05 -1.30
C GLU K 160 -37.74 27.80 -1.19
N PHE K 161 -36.67 27.10 -0.82
CA PHE K 161 -35.37 27.74 -0.74
C PHE K 161 -34.94 28.27 -2.11
N GLY K 162 -35.13 27.47 -3.16
CA GLY K 162 -34.79 27.92 -4.50
C GLY K 162 -35.63 29.10 -4.95
N TYR K 163 -36.92 29.08 -4.65
CA TYR K 163 -37.79 30.19 -5.04
C TYR K 163 -37.41 31.47 -4.32
N ARG K 164 -37.10 31.39 -3.02
CA ARG K 164 -36.74 32.57 -2.27
C ARG K 164 -35.30 33.02 -2.53
N ALA K 165 -34.47 32.16 -3.11
CA ALA K 165 -33.12 32.55 -3.50
C ALA K 165 -33.15 33.29 -4.84
N GLY K 166 -33.67 32.64 -5.88
CA GLY K 166 -33.83 33.28 -7.16
C GLY K 166 -32.55 33.48 -7.94
N SER K 167 -31.89 32.37 -8.31
CA SER K 167 -30.70 32.36 -9.16
C SER K 167 -29.48 32.91 -8.44
N LYS K 168 -29.65 33.37 -7.20
CA LYS K 168 -28.52 33.84 -6.41
C LYS K 168 -27.57 32.69 -6.10
N ILE K 169 -28.12 31.52 -5.81
CA ILE K 169 -27.30 30.36 -5.44
C ILE K 169 -26.42 29.95 -6.61
N THR K 170 -26.87 30.23 -7.84
CA THR K 170 -26.07 29.87 -9.01
C THR K 170 -24.78 30.68 -9.06
N GLU K 171 -24.89 32.01 -8.90
CA GLU K 171 -23.71 32.86 -8.96
C GLU K 171 -22.89 32.75 -7.67
N ASP K 172 -23.52 32.31 -6.58
CA ASP K 172 -22.83 32.18 -5.31
C ASP K 172 -21.71 31.15 -5.37
N LEU K 173 -21.96 30.01 -6.00
CA LEU K 173 -21.01 28.91 -6.00
C LEU K 173 -20.74 28.46 -7.42
N SER K 174 -20.05 27.31 -7.58
CA SER K 174 -19.73 26.68 -8.86
C SER K 174 -18.61 27.41 -9.58
N GLY K 175 -17.62 26.65 -10.06
CA GLY K 175 -16.45 27.21 -10.70
C GLY K 175 -15.43 26.14 -11.02
N GLY K 176 -14.18 26.38 -10.69
CA GLY K 176 -13.13 25.40 -10.87
C GLY K 176 -13.08 24.32 -9.81
N ILE K 177 -13.92 24.42 -8.77
CA ILE K 177 -13.96 23.38 -7.75
C ILE K 177 -14.50 22.07 -8.31
N LEU K 178 -15.42 22.15 -9.28
CA LEU K 178 -16.01 20.97 -9.88
C LEU K 178 -15.00 20.15 -10.68
N GLN K 179 -13.87 20.72 -11.05
CA GLN K 179 -12.80 19.97 -11.70
C GLN K 179 -11.97 19.17 -10.71
N ASP K 180 -11.59 19.77 -9.58
CA ASP K 180 -10.89 19.03 -8.54
C ASP K 180 -11.77 17.94 -7.95
N ILE K 181 -13.05 18.24 -7.74
CA ILE K 181 -13.98 17.24 -7.22
C ILE K 181 -14.10 16.07 -8.19
N THR K 182 -14.23 16.38 -9.49
CA THR K 182 -14.33 15.33 -10.50
C THR K 182 -13.06 14.49 -10.54
N LYS K 183 -11.90 15.13 -10.45
CA LYS K 183 -10.63 14.40 -10.49
C LYS K 183 -10.49 13.46 -9.29
N GLY K 184 -10.75 13.97 -8.10
CA GLY K 184 -10.66 13.13 -6.91
C GLY K 184 -11.67 12.00 -6.92
N ALA K 185 -12.89 12.30 -7.38
CA ALA K 185 -13.90 11.25 -7.50
C ALA K 185 -13.48 10.21 -8.51
N SER K 186 -12.85 10.62 -9.61
CA SER K 186 -12.38 9.66 -10.60
C SER K 186 -11.30 8.74 -10.01
N ILE K 187 -10.37 9.30 -9.25
CA ILE K 187 -9.32 8.48 -8.66
C ILE K 187 -9.91 7.49 -7.65
N LEU K 188 -10.75 8.00 -6.75
CA LEU K 188 -11.36 7.12 -5.75
C LEU K 188 -12.25 6.07 -6.39
N GLY K 189 -12.98 6.44 -7.43
CA GLY K 189 -13.85 5.50 -8.10
C GLY K 189 -13.08 4.42 -8.84
N MET K 190 -11.97 4.79 -9.48
CA MET K 190 -11.15 3.77 -10.13
C MET K 190 -10.59 2.79 -9.10
N PHE K 191 -10.12 3.31 -7.96
CA PHE K 191 -9.63 2.42 -6.89
C PHE K 191 -10.73 1.48 -6.42
N ILE K 192 -11.89 2.03 -6.07
CA ILE K 192 -12.96 1.22 -5.48
C ILE K 192 -13.56 0.28 -6.51
N LEU K 193 -13.59 0.67 -7.80
CA LEU K 193 -14.09 -0.22 -8.82
C LEU K 193 -13.13 -1.36 -9.10
N GLY K 194 -11.82 -1.11 -9.01
CA GLY K 194 -10.88 -2.22 -9.04
C GLY K 194 -11.11 -3.19 -7.90
N SER K 195 -11.32 -2.66 -6.70
CA SER K 195 -11.61 -3.54 -5.55
C SER K 195 -12.89 -4.33 -5.77
N LEU K 196 -13.93 -3.67 -6.27
CA LEU K 196 -15.22 -4.35 -6.48
C LEU K 196 -15.15 -5.38 -7.61
N VAL K 197 -14.37 -5.11 -8.65
CA VAL K 197 -14.19 -6.12 -9.70
C VAL K 197 -13.43 -7.30 -9.15
N ASN K 198 -12.46 -7.06 -8.27
CA ASN K 198 -11.73 -8.17 -7.65
C ASN K 198 -12.64 -9.01 -6.76
N ARG K 199 -13.52 -8.38 -5.98
CA ARG K 199 -14.20 -9.07 -4.90
C ARG K 199 -15.63 -9.52 -5.21
N TRP K 200 -16.36 -8.81 -6.06
CA TRP K 200 -17.79 -9.05 -6.22
C TRP K 200 -18.19 -9.68 -7.55
N VAL K 201 -17.31 -9.69 -8.54
CA VAL K 201 -17.61 -10.38 -9.79
C VAL K 201 -17.25 -11.85 -9.59
N SER K 202 -18.26 -12.71 -9.54
CA SER K 202 -18.10 -14.10 -9.14
C SER K 202 -17.94 -14.97 -10.39
N VAL K 203 -16.69 -15.31 -10.68
CA VAL K 203 -16.37 -16.23 -11.78
C VAL K 203 -15.53 -17.35 -11.16
N LYS K 204 -16.19 -18.43 -10.76
CA LYS K 204 -15.53 -19.55 -10.11
C LYS K 204 -15.58 -20.78 -11.01
N PHE K 205 -14.45 -21.48 -11.10
CA PHE K 205 -14.33 -22.66 -11.95
C PHE K 205 -14.22 -23.90 -11.08
N THR K 206 -15.08 -24.88 -11.36
CA THR K 206 -15.14 -26.15 -10.64
C THR K 206 -14.08 -27.18 -11.05
N PRO K 207 -13.78 -27.39 -12.34
CA PRO K 207 -13.04 -28.59 -12.73
C PRO K 207 -11.66 -28.67 -12.10
N THR K 208 -11.24 -29.90 -11.82
CA THR K 208 -9.92 -30.19 -11.27
C THR K 208 -8.97 -30.57 -12.39
N VAL K 209 -7.74 -30.04 -12.33
CA VAL K 209 -6.75 -30.28 -13.37
C VAL K 209 -5.80 -31.43 -13.03
N SER K 210 -5.62 -31.75 -11.75
CA SER K 210 -4.71 -32.82 -11.37
C SER K 210 -5.06 -33.33 -9.98
N SER K 211 -4.88 -34.64 -9.76
CA SER K 211 -5.07 -35.28 -8.47
C SER K 211 -3.93 -36.29 -8.30
N VAL K 212 -2.84 -35.83 -7.70
CA VAL K 212 -1.65 -36.66 -7.54
C VAL K 212 -1.71 -37.38 -6.19
N LYS K 213 -1.06 -38.54 -6.14
CA LYS K 213 -0.93 -39.29 -4.89
C LYS K 213 0.35 -38.84 -4.19
N LEU K 214 0.18 -38.15 -3.07
CA LEU K 214 1.31 -37.60 -2.35
C LEU K 214 2.01 -38.67 -1.51
N ASP K 215 3.28 -38.40 -1.19
CA ASP K 215 4.16 -39.42 -0.64
C ASP K 215 3.79 -39.77 0.80
N LYS K 216 4.52 -40.73 1.35
CA LYS K 216 4.23 -41.31 2.66
C LYS K 216 4.33 -40.28 3.78
N GLY K 217 5.35 -39.43 3.74
CA GLY K 217 5.59 -38.50 4.82
C GLY K 217 4.82 -37.20 4.75
N ALA K 218 3.93 -37.05 3.77
CA ALA K 218 3.22 -35.78 3.59
C ALA K 218 1.77 -35.82 4.06
N PHE K 219 1.22 -37.00 4.36
CA PHE K 219 -0.13 -37.10 4.90
C PHE K 219 -0.08 -37.67 6.31
N ILE K 220 -1.20 -37.51 7.02
CA ILE K 220 -1.23 -37.80 8.45
C ILE K 220 -1.12 -39.30 8.73
N ASP K 221 -1.61 -40.15 7.82
CA ASP K 221 -1.58 -41.60 7.99
C ASP K 221 -2.34 -42.02 9.26
N TRP K 222 -3.65 -41.80 9.19
CA TRP K 222 -4.53 -42.04 10.33
C TRP K 222 -4.46 -43.47 10.84
N ASP K 223 -4.08 -44.42 9.98
CA ASP K 223 -3.97 -45.80 10.41
C ASP K 223 -2.93 -45.97 11.52
N LYS K 224 -1.77 -45.33 11.36
CA LYS K 224 -0.73 -45.35 12.39
C LYS K 224 -0.87 -44.05 13.18
N LEU K 225 -1.75 -44.09 14.17
CA LEU K 225 -2.05 -42.95 15.02
C LEU K 225 -2.36 -43.44 16.42
N PRO K 226 -1.98 -42.69 17.45
CA PRO K 226 -2.31 -43.07 18.82
C PRO K 226 -3.81 -43.02 19.05
N SER K 227 -4.22 -43.56 20.20
CA SER K 227 -5.62 -43.64 20.59
C SER K 227 -5.91 -42.68 21.73
N GLY K 228 -7.12 -42.13 21.74
CA GLY K 228 -7.51 -41.22 22.80
C GLY K 228 -7.06 -39.79 22.53
N ALA K 229 -6.86 -39.05 23.63
CA ALA K 229 -6.46 -37.66 23.51
C ALA K 229 -5.07 -37.53 22.89
N LYS K 230 -4.22 -38.54 23.08
CA LYS K 230 -2.91 -38.53 22.45
C LYS K 230 -3.02 -38.55 20.92
N GLY K 231 -3.96 -39.34 20.39
CA GLY K 231 -4.18 -39.35 18.96
C GLY K 231 -4.67 -38.02 18.43
N ILE K 232 -5.58 -37.37 19.17
CA ILE K 232 -6.08 -36.05 18.78
C ILE K 232 -4.93 -35.04 18.78
N GLN K 233 -4.09 -35.08 19.81
CA GLN K 233 -2.95 -34.17 19.87
C GLN K 233 -2.00 -34.40 18.72
N SER K 234 -1.71 -35.67 18.40
CA SER K 234 -0.81 -35.98 17.29
C SER K 234 -1.40 -35.50 15.97
N ALA K 235 -2.70 -35.71 15.76
CA ALA K 235 -3.33 -35.26 14.52
C ALA K 235 -3.30 -33.75 14.40
N LEU K 236 -3.58 -33.03 15.49
CA LEU K 236 -3.54 -31.58 15.45
C LEU K 236 -2.13 -31.07 15.19
N GLN K 237 -1.13 -31.69 15.82
CA GLN K 237 0.25 -31.28 15.59
C GLN K 237 0.68 -31.52 14.15
N GLN K 238 0.30 -32.68 13.60
CA GLN K 238 0.66 -32.97 12.21
C GLN K 238 -0.04 -32.03 11.24
N GLN K 239 -1.30 -31.68 11.53
CA GLN K 239 -1.99 -30.70 10.70
C GLN K 239 -1.33 -29.34 10.79
N ALA K 240 -0.87 -28.95 11.98
CA ALA K 240 -0.18 -27.67 12.14
C ALA K 240 1.14 -27.66 11.38
N GLN K 241 1.79 -28.82 11.26
CA GLN K 241 3.04 -28.90 10.50
C GLN K 241 2.83 -28.81 9.00
N GLY K 242 1.58 -28.86 8.53
CA GLY K 242 1.28 -28.78 7.12
C GLY K 242 0.98 -30.10 6.45
N LEU K 243 0.92 -31.20 7.20
CA LEU K 243 0.61 -32.49 6.60
C LEU K 243 -0.82 -32.51 6.07
N SER K 244 -1.00 -33.12 4.91
CA SER K 244 -2.31 -33.17 4.28
C SER K 244 -3.24 -34.11 5.05
N LEU K 245 -4.53 -33.76 5.07
CA LEU K 245 -5.54 -34.60 5.70
C LEU K 245 -5.89 -35.82 4.87
N THR K 246 -5.43 -35.89 3.62
CA THR K 246 -5.66 -37.04 2.75
C THR K 246 -4.36 -37.38 2.04
N ASP K 247 -4.34 -38.58 1.44
CA ASP K 247 -3.17 -39.06 0.72
C ASP K 247 -3.14 -38.60 -0.73
N HIS K 248 -4.12 -37.82 -1.17
CA HIS K 248 -4.18 -37.30 -2.52
C HIS K 248 -4.25 -35.77 -2.48
N LYS K 249 -3.52 -35.13 -3.37
CA LYS K 249 -3.50 -33.67 -3.48
C LYS K 249 -4.27 -33.29 -4.74
N ILE K 250 -5.43 -32.65 -4.54
CA ILE K 250 -6.31 -32.26 -5.64
C ILE K 250 -6.10 -30.78 -5.92
N THR K 251 -5.80 -30.46 -7.18
CA THR K 251 -5.62 -29.09 -7.63
C THR K 251 -6.71 -28.77 -8.64
N THR K 252 -7.41 -27.66 -8.42
CA THR K 252 -8.48 -27.22 -9.30
C THR K 252 -7.98 -26.14 -10.26
N LEU K 253 -8.77 -25.88 -11.30
CA LEU K 253 -8.46 -24.80 -12.22
C LEU K 253 -8.50 -23.46 -11.51
N GLN K 254 -9.43 -23.29 -10.57
CA GLN K 254 -9.48 -22.06 -9.77
C GLN K 254 -8.20 -21.88 -8.97
N ASP K 255 -7.63 -22.97 -8.46
CA ASP K 255 -6.37 -22.88 -7.73
C ASP K 255 -5.25 -22.40 -8.65
N ASN K 256 -5.19 -22.93 -9.87
CA ASN K 256 -4.17 -22.50 -10.82
C ASN K 256 -4.35 -21.03 -11.18
N LEU K 257 -5.59 -20.58 -11.37
CA LEU K 257 -5.85 -19.19 -11.68
C LEU K 257 -5.45 -18.28 -10.52
N ASP K 258 -5.77 -18.68 -9.29
CA ASP K 258 -5.39 -17.89 -8.12
C ASP K 258 -3.89 -17.92 -7.86
N SER K 259 -3.19 -18.93 -8.39
CA SER K 259 -1.73 -18.94 -8.28
C SER K 259 -1.13 -17.72 -8.95
N LEU K 260 -1.72 -17.27 -10.05
CA LEU K 260 -1.27 -16.04 -10.69
C LEU K 260 -1.73 -14.82 -9.89
N ILE K 261 -3.05 -14.64 -9.77
CA ILE K 261 -3.63 -13.61 -8.92
C ILE K 261 -5.12 -13.92 -8.75
N PRO K 262 -5.67 -13.81 -7.54
CA PRO K 262 -7.12 -13.98 -7.38
C PRO K 262 -7.90 -12.91 -8.14
N GLY K 263 -9.04 -13.32 -8.68
CA GLY K 263 -9.88 -12.41 -9.43
C GLY K 263 -9.47 -12.18 -10.86
N LEU K 264 -8.61 -13.04 -11.41
CA LEU K 264 -8.15 -12.84 -12.79
C LEU K 264 -9.28 -13.02 -13.79
N ALA K 265 -10.11 -14.05 -13.59
CA ALA K 265 -11.23 -14.28 -14.51
C ALA K 265 -12.24 -13.14 -14.43
N ALA K 266 -12.49 -12.61 -13.23
CA ALA K 266 -13.39 -11.48 -13.09
C ALA K 266 -12.86 -10.25 -13.83
N LEU K 267 -11.56 -9.99 -13.70
CA LEU K 267 -10.96 -8.86 -14.41
C LEU K 267 -11.04 -9.05 -15.92
N GLY K 268 -10.78 -10.26 -16.40
CA GLY K 268 -10.89 -10.53 -17.82
C GLY K 268 -12.30 -10.33 -18.34
N LEU K 269 -13.29 -10.83 -17.58
CA LEU K 269 -14.69 -10.65 -17.97
C LEU K 269 -15.07 -9.17 -17.99
N THR K 270 -14.63 -8.41 -17.00
CA THR K 270 -14.93 -6.99 -16.96
C THR K 270 -14.32 -6.26 -18.14
N LEU K 271 -13.06 -6.57 -18.48
CA LEU K 271 -12.41 -5.94 -19.62
C LEU K 271 -13.11 -6.31 -20.93
N PHE K 272 -13.52 -7.58 -21.06
CA PHE K 272 -14.25 -8.00 -22.25
C PHE K 272 -15.58 -7.28 -22.37
N CYS K 273 -16.27 -7.09 -21.24
CA CYS K 273 -17.53 -6.34 -21.25
C CYS K 273 -17.28 -4.88 -21.62
N MET K 274 -16.19 -4.29 -21.14
CA MET K 274 -15.83 -2.93 -21.55
C MET K 274 -15.63 -2.84 -23.05
N TRP K 275 -14.90 -3.81 -23.61
CA TRP K 275 -14.65 -3.81 -25.05
C TRP K 275 -15.95 -3.98 -25.83
N LEU K 276 -16.83 -4.86 -25.35
CA LEU K 276 -18.12 -5.07 -26.02
C LEU K 276 -18.97 -3.80 -25.97
N LEU K 277 -18.99 -3.11 -24.83
CA LEU K 277 -19.73 -1.87 -24.73
C LEU K 277 -19.17 -0.81 -25.66
N LYS K 278 -17.84 -0.75 -25.78
CA LYS K 278 -17.23 0.18 -26.72
C LYS K 278 -17.63 -0.10 -28.16
N LYS K 279 -17.92 -1.37 -28.47
CA LYS K 279 -18.30 -1.77 -29.82
C LYS K 279 -19.80 -1.64 -30.09
N LYS K 280 -20.50 -0.78 -29.34
CA LYS K 280 -21.90 -0.46 -29.57
C LYS K 280 -22.81 -1.67 -29.38
N VAL K 281 -22.39 -2.61 -28.54
CA VAL K 281 -23.26 -3.72 -28.15
C VAL K 281 -24.10 -3.30 -26.96
N SER K 282 -25.42 -3.49 -27.06
CA SER K 282 -26.31 -3.02 -26.01
C SER K 282 -26.09 -3.81 -24.73
N PRO K 283 -26.16 -3.15 -23.57
CA PRO K 283 -25.90 -3.87 -22.31
C PRO K 283 -26.90 -4.98 -22.01
N ILE K 284 -28.14 -4.88 -22.50
CA ILE K 284 -29.12 -5.91 -22.23
C ILE K 284 -28.74 -7.21 -22.93
N VAL K 285 -28.20 -7.11 -24.15
CA VAL K 285 -27.68 -8.29 -24.84
C VAL K 285 -26.56 -8.93 -24.04
N ILE K 286 -25.69 -8.10 -23.46
CA ILE K 286 -24.58 -8.64 -22.67
C ILE K 286 -25.09 -9.33 -21.41
N ILE K 287 -26.13 -8.77 -20.78
CA ILE K 287 -26.69 -9.38 -19.58
C ILE K 287 -27.31 -10.73 -19.91
N LEU K 288 -28.11 -10.78 -20.98
CA LEU K 288 -28.70 -12.04 -21.40
C LEU K 288 -27.63 -13.06 -21.78
N GLY K 289 -26.58 -12.60 -22.46
CA GLY K 289 -25.48 -13.49 -22.81
C GLY K 289 -24.75 -14.02 -21.60
N LEU K 290 -24.60 -13.18 -20.56
CA LEU K 290 -23.98 -13.66 -19.32
C LEU K 290 -24.83 -14.72 -18.65
N PHE K 291 -26.15 -14.54 -18.65
CA PHE K 291 -27.03 -15.57 -18.11
C PHE K 291 -26.88 -16.87 -18.90
N VAL K 292 -26.84 -16.77 -20.23
CA VAL K 292 -26.72 -17.96 -21.07
C VAL K 292 -25.37 -18.65 -20.85
N VAL K 293 -24.31 -17.86 -20.72
CA VAL K 293 -22.98 -18.43 -20.46
C VAL K 293 -22.95 -19.13 -19.11
N GLY K 294 -23.57 -18.54 -18.08
CA GLY K 294 -23.66 -19.21 -16.81
C GLY K 294 -24.37 -20.55 -16.90
N ILE K 295 -25.51 -20.57 -17.60
CA ILE K 295 -26.26 -21.82 -17.74
C ILE K 295 -25.44 -22.86 -18.48
N VAL K 296 -24.81 -22.46 -19.59
CA VAL K 296 -24.04 -23.40 -20.41
C VAL K 296 -22.85 -23.93 -19.63
N PHE K 297 -22.13 -23.06 -18.93
CA PHE K 297 -20.97 -23.50 -18.18
C PHE K 297 -21.36 -24.40 -17.02
N HIS K 298 -22.53 -24.18 -16.42
CA HIS K 298 -23.02 -25.14 -15.44
C HIS K 298 -23.32 -26.49 -16.10
N LEU K 299 -23.92 -26.47 -17.29
CA LEU K 299 -24.21 -27.72 -17.98
C LEU K 299 -22.94 -28.46 -18.38
N LEU K 300 -21.85 -27.73 -18.60
CA LEU K 300 -20.58 -28.33 -19.03
C LEU K 300 -19.63 -28.55 -17.86
N HIS K 301 -20.10 -28.42 -16.62
CA HIS K 301 -19.33 -28.64 -15.41
C HIS K 301 -18.12 -27.71 -15.31
N LEU K 302 -18.13 -26.59 -16.03
CA LEU K 302 -17.06 -25.62 -15.93
C LEU K 302 -17.26 -24.64 -14.78
N MET K 303 -18.50 -24.39 -14.38
CA MET K 303 -18.79 -23.46 -13.30
C MET K 303 -19.81 -24.05 -12.33
N THR L 14 -43.99 3.50 -38.06
CA THR L 14 -43.39 2.24 -37.66
C THR L 14 -41.91 2.40 -37.37
N SER L 15 -41.43 3.65 -37.43
CA SER L 15 -40.02 3.90 -37.14
C SER L 15 -39.70 3.72 -35.67
N LEU L 16 -40.67 3.94 -34.79
CA LEU L 16 -40.43 3.76 -33.35
C LEU L 16 -40.14 2.31 -33.02
N TYR L 17 -40.83 1.37 -33.68
CA TYR L 17 -40.56 -0.05 -33.45
C TYR L 17 -39.16 -0.43 -33.91
N LYS L 18 -38.73 0.10 -35.06
CA LYS L 18 -37.38 -0.16 -35.53
C LYS L 18 -36.35 0.44 -34.57
N LYS L 19 -36.64 1.63 -34.03
CA LYS L 19 -35.74 2.24 -33.06
C LYS L 19 -35.66 1.41 -31.78
N ALA L 20 -36.79 0.86 -31.34
CA ALA L 20 -36.78 -0.03 -30.18
C ALA L 20 -35.96 -1.28 -30.44
N GLY L 21 -36.12 -1.88 -31.63
CA GLY L 21 -35.29 -3.02 -31.98
C GLY L 21 -33.81 -2.70 -31.98
N GLU L 22 -33.45 -1.54 -32.54
CA GLU L 22 -32.07 -1.07 -32.48
C GLU L 22 -31.60 -0.97 -31.03
N ASN L 23 -32.37 -0.27 -30.20
CA ASN L 23 -31.98 -0.04 -28.81
C ASN L 23 -31.83 -1.35 -28.06
N LEU L 24 -32.57 -2.38 -28.47
CA LEU L 24 -32.41 -3.69 -27.87
C LEU L 24 -31.26 -4.49 -28.49
N TYR L 25 -30.76 -4.09 -29.65
CA TYR L 25 -29.71 -4.85 -30.32
C TYR L 25 -28.39 -4.11 -30.41
N PHE L 26 -28.33 -2.97 -31.08
CA PHE L 26 -27.09 -2.25 -31.39
C PHE L 26 -27.32 -0.76 -31.25
N GLN L 27 -26.38 0.02 -31.79
CA GLN L 27 -26.53 1.46 -31.92
C GLN L 27 -26.16 1.85 -33.35
N GLY L 28 -27.03 2.63 -33.98
CA GLY L 28 -26.79 3.08 -35.33
C GLY L 28 -27.08 2.08 -36.42
N SER L 29 -27.83 1.03 -36.12
CA SER L 29 -28.14 0.00 -37.11
C SER L 29 -29.33 0.34 -37.98
N MET L 30 -30.03 1.45 -37.70
CA MET L 30 -31.18 1.88 -38.47
C MET L 30 -30.79 3.04 -39.39
N LYS L 31 -31.79 3.63 -40.05
CA LYS L 31 -31.54 4.59 -41.12
C LYS L 31 -30.98 5.91 -40.62
N ALA L 32 -31.22 6.28 -39.35
CA ALA L 32 -30.77 7.56 -38.80
C ALA L 32 -31.38 8.72 -39.61
N ASP L 33 -32.70 8.85 -39.45
CA ASP L 33 -33.54 9.70 -40.29
C ASP L 33 -32.91 11.07 -40.58
N TYR L 34 -33.20 11.57 -41.78
CA TYR L 34 -32.44 12.70 -42.34
C TYR L 34 -32.70 14.00 -41.58
N LYS L 35 -33.90 14.20 -41.05
CA LYS L 35 -34.21 15.47 -40.41
C LYS L 35 -33.36 15.69 -39.17
N LYS L 36 -33.19 14.66 -38.34
CA LYS L 36 -32.36 14.79 -37.15
C LYS L 36 -30.90 15.04 -37.53
N ILE L 37 -30.41 14.35 -38.57
CA ILE L 37 -29.03 14.54 -39.00
C ILE L 37 -28.82 15.97 -39.51
N ASN L 38 -29.76 16.48 -40.29
CA ASN L 38 -29.66 17.85 -40.79
C ASN L 38 -29.69 18.85 -39.65
N SER L 39 -30.57 18.65 -38.67
CA SER L 39 -30.61 19.54 -37.51
C SER L 39 -29.30 19.50 -36.75
N ILE L 40 -28.73 18.31 -36.55
CA ILE L 40 -27.48 18.18 -35.83
C ILE L 40 -26.37 18.89 -36.58
N LEU L 41 -26.33 18.74 -37.91
CA LEU L 41 -25.31 19.42 -38.71
C LEU L 41 -25.45 20.93 -38.58
N THR L 42 -26.67 21.44 -38.69
CA THR L 42 -26.89 22.89 -38.60
C THR L 42 -26.47 23.42 -37.24
N TYR L 43 -26.87 22.74 -36.16
CA TYR L 43 -26.54 23.25 -34.84
C TYR L 43 -25.07 23.10 -34.51
N THR L 44 -24.41 22.05 -34.99
CA THR L 44 -22.97 21.93 -34.79
C THR L 44 -22.22 23.01 -35.56
N SER L 45 -22.64 23.31 -36.79
CA SER L 45 -22.02 24.40 -37.54
C SER L 45 -22.22 25.74 -36.84
N THR L 46 -23.42 25.97 -36.30
CA THR L 46 -23.66 27.21 -35.57
C THR L 46 -22.81 27.28 -34.31
N ALA L 47 -22.69 26.18 -33.57
CA ALA L 47 -21.95 26.19 -32.32
C ALA L 47 -20.45 26.34 -32.54
N LEU L 48 -19.92 25.75 -33.60
CA LEU L 48 -18.49 25.85 -33.88
C LEU L 48 -18.09 27.24 -34.35
N LYS L 49 -19.06 28.11 -34.65
CA LYS L 49 -18.80 29.50 -34.99
C LYS L 49 -19.03 30.44 -33.82
N ASN L 50 -19.02 29.93 -32.59
CA ASN L 50 -19.25 30.72 -31.39
C ASN L 50 -17.94 30.94 -30.67
N PRO L 51 -17.48 32.19 -30.52
CA PRO L 51 -16.17 32.41 -29.88
C PRO L 51 -16.06 31.85 -28.47
N LYS L 52 -17.13 31.97 -27.67
CA LYS L 52 -17.11 31.41 -26.32
C LYS L 52 -16.96 29.90 -26.37
N ILE L 53 -17.66 29.24 -27.30
CA ILE L 53 -17.50 27.80 -27.49
C ILE L 53 -16.09 27.49 -28.00
N ILE L 54 -15.57 28.33 -28.90
CA ILE L 54 -14.25 28.11 -29.47
C ILE L 54 -13.19 28.13 -28.38
N LYS L 55 -13.34 29.01 -27.39
CA LYS L 55 -12.38 29.06 -26.29
C LYS L 55 -12.37 27.78 -25.46
N ASP L 56 -13.42 26.96 -25.54
CA ASP L 56 -13.51 25.71 -24.79
C ASP L 56 -13.07 24.56 -25.70
N LYS L 57 -11.92 23.98 -25.38
CA LYS L 57 -11.32 22.99 -26.28
C LYS L 57 -12.06 21.66 -26.25
N ASP L 58 -12.43 21.19 -25.06
CA ASP L 58 -13.10 19.89 -24.95
C ASP L 58 -14.46 19.91 -25.64
N LEU L 59 -15.22 20.98 -25.46
CA LEU L 59 -16.51 21.11 -26.13
C LEU L 59 -16.32 21.16 -27.64
N VAL L 60 -15.28 21.85 -28.11
CA VAL L 60 -15.02 21.91 -29.55
C VAL L 60 -14.68 20.53 -30.09
N VAL L 61 -13.89 19.75 -29.35
CA VAL L 61 -13.54 18.40 -29.78
C VAL L 61 -14.79 17.53 -29.87
N LEU L 62 -15.64 17.59 -28.84
CA LEU L 62 -16.84 16.77 -28.85
C LEU L 62 -17.80 17.19 -29.96
N LEU L 63 -17.95 18.50 -30.18
CA LEU L 63 -18.82 18.97 -31.26
C LEU L 63 -18.26 18.56 -32.62
N THR L 64 -16.93 18.57 -32.77
CA THR L 64 -16.32 18.11 -34.01
C THR L 64 -16.58 16.63 -34.25
N ILE L 65 -16.49 15.83 -33.18
CA ILE L 65 -16.80 14.41 -33.31
C ILE L 65 -18.25 14.21 -33.72
N ILE L 66 -19.16 14.96 -33.09
CA ILE L 66 -20.58 14.84 -33.41
C ILE L 66 -20.84 15.25 -34.86
N GLN L 67 -20.21 16.33 -35.32
CA GLN L 67 -20.39 16.78 -36.68
C GLN L 67 -19.82 15.79 -37.68
N GLU L 68 -18.66 15.19 -37.36
CA GLU L 68 -18.09 14.16 -38.23
C GLU L 68 -19.02 12.97 -38.34
N GLU L 69 -19.63 12.56 -37.22
CA GLU L 69 -20.60 11.47 -37.27
C GLU L 69 -21.82 11.85 -38.11
N ALA L 70 -22.31 13.07 -37.93
CA ALA L 70 -23.51 13.50 -38.66
C ALA L 70 -23.24 13.63 -40.15
N LYS L 71 -22.02 13.97 -40.54
CA LYS L 71 -21.69 14.06 -41.96
C LYS L 71 -21.81 12.72 -42.66
N GLN L 72 -21.72 11.62 -41.91
CA GLN L 72 -21.88 10.27 -42.45
C GLN L 72 -23.22 9.66 -42.09
N ASN L 73 -24.21 10.49 -41.75
CA ASN L 73 -25.57 10.04 -41.43
C ASN L 73 -25.56 9.05 -40.26
N ARG L 74 -24.81 9.38 -39.21
CA ARG L 74 -24.70 8.56 -38.03
C ARG L 74 -24.84 9.41 -36.78
N ILE L 75 -25.28 8.78 -35.70
CA ILE L 75 -25.44 9.43 -34.41
C ILE L 75 -24.28 9.01 -33.51
N PHE L 76 -23.70 9.97 -32.81
CA PHE L 76 -22.58 9.68 -31.92
C PHE L 76 -23.04 8.82 -30.75
N TYR L 77 -22.31 7.75 -30.48
CA TYR L 77 -22.60 6.85 -29.37
C TYR L 77 -21.68 7.23 -28.22
N ASP L 78 -22.17 8.11 -27.35
CA ASP L 78 -21.38 8.61 -26.23
C ASP L 78 -21.44 7.61 -25.08
N TYR L 79 -20.77 6.47 -25.29
CA TYR L 79 -20.75 5.42 -24.28
C TYR L 79 -19.92 5.83 -23.06
N LYS L 80 -19.06 6.83 -23.20
CA LYS L 80 -18.31 7.36 -22.06
C LYS L 80 -19.07 8.44 -21.30
N ARG L 81 -20.21 8.90 -21.82
CA ARG L 81 -21.03 9.92 -21.18
C ARG L 81 -20.21 11.18 -20.89
N LYS L 82 -19.75 11.81 -21.98
CA LYS L 82 -18.86 12.96 -21.88
C LYS L 82 -19.47 14.26 -22.39
N PHE L 83 -20.38 14.19 -23.37
CA PHE L 83 -20.84 15.41 -24.04
C PHE L 83 -21.65 16.30 -23.09
N ARG L 84 -22.64 15.73 -22.41
CA ARG L 84 -23.53 16.50 -21.55
C ARG L 84 -22.80 17.11 -20.35
N PRO L 85 -21.92 16.37 -19.65
CA PRO L 85 -21.11 17.04 -18.62
C PRO L 85 -20.24 18.15 -19.17
N ALA L 86 -19.72 18.01 -20.40
CA ALA L 86 -18.94 19.10 -20.99
C ALA L 86 -19.81 20.32 -21.25
N VAL L 87 -21.03 20.12 -21.74
CA VAL L 87 -21.95 21.24 -21.95
C VAL L 87 -22.28 21.90 -20.63
N THR L 88 -22.48 21.10 -19.58
CA THR L 88 -22.77 21.66 -18.25
C THR L 88 -21.59 22.47 -17.74
N ARG L 89 -20.37 21.97 -17.93
CA ARG L 89 -19.18 22.70 -17.53
C ARG L 89 -19.06 24.02 -18.27
N PHE L 90 -19.31 24.00 -19.59
CA PHE L 90 -19.28 25.24 -20.36
C PHE L 90 -20.33 26.23 -19.87
N THR L 91 -21.54 25.75 -19.59
CA THR L 91 -22.60 26.62 -19.12
C THR L 91 -22.25 27.24 -17.77
N ILE L 92 -21.69 26.44 -16.86
CA ILE L 92 -21.29 26.96 -15.55
C ILE L 92 -20.20 28.01 -15.72
N ASP L 93 -19.20 27.72 -16.56
CA ASP L 93 -18.12 28.68 -16.78
C ASP L 93 -18.58 29.93 -17.51
N ASN L 94 -19.75 29.89 -18.16
CA ASN L 94 -20.27 31.01 -18.91
C ASN L 94 -21.30 31.81 -18.11
N ASN L 95 -21.10 31.92 -16.80
CA ASN L 95 -22.01 32.64 -15.91
C ASN L 95 -23.44 32.09 -16.00
N PHE L 96 -23.55 30.77 -16.12
CA PHE L 96 -24.83 30.07 -16.18
C PHE L 96 -25.68 30.59 -17.34
N GLU L 97 -25.10 30.53 -18.53
CA GLU L 97 -25.78 30.90 -19.76
C GLU L 97 -25.37 29.94 -20.87
N ILE L 98 -26.33 29.55 -21.70
CA ILE L 98 -26.07 28.56 -22.74
C ILE L 98 -26.69 29.03 -24.06
N PRO L 99 -25.97 28.93 -25.17
CA PRO L 99 -26.57 29.24 -26.46
C PRO L 99 -27.61 28.20 -26.85
N ASP L 100 -28.52 28.62 -27.74
CA ASP L 100 -29.60 27.74 -28.17
C ASP L 100 -29.07 26.52 -28.92
N CYS L 101 -27.94 26.66 -29.61
CA CYS L 101 -27.38 25.54 -30.37
C CYS L 101 -27.02 24.39 -29.44
N LEU L 102 -26.38 24.68 -28.31
CA LEU L 102 -26.02 23.63 -27.37
C LEU L 102 -27.27 23.03 -26.72
N VAL L 103 -28.29 23.85 -26.47
CA VAL L 103 -29.54 23.34 -25.92
C VAL L 103 -30.17 22.34 -26.88
N LYS L 104 -30.17 22.66 -28.18
CA LYS L 104 -30.74 21.74 -29.15
C LYS L 104 -29.86 20.52 -29.37
N LEU L 105 -28.55 20.66 -29.18
CA LEU L 105 -27.64 19.52 -29.35
C LEU L 105 -27.59 18.62 -28.12
N LEU L 106 -28.12 19.06 -26.98
CA LEU L 106 -28.12 18.23 -25.78
C LEU L 106 -28.84 16.90 -26.02
N SER L 107 -29.76 16.85 -26.98
CA SER L 107 -30.53 15.65 -27.28
C SER L 107 -30.05 14.96 -28.55
N ALA L 108 -28.75 14.92 -28.78
CA ALA L 108 -28.18 14.38 -30.00
C ALA L 108 -27.20 13.24 -29.76
N VAL L 109 -27.10 12.72 -28.54
CA VAL L 109 -26.20 11.62 -28.23
C VAL L 109 -27.02 10.41 -27.80
N GLU L 110 -26.34 9.30 -27.49
CA GLU L 110 -27.01 8.02 -27.29
C GLU L 110 -27.09 7.60 -25.83
N THR L 111 -25.98 7.68 -25.07
CA THR L 111 -26.01 7.42 -23.63
C THR L 111 -26.59 6.04 -23.30
N PRO L 112 -25.76 4.97 -23.36
CA PRO L 112 -26.25 3.58 -23.22
C PRO L 112 -27.37 3.38 -22.20
N LYS L 113 -28.29 2.48 -22.53
CA LYS L 113 -29.66 2.52 -22.01
C LYS L 113 -29.95 1.47 -20.93
N ALA L 114 -28.95 0.74 -20.45
CA ALA L 114 -29.20 -0.25 -19.41
C ALA L 114 -27.92 -0.52 -18.65
N TRP L 115 -28.07 -1.05 -17.44
CA TRP L 115 -26.90 -1.41 -16.63
C TRP L 115 -27.38 -2.38 -15.55
N SER L 116 -26.45 -2.84 -14.72
CA SER L 116 -26.72 -3.95 -13.83
C SER L 116 -26.76 -3.57 -12.36
N GLY L 117 -26.42 -2.34 -12.02
CA GLY L 117 -26.29 -1.95 -10.62
C GLY L 117 -24.88 -2.17 -10.11
N PHE L 118 -24.61 -1.61 -8.93
CA PHE L 118 -23.31 -1.76 -8.29
C PHE L 118 -23.19 -3.04 -7.49
N SER L 119 -24.28 -3.77 -7.31
CA SER L 119 -24.27 -5.02 -6.56
C SER L 119 -25.47 -5.88 -6.94
#